data_1KJH
# 
_entry.id   1KJH 
# 
_audit_conform.dict_name       mmcif_pdbx.dic 
_audit_conform.dict_version    5.376 
_audit_conform.dict_location   http://mmcif.pdb.org/dictionaries/ascii/mmcif_pdbx.dic 
# 
loop_
_database_2.database_id 
_database_2.database_code 
_database_2.pdbx_database_accession 
_database_2.pdbx_DOI 
PDB   1KJH         pdb_00001kjh 10.2210/pdb1kjh/pdb 
RCSB  RCSB015014   ?            ?                   
WWPDB D_1000015014 ?            ?                   
# 
loop_
_pdbx_database_related.db_name 
_pdbx_database_related.db_id 
_pdbx_database_related.details 
_pdbx_database_related.content_type 
PDB 1F7A 'HOW DOES A SYMMETRIC DIMER RECOGNIZE AN ASYMMETRIC SUBSTRATE? A SUBSTRATE COMPLEX OF HIV-1 PROTEASE' unspecified 
PDB 1KJ4 
;SUBSTRATE SHAPE DETERMINES SPECIFICITY OF RECOGNITION RECOGNITION FOR HIV-1 PROTEASE: ANALYSIS OF CRYSTAL STRUCTURES OF SIX SUBSTRATE COMPLEXES
;
unspecified 
PDB 1KJ7 
;SUBSTRATE SHAPE DETERMINES SPECIFICITY OF RECOGNITION RECOGNITION FOR HIV-1 PROTEASE: ANALYSIS OF CRYSTAL STRUCTURES OF SIX SUBSTRATE COMPLEXES
;
unspecified 
PDB 1KJF 
;SUBSTRATE SHAPE DETERMINES SPECIFICITY OF RECOGNITION RECOGNITION FOR HIV-1 PROTEASE: ANALYSIS OF CRYSTAL STRUCTURES OF SIX SUBSTRATE COMPLEXES
;
unspecified 
PDB 1KJG 
;SUBSTRATE SHAPE DETERMINES SPECIFICITY OF RECOGNITION RECOGNITION FOR HIV-1 PROTEASE: ANALYSIS OF CRYSTAL STRUCTURES OF SIX SUBSTRATE COMPLEXES
;
unspecified 
# 
_pdbx_database_status.status_code                     REL 
_pdbx_database_status.entry_id                        1KJH 
_pdbx_database_status.recvd_initial_deposition_date   2001-12-04 
_pdbx_database_status.deposit_site                    RCSB 
_pdbx_database_status.process_site                    RCSB 
_pdbx_database_status.SG_entry                        . 
_pdbx_database_status.pdb_format_compatible           Y 
_pdbx_database_status.status_code_mr                  ? 
_pdbx_database_status.status_code_sf                  ? 
_pdbx_database_status.status_code_cs                  ? 
_pdbx_database_status.status_code_nmr_data            ? 
_pdbx_database_status.methods_development_category    ? 
# 
_audit_author.name           'Schiffer, C.A.' 
_audit_author.pdbx_ordinal   1 
# 
_citation.id                        primary 
_citation.title                     
;Substrate shape determines specificity of recognition for HIV-1 protease: analysis of crystal structures of six substrate complexes.
;
_citation.journal_abbrev            Structure 
_citation.journal_volume            10 
_citation.page_first                369 
_citation.page_last                 381 
_citation.year                      2002 
_citation.journal_id_ASTM           STRUE6 
_citation.country                   UK 
_citation.journal_id_ISSN           0969-2126 
_citation.journal_id_CSD            2005 
_citation.book_publisher            ? 
_citation.pdbx_database_id_PubMed   12005435 
_citation.pdbx_database_id_DOI      '10.1016/S0969-2126(02)00720-7' 
# 
loop_
_citation_author.citation_id 
_citation_author.name 
_citation_author.ordinal 
_citation_author.identifier_ORCID 
primary 'Prabu-Jeyabalan, M.' 1 ? 
primary 'Nalivaika, E.'       2 ? 
primary 'Schiffer, C.A.'      3 ? 
# 
_cell.entry_id           1KJH 
_cell.length_a           51.731 
_cell.length_b           59.083 
_cell.length_c           61.259 
_cell.angle_alpha        90.00 
_cell.angle_beta         90.00 
_cell.angle_gamma        90.00 
_cell.Z_PDB              8 
_cell.pdbx_unique_axis   ? 
# 
_symmetry.entry_id                         1KJH 
_symmetry.space_group_name_H-M             'P 21 21 21' 
_symmetry.pdbx_full_space_group_name_H-M   ? 
_symmetry.cell_setting                     ? 
_symmetry.Int_Tables_number                19 
# 
loop_
_entity.id 
_entity.type 
_entity.src_method 
_entity.pdbx_description 
_entity.formula_weight 
_entity.pdbx_number_of_molecules 
_entity.pdbx_ec 
_entity.pdbx_mutation 
_entity.pdbx_fragment 
_entity.details 
1 polymer     man 'POL POLYPROTEIN' 10800.777 2  3.4.23.16 D25N,Q7K 'HIV-1 PROTEASE, RESIDUES 57-155'                       ? 
2 polymer     syn 'POL POLYPROTEIN' 1189.491  1  ?         ?        'RNASE H-INTEGRASE SUBSTRATE PEPTIDE, RESIDUES 723-732' ? 
3 non-polymer syn 'ACETATE ION'     59.044    2  ?         ?        ?                                                       ? 
4 water       nat water             18.015    84 ?         ?        ?                                                       ? 
# 
loop_
_entity_poly.entity_id 
_entity_poly.type 
_entity_poly.nstd_linkage 
_entity_poly.nstd_monomer 
_entity_poly.pdbx_seq_one_letter_code 
_entity_poly.pdbx_seq_one_letter_code_can 
_entity_poly.pdbx_strand_id 
_entity_poly.pdbx_target_identifier 
1 'polypeptide(L)' no no 
;PQITLWKRPLVTIRIGGQLKEALLNTGADDTVLEEMNLPGKWKPKMIGGIGGFIKVRQYDQIPVEICGHKAIGTVLVGPT
PVNIIGRNLLTQIGCTLNF
;
;PQITLWKRPLVTIRIGGQLKEALLNTGADDTVLEEMNLPGKWKPKMIGGIGGFIKVRQYDQIPVEICGHKAIGTVLVGPT
PVNIIGRNLLTQIGCTLNF
;
A,B ? 
2 'polypeptide(L)' no no IRKILFLDGI                                                                                             
IRKILFLDGI                                                                                             P   ? 
# 
loop_
_entity_poly_seq.entity_id 
_entity_poly_seq.num 
_entity_poly_seq.mon_id 
_entity_poly_seq.hetero 
1 1  PRO n 
1 2  GLN n 
1 3  ILE n 
1 4  THR n 
1 5  LEU n 
1 6  TRP n 
1 7  LYS n 
1 8  ARG n 
1 9  PRO n 
1 10 LEU n 
1 11 VAL n 
1 12 THR n 
1 13 ILE n 
1 14 ARG n 
1 15 ILE n 
1 16 GLY n 
1 17 GLY n 
1 18 GLN n 
1 19 LEU n 
1 20 LYS n 
1 21 GLU n 
1 22 ALA n 
1 23 LEU n 
1 24 LEU n 
1 25 ASN n 
1 26 THR n 
1 27 GLY n 
1 28 ALA n 
1 29 ASP n 
1 30 ASP n 
1 31 THR n 
1 32 VAL n 
1 33 LEU n 
1 34 GLU n 
1 35 GLU n 
1 36 MET n 
1 37 ASN n 
1 38 LEU n 
1 39 PRO n 
1 40 GLY n 
1 41 LYS n 
1 42 TRP n 
1 43 LYS n 
1 44 PRO n 
1 45 LYS n 
1 46 MET n 
1 47 ILE n 
1 48 GLY n 
1 49 GLY n 
1 50 ILE n 
1 51 GLY n 
1 52 GLY n 
1 53 PHE n 
1 54 ILE n 
1 55 LYS n 
1 56 VAL n 
1 57 ARG n 
1 58 GLN n 
1 59 TYR n 
1 60 ASP n 
1 61 GLN n 
1 62 ILE n 
1 63 PRO n 
1 64 VAL n 
1 65 GLU n 
1 66 ILE n 
1 67 CYS n 
1 68 GLY n 
1 69 HIS n 
1 70 LYS n 
1 71 ALA n 
1 72 ILE n 
1 73 GLY n 
1 74 THR n 
1 75 VAL n 
1 76 LEU n 
1 77 VAL n 
1 78 GLY n 
1 79 PRO n 
1 80 THR n 
1 81 PRO n 
1 82 VAL n 
1 83 ASN n 
1 84 ILE n 
1 85 ILE n 
1 86 GLY n 
1 87 ARG n 
1 88 ASN n 
1 89 LEU n 
1 90 LEU n 
1 91 THR n 
1 92 GLN n 
1 93 ILE n 
1 94 GLY n 
1 95 CYS n 
1 96 THR n 
1 97 LEU n 
1 98 ASN n 
1 99 PHE n 
2 1  ILE n 
2 2  ARG n 
2 3  LYS n 
2 4  ILE n 
2 5  LEU n 
2 6  PHE n 
2 7  LEU n 
2 8  ASP n 
2 9  GLY n 
2 10 ILE n 
# 
_entity_src_gen.entity_id                          1 
_entity_src_gen.pdbx_src_id                        1 
_entity_src_gen.pdbx_alt_source_flag               sample 
_entity_src_gen.pdbx_seq_type                      ? 
_entity_src_gen.pdbx_beg_seq_num                   ? 
_entity_src_gen.pdbx_end_seq_num                   ? 
_entity_src_gen.gene_src_common_name               ? 
_entity_src_gen.gene_src_genus                     Lentivirus 
_entity_src_gen.pdbx_gene_src_gene                 POL 
_entity_src_gen.gene_src_species                   ? 
_entity_src_gen.gene_src_strain                    ? 
_entity_src_gen.gene_src_tissue                    ? 
_entity_src_gen.gene_src_tissue_fraction           ? 
_entity_src_gen.gene_src_details                   ? 
_entity_src_gen.pdbx_gene_src_fragment             ? 
_entity_src_gen.pdbx_gene_src_scientific_name      'Human immunodeficiency virus 1' 
_entity_src_gen.pdbx_gene_src_ncbi_taxonomy_id     11676 
_entity_src_gen.pdbx_gene_src_variant              ? 
_entity_src_gen.pdbx_gene_src_cell_line            ? 
_entity_src_gen.pdbx_gene_src_atcc                 ? 
_entity_src_gen.pdbx_gene_src_organ                ? 
_entity_src_gen.pdbx_gene_src_organelle            ? 
_entity_src_gen.pdbx_gene_src_cell                 ? 
_entity_src_gen.pdbx_gene_src_cellular_location    ? 
_entity_src_gen.host_org_common_name               ? 
_entity_src_gen.pdbx_host_org_scientific_name      'Escherichia coli' 
_entity_src_gen.pdbx_host_org_ncbi_taxonomy_id     562 
_entity_src_gen.host_org_genus                     Escherichia 
_entity_src_gen.pdbx_host_org_gene                 ? 
_entity_src_gen.pdbx_host_org_organ                ? 
_entity_src_gen.host_org_species                   ? 
_entity_src_gen.pdbx_host_org_tissue               ? 
_entity_src_gen.pdbx_host_org_tissue_fraction      ? 
_entity_src_gen.pdbx_host_org_strain               ? 
_entity_src_gen.pdbx_host_org_variant              ? 
_entity_src_gen.pdbx_host_org_cell_line            ? 
_entity_src_gen.pdbx_host_org_atcc                 ? 
_entity_src_gen.pdbx_host_org_culture_collection   ? 
_entity_src_gen.pdbx_host_org_cell                 ? 
_entity_src_gen.pdbx_host_org_organelle            ? 
_entity_src_gen.pdbx_host_org_cellular_location    ? 
_entity_src_gen.pdbx_host_org_vector_type          ? 
_entity_src_gen.pdbx_host_org_vector               ? 
_entity_src_gen.host_org_details                   ? 
_entity_src_gen.expression_system_id               ? 
_entity_src_gen.plasmid_name                       ? 
_entity_src_gen.plasmid_details                    ? 
_entity_src_gen.pdbx_description                   ? 
# 
loop_
_struct_ref.id 
_struct_ref.db_name 
_struct_ref.db_code 
_struct_ref.entity_id 
_struct_ref.pdbx_seq_one_letter_code 
_struct_ref.pdbx_align_begin 
_struct_ref.pdbx_db_accession 
_struct_ref.pdbx_db_isoform 
1 UNP POL_HV1A2 1 
;FFREDLAFLQGKAREFSSEQTRANSPTRRELQVWGGENNSLSEAGADRQGTVSFNFPQITLWQRPLVTIRIGGQLKEALL
DTGADDTVLEEMNLPGKWKPKMIGGIGGFIKVRQYDQIPVEICGHKAIGTVLVGPTPVNIIGRNLLTQIGCTLNFPISPI
ETVPVKLKPGMDGPKVKQWPLTEEKIKALVEICTEMEKEGKISKIGPENPYNTPVFAIKKKDSTKWRKLVDFRELNKRTQ
DFWEVQLGIPHPAGLKKKKSVTVLDVGDAYFSVPLDKDFRKYTAFTIPSINNETPGIRYQYNVLPQGWKGSPAIFQSSMT
KILEPFRKQNPDIVIYQYMDDLYVGSDLEIGQHRTKIEELRQHLLRWGFTTPDKKHQKEPPFLWMGYELHPDKWTVQPIM
LPEKDSWTVNDIQKLVGKLNWASQIYAGIKVKQLCKLLRGTKALTEVIPLTEEAELELAENREILKEPVHEVYYDPSKDL
VAEIQKQGQGQWTYQIYQEPFKNLKTGKYARMRGAHTNDVKQLTEAVQKVSTESIVIWGKIPKFKLPIQKETWEAWWMEY
WQATWIPEWEFVNTPPLVKLWYQLEKEPIVGAETFYVDGAANRETKLGKAGYVTDRGRQKVVSIADTTNQKTELQAIHLA
LQDSGLEVNIVTDSQYALGIIQAQPDKSESELVSQIIEQLIKKEKVYLAWVPAHKGIGGNEQVDKLVSAGIRKVLFLNGI
DKAQEEHEKYHSNWRAMASDFNLPPVVAKEIVASCDKCQLKGEAMHGQVDCSPGIWQLDCTHLEGKIILVAVHVASGYIE
AEVIPAETGQETAYFLLKLAGRWPVKTIHTDNGSNFTSTTVKAACWWAGIKQEFGIPYNPQSQGVVESMNNELKKIIGQV
RDQAEHLKTAVQMAVFIHNFKRKGGIGGYSAGERIVDIIATDIQTKELQKQITKIQNFRVYYRDNKDPLWKGPAKLLWKG
EGAVVIQDNSDIKVVPRRKAKIIRDYGKQMAGDDCVASRQDED
;
1   P03369 ? 
2 UNP POL_HV1PV 2 IRKILFLDGI 723 P03368 ? 
# 
loop_
_struct_ref_seq.align_id 
_struct_ref_seq.ref_id 
_struct_ref_seq.pdbx_PDB_id_code 
_struct_ref_seq.pdbx_strand_id 
_struct_ref_seq.seq_align_beg 
_struct_ref_seq.pdbx_seq_align_beg_ins_code 
_struct_ref_seq.seq_align_end 
_struct_ref_seq.pdbx_seq_align_end_ins_code 
_struct_ref_seq.pdbx_db_accession 
_struct_ref_seq.db_align_beg 
_struct_ref_seq.pdbx_db_align_beg_ins_code 
_struct_ref_seq.db_align_end 
_struct_ref_seq.pdbx_db_align_end_ins_code 
_struct_ref_seq.pdbx_auth_seq_align_beg 
_struct_ref_seq.pdbx_auth_seq_align_end 
1 1 1KJH A 1 ? 99 ? P03369 57  ? 155 ? 1 99 
2 1 1KJH B 1 ? 99 ? P03369 57  ? 155 ? 1 99 
3 2 1KJH P 1 ? 10 ? P03368 723 ? 732 ? 1 10 
# 
loop_
_struct_ref_seq_dif.align_id 
_struct_ref_seq_dif.pdbx_pdb_id_code 
_struct_ref_seq_dif.mon_id 
_struct_ref_seq_dif.pdbx_pdb_strand_id 
_struct_ref_seq_dif.seq_num 
_struct_ref_seq_dif.pdbx_pdb_ins_code 
_struct_ref_seq_dif.pdbx_seq_db_name 
_struct_ref_seq_dif.pdbx_seq_db_accession_code 
_struct_ref_seq_dif.db_mon_id 
_struct_ref_seq_dif.pdbx_seq_db_seq_num 
_struct_ref_seq_dif.details 
_struct_ref_seq_dif.pdbx_auth_seq_num 
_struct_ref_seq_dif.pdbx_ordinal 
1 1KJH LYS A 7  ? UNP P03369 GLN 63 'engineered mutation' 7  1 
1 1KJH ASN A 25 ? UNP P03369 ASP 81 'engineered mutation' 25 2 
2 1KJH LYS B 7  ? UNP P03369 GLN 63 'engineered mutation' 7  3 
2 1KJH ASN B 25 ? UNP P03369 ASP 81 'engineered mutation' 25 4 
# 
loop_
_chem_comp.id 
_chem_comp.type 
_chem_comp.mon_nstd_flag 
_chem_comp.name 
_chem_comp.pdbx_synonyms 
_chem_comp.formula 
_chem_comp.formula_weight 
ACT non-polymer         . 'ACETATE ION'   ? 'C2 H3 O2 -1'    59.044  
ALA 'L-peptide linking' y ALANINE         ? 'C3 H7 N O2'     89.093  
ARG 'L-peptide linking' y ARGININE        ? 'C6 H15 N4 O2 1' 175.209 
ASN 'L-peptide linking' y ASPARAGINE      ? 'C4 H8 N2 O3'    132.118 
ASP 'L-peptide linking' y 'ASPARTIC ACID' ? 'C4 H7 N O4'     133.103 
CYS 'L-peptide linking' y CYSTEINE        ? 'C3 H7 N O2 S'   121.158 
GLN 'L-peptide linking' y GLUTAMINE       ? 'C5 H10 N2 O3'   146.144 
GLU 'L-peptide linking' y 'GLUTAMIC ACID' ? 'C5 H9 N O4'     147.129 
GLY 'peptide linking'   y GLYCINE         ? 'C2 H5 N O2'     75.067  
HIS 'L-peptide linking' y HISTIDINE       ? 'C6 H10 N3 O2 1' 156.162 
HOH non-polymer         . WATER           ? 'H2 O'           18.015  
ILE 'L-peptide linking' y ISOLEUCINE      ? 'C6 H13 N O2'    131.173 
LEU 'L-peptide linking' y LEUCINE         ? 'C6 H13 N O2'    131.173 
LYS 'L-peptide linking' y LYSINE          ? 'C6 H15 N2 O2 1' 147.195 
MET 'L-peptide linking' y METHIONINE      ? 'C5 H11 N O2 S'  149.211 
PHE 'L-peptide linking' y PHENYLALANINE   ? 'C9 H11 N O2'    165.189 
PRO 'L-peptide linking' y PROLINE         ? 'C5 H9 N O2'     115.130 
THR 'L-peptide linking' y THREONINE       ? 'C4 H9 N O3'     119.119 
TRP 'L-peptide linking' y TRYPTOPHAN      ? 'C11 H12 N2 O2'  204.225 
TYR 'L-peptide linking' y TYROSINE        ? 'C9 H11 N O3'    181.189 
VAL 'L-peptide linking' y VALINE          ? 'C5 H11 N O2'    117.146 
# 
_exptl.entry_id          1KJH 
_exptl.method            'X-RAY DIFFRACTION' 
_exptl.crystals_number   1 
# 
_exptl_crystal.id                    1 
_exptl_crystal.density_meas          ? 
_exptl_crystal.density_Matthews      2.05 
_exptl_crystal.density_percent_sol   40.07 
_exptl_crystal.description           ? 
# 
_exptl_crystal_grow.crystal_id      1 
_exptl_crystal_grow.method          'VAPOR DIFFUSION, HANGING DROP' 
_exptl_crystal_grow.temp            298 
_exptl_crystal_grow.temp_details    ? 
_exptl_crystal_grow.pH              ? 
_exptl_crystal_grow.pdbx_details    
'AMMONIUM SULPHATE, SODIUM CITRATE, SODIUM PHOSPHATE, VAPOR DIFFUSION, HANGING DROP, temperature 298K' 
_exptl_crystal_grow.pdbx_pH_range   . 
# 
_diffrn.id                     1 
_diffrn.ambient_temp           298.0 
_diffrn.ambient_temp_details   ? 
_diffrn.crystal_id             1 
# 
_diffrn_detector.diffrn_id              1 
_diffrn_detector.detector               'IMAGE PLATE' 
_diffrn_detector.type                   RIGAKU 
_diffrn_detector.pdbx_collection_date   2000-01-25 
_diffrn_detector.details                MIRRORS 
# 
_diffrn_radiation.diffrn_id                        1 
_diffrn_radiation.wavelength_id                    1 
_diffrn_radiation.pdbx_monochromatic_or_laue_m_l   M 
_diffrn_radiation.monochromator                    'YALE MIRRORS' 
_diffrn_radiation.pdbx_diffrn_protocol             'SINGLE WAVELENGTH' 
_diffrn_radiation.pdbx_scattering_type             x-ray 
# 
_diffrn_radiation_wavelength.id           1 
_diffrn_radiation_wavelength.wavelength   1.5418 
_diffrn_radiation_wavelength.wt           1.0 
# 
_diffrn_source.diffrn_id                   1 
_diffrn_source.source                      'ROTATING ANODE' 
_diffrn_source.type                        RIGAKU 
_diffrn_source.pdbx_synchrotron_site       ? 
_diffrn_source.pdbx_synchrotron_beamline   ? 
_diffrn_source.pdbx_wavelength             1.5418 
_diffrn_source.pdbx_wavelength_list        1.5418 
# 
_reflns.entry_id                     1KJH 
_reflns.observed_criterion_sigma_I   0 
_reflns.observed_criterion_sigma_F   0 
_reflns.d_resolution_low             32.85 
_reflns.d_resolution_high            2.000 
_reflns.number_obs                   12905 
_reflns.number_all                   12905 
_reflns.percent_possible_obs         97.5 
_reflns.pdbx_Rmerge_I_obs            0.0690000 
_reflns.pdbx_Rsym_value              ? 
_reflns.pdbx_netI_over_sigmaI        8.5000 
_reflns.B_iso_Wilson_estimate        19.4 
_reflns.pdbx_redundancy              7.50 
_reflns.R_free_details               ? 
_reflns.limit_h_max                  ? 
_reflns.limit_h_min                  ? 
_reflns.limit_k_max                  ? 
_reflns.limit_k_min                  ? 
_reflns.limit_l_max                  ? 
_reflns.limit_l_min                  ? 
_reflns.observed_criterion_F_max     ? 
_reflns.observed_criterion_F_min     ? 
_reflns.pdbx_diffrn_id               1 
_reflns.pdbx_ordinal                 1 
# 
_refine.entry_id                                 1KJH 
_refine.ls_number_reflns_obs                     12905 
_refine.ls_number_reflns_all                     12905 
_refine.pdbx_ls_sigma_I                          ? 
_refine.pdbx_ls_sigma_F                          0.0 
_refine.pdbx_data_cutoff_high_absF               164979.87 
_refine.pdbx_data_cutoff_low_absF                0.000000 
_refine.ls_d_res_low                             32.85 
_refine.ls_d_res_high                            2.00 
_refine.ls_percent_reflns_obs                    97.5 
_refine.ls_R_factor_obs                          0.1880000 
_refine.ls_R_factor_all                          ? 
_refine.ls_R_factor_R_work                       0.1880000 
_refine.ls_R_factor_R_free                       0.2270000 
_refine.ls_R_factor_R_free_error                 0.006 
_refine.ls_R_factor_R_free_error_details         ? 
_refine.ls_percent_reflns_R_free                 10.3 
_refine.ls_number_reflns_R_free                  1287 
_refine.ls_number_parameters                     ? 
_refine.ls_number_restraints                     ? 
_refine.occupancy_min                            ? 
_refine.occupancy_max                            ? 
_refine.B_iso_mean                               24.4 
_refine.aniso_B[1][1]                            -2.59 
_refine.aniso_B[2][2]                            0.82 
_refine.aniso_B[3][3]                            1.77 
_refine.aniso_B[1][2]                            0.00 
_refine.aniso_B[1][3]                            0.00 
_refine.aniso_B[2][3]                            0.00 
_refine.solvent_model_details                    'FLAT MODEL' 
_refine.solvent_model_param_ksol                 0.349263 
_refine.solvent_model_param_bsol                 63.3476 
_refine.pdbx_ls_cross_valid_method               THROUGHOUT 
_refine.details                                  ? 
_refine.pdbx_starting_model                      'PDB ENTRY 1F7A' 
_refine.pdbx_method_to_determine_struct          'FOURIER SYNTHESIS' 
_refine.pdbx_isotropic_thermal_model             RESTRAINED 
_refine.pdbx_stereochemistry_target_values       'ENGH & HUBER' 
_refine.pdbx_stereochem_target_val_spec_case     ? 
_refine.pdbx_R_Free_selection_details            RANDOM 
_refine.pdbx_overall_ESU_R_Free                  ? 
_refine.overall_SU_B                             ? 
_refine.ls_redundancy_reflns_obs                 ? 
_refine.B_iso_min                                ? 
_refine.B_iso_max                                ? 
_refine.correlation_coeff_Fo_to_Fc               ? 
_refine.overall_SU_R_Cruickshank_DPI             ? 
_refine.overall_SU_R_free                        ? 
_refine.overall_SU_ML                            ? 
_refine.pdbx_overall_ESU_R                       ? 
_refine.pdbx_data_cutoff_high_rms_absF           ? 
_refine.correlation_coeff_Fo_to_Fc_free          ? 
_refine.pdbx_solvent_vdw_probe_radii             ? 
_refine.pdbx_solvent_ion_probe_radii             ? 
_refine.pdbx_solvent_shrinkage_radii             ? 
_refine.pdbx_refine_id                           'X-RAY DIFFRACTION' 
_refine.pdbx_diffrn_id                           1 
_refine.pdbx_TLS_residual_ADP_flag               ? 
_refine.pdbx_overall_phase_error                 ? 
_refine.pdbx_overall_SU_R_free_Cruickshank_DPI   ? 
_refine.pdbx_overall_SU_R_Blow_DPI               ? 
_refine.pdbx_overall_SU_R_free_Blow_DPI          ? 
# 
_refine_analyze.entry_id                        1KJH 
_refine_analyze.Luzzati_coordinate_error_obs    0.21 
_refine_analyze.Luzzati_sigma_a_obs             0.16 
_refine_analyze.Luzzati_d_res_low_obs           5.00 
_refine_analyze.Luzzati_coordinate_error_free   0.26 
_refine_analyze.Luzzati_sigma_a_free            0.20 
_refine_analyze.Luzzati_d_res_low_free          ? 
_refine_analyze.number_disordered_residues      ? 
_refine_analyze.occupancy_sum_hydrogen          ? 
_refine_analyze.occupancy_sum_non_hydrogen      ? 
_refine_analyze.pdbx_Luzzati_d_res_high_obs     ? 
_refine_analyze.pdbx_refine_id                  'X-RAY DIFFRACTION' 
# 
_refine_hist.pdbx_refine_id                   'X-RAY DIFFRACTION' 
_refine_hist.cycle_id                         LAST 
_refine_hist.pdbx_number_atoms_protein        1583 
_refine_hist.pdbx_number_atoms_nucleic_acid   0 
_refine_hist.pdbx_number_atoms_ligand         8 
_refine_hist.number_atoms_solvent             84 
_refine_hist.number_atoms_total               1675 
_refine_hist.d_res_high                       2.00 
_refine_hist.d_res_low                        32.85 
# 
loop_
_refine_ls_restr.type 
_refine_ls_restr.dev_ideal 
_refine_ls_restr.dev_ideal_target 
_refine_ls_restr.weight 
_refine_ls_restr.number 
_refine_ls_restr.pdbx_refine_id 
_refine_ls_restr.pdbx_restraint_function 
c_bond_d           0.006 ? ? ? 'X-RAY DIFFRACTION' ? 
c_angle_deg        2.7   ? ? ? 'X-RAY DIFFRACTION' ? 
c_dihedral_angle_d 26.6  ? ? ? 'X-RAY DIFFRACTION' ? 
c_improper_angle_d 0.87  ? ? ? 'X-RAY DIFFRACTION' ? 
# 
loop_
_pdbx_xplor_file.serial_no 
_pdbx_xplor_file.param_file 
_pdbx_xplor_file.topol_file 
_pdbx_xplor_file.pdbx_refine_id 
1 PROTEIN_REP.PARAM PROTEIN.TOP 'X-RAY DIFFRACTION' 
2 WATER_REP.PARAM   WATER.TOP   'X-RAY DIFFRACTION' 
3 ION.PARAM         ION.TOP     'X-RAY DIFFRACTION' 
4 ACE.PARAM         ACE.TOP     'X-RAY DIFFRACTION' 
# 
_struct.entry_id                  1KJH 
_struct.title                     
;SUBSTRATE SHAPE DETERMINES SPECIFICITY OF RECOGNITION RECOGNITION FOR HIV-1 PROTEASE: ANALYSIS OF CRYSTAL STRUCTURES OF SIX SUBSTRATE COMPLEXES
;
_struct.pdbx_model_details        ? 
_struct.pdbx_CASP_flag            ? 
_struct.pdbx_model_type_details   ? 
# 
_struct_keywords.entry_id        1KJH 
_struct_keywords.pdbx_keywords   HYDROLASE 
_struct_keywords.text            'RNASE H, INTEGRASE, SUBSTRATE RECOGNITION, HYDROLASE' 
# 
loop_
_struct_asym.id 
_struct_asym.pdbx_blank_PDB_chainid_flag 
_struct_asym.pdbx_modified 
_struct_asym.entity_id 
_struct_asym.details 
A N N 1 ? 
B N N 1 ? 
C N N 2 ? 
D N N 3 ? 
E N N 3 ? 
F N N 4 ? 
G N N 4 ? 
H N N 4 ? 
# 
_struct_biol.id                    1 
_struct_biol.pdbx_parent_biol_id   ? 
_struct_biol.details               ? 
# 
loop_
_struct_conf.conf_type_id 
_struct_conf.id 
_struct_conf.pdbx_PDB_helix_id 
_struct_conf.beg_label_comp_id 
_struct_conf.beg_label_asym_id 
_struct_conf.beg_label_seq_id 
_struct_conf.pdbx_beg_PDB_ins_code 
_struct_conf.end_label_comp_id 
_struct_conf.end_label_asym_id 
_struct_conf.end_label_seq_id 
_struct_conf.pdbx_end_PDB_ins_code 
_struct_conf.beg_auth_comp_id 
_struct_conf.beg_auth_asym_id 
_struct_conf.beg_auth_seq_id 
_struct_conf.end_auth_comp_id 
_struct_conf.end_auth_asym_id 
_struct_conf.end_auth_seq_id 
_struct_conf.pdbx_PDB_helix_class 
_struct_conf.details 
_struct_conf.pdbx_PDB_helix_length 
HELX_P HELX_P1 1 GLY A 86 ? THR A 91 ? GLY A 86 THR A 91 1 ? 6 
HELX_P HELX_P2 2 GLN A 92 ? GLY A 94 ? GLN A 92 GLY A 94 5 ? 3 
HELX_P HELX_P3 3 GLY B 86 ? THR B 91 ? GLY B 86 THR B 91 1 ? 6 
# 
_struct_conf_type.id          HELX_P 
_struct_conf_type.criteria    ? 
_struct_conf_type.reference   ? 
# 
loop_
_struct_sheet.id 
_struct_sheet.type 
_struct_sheet.number_strands 
_struct_sheet.details 
A ? 4 ? 
B ? 8 ? 
C ? 8 ? 
# 
loop_
_struct_sheet_order.sheet_id 
_struct_sheet_order.range_id_1 
_struct_sheet_order.range_id_2 
_struct_sheet_order.offset 
_struct_sheet_order.sense 
A 1 2 ? anti-parallel 
A 2 3 ? anti-parallel 
A 3 4 ? anti-parallel 
B 1 2 ? anti-parallel 
B 2 3 ? anti-parallel 
B 3 4 ? anti-parallel 
B 4 5 ? parallel      
B 5 6 ? anti-parallel 
B 6 7 ? parallel      
B 7 8 ? anti-parallel 
C 1 2 ? anti-parallel 
C 2 3 ? anti-parallel 
C 3 4 ? anti-parallel 
C 4 5 ? parallel      
C 5 6 ? anti-parallel 
C 6 7 ? parallel      
C 7 8 ? anti-parallel 
# 
loop_
_struct_sheet_range.sheet_id 
_struct_sheet_range.id 
_struct_sheet_range.beg_label_comp_id 
_struct_sheet_range.beg_label_asym_id 
_struct_sheet_range.beg_label_seq_id 
_struct_sheet_range.pdbx_beg_PDB_ins_code 
_struct_sheet_range.end_label_comp_id 
_struct_sheet_range.end_label_asym_id 
_struct_sheet_range.end_label_seq_id 
_struct_sheet_range.pdbx_end_PDB_ins_code 
_struct_sheet_range.beg_auth_comp_id 
_struct_sheet_range.beg_auth_asym_id 
_struct_sheet_range.beg_auth_seq_id 
_struct_sheet_range.end_auth_comp_id 
_struct_sheet_range.end_auth_asym_id 
_struct_sheet_range.end_auth_seq_id 
A 1 GLN A 2  ? ILE A 3  ? GLN A 2  ILE A 3  
A 2 THR B 96 ? ASN B 98 ? THR B 96 ASN B 98 
A 3 THR A 96 ? ASN A 98 ? THR A 96 ASN A 98 
A 4 GLN B 2  ? ILE B 3  ? GLN B 2  ILE B 3  
B 1 LYS A 43 ? GLY A 48 ? LYS A 43 GLY A 48 
B 2 PHE A 53 ? ILE A 66 ? PHE A 53 ILE A 66 
B 3 LEU A 10 ? ILE A 15 ? LEU A 10 ILE A 15 
B 4 GLN A 18 ? LEU A 24 ? GLN A 18 LEU A 24 
B 5 ILE A 84 ? ILE A 85 ? ILE A 84 ILE A 85 
B 6 VAL A 32 ? LEU A 33 ? VAL A 32 LEU A 33 
B 7 HIS A 69 ? VAL A 77 ? HIS A 69 VAL A 77 
B 8 PHE A 53 ? ILE A 66 ? PHE A 53 ILE A 66 
C 1 LYS B 43 ? GLY B 49 ? LYS B 43 GLY B 49 
C 2 GLY B 52 ? ILE B 66 ? GLY B 52 ILE B 66 
C 3 LEU B 10 ? ILE B 15 ? LEU B 10 ILE B 15 
C 4 GLN B 18 ? LEU B 24 ? GLN B 18 LEU B 24 
C 5 ILE B 84 ? ILE B 85 ? ILE B 84 ILE B 85 
C 6 VAL B 32 ? LEU B 33 ? VAL B 32 LEU B 33 
C 7 HIS B 69 ? VAL B 77 ? HIS B 69 VAL B 77 
C 8 GLY B 52 ? ILE B 66 ? GLY B 52 ILE B 66 
# 
loop_
_pdbx_struct_sheet_hbond.sheet_id 
_pdbx_struct_sheet_hbond.range_id_1 
_pdbx_struct_sheet_hbond.range_id_2 
_pdbx_struct_sheet_hbond.range_1_label_atom_id 
_pdbx_struct_sheet_hbond.range_1_label_comp_id 
_pdbx_struct_sheet_hbond.range_1_label_asym_id 
_pdbx_struct_sheet_hbond.range_1_label_seq_id 
_pdbx_struct_sheet_hbond.range_1_PDB_ins_code 
_pdbx_struct_sheet_hbond.range_1_auth_atom_id 
_pdbx_struct_sheet_hbond.range_1_auth_comp_id 
_pdbx_struct_sheet_hbond.range_1_auth_asym_id 
_pdbx_struct_sheet_hbond.range_1_auth_seq_id 
_pdbx_struct_sheet_hbond.range_2_label_atom_id 
_pdbx_struct_sheet_hbond.range_2_label_comp_id 
_pdbx_struct_sheet_hbond.range_2_label_asym_id 
_pdbx_struct_sheet_hbond.range_2_label_seq_id 
_pdbx_struct_sheet_hbond.range_2_PDB_ins_code 
_pdbx_struct_sheet_hbond.range_2_auth_atom_id 
_pdbx_struct_sheet_hbond.range_2_auth_comp_id 
_pdbx_struct_sheet_hbond.range_2_auth_asym_id 
_pdbx_struct_sheet_hbond.range_2_auth_seq_id 
A 1 2 N ILE A 3  ? N ILE A 3  O LEU B 97 ? O LEU B 97 
A 2 3 O ASN B 98 ? O ASN B 98 N THR A 96 ? N THR A 96 
A 3 4 O LEU A 97 ? O LEU A 97 N ILE B 3  ? N ILE B 3  
B 1 2 O ILE A 47 ? O ILE A 47 N ILE A 54 ? N ILE A 54 
B 2 3 N GLU A 65 ? N GLU A 65 O ARG A 14 ? O ARG A 14 
B 3 4 O ILE A 15 ? O ILE A 15 N GLN A 18 ? N GLN A 18 
B 4 5 O LEU A 23 ? O LEU A 23 N ILE A 85 ? N ILE A 85 
B 5 6 N ILE A 84 ? N ILE A 84 O VAL A 32 ? O VAL A 32 
B 6 7 N LEU A 33 ? N LEU A 33 O LEU A 76 ? O LEU A 76 
B 7 8 O VAL A 77 ? O VAL A 77 N ARG A 57 ? N ARG A 57 
C 1 2 O GLY B 49 ? O GLY B 49 N GLY B 52 ? N GLY B 52 
C 2 3 N GLU B 65 ? N GLU B 65 O ARG B 14 ? O ARG B 14 
C 3 4 N ILE B 15 ? N ILE B 15 O GLN B 18 ? O GLN B 18 
C 4 5 O LEU B 23 ? O LEU B 23 N ILE B 85 ? N ILE B 85 
C 5 6 N ILE B 84 ? N ILE B 84 O VAL B 32 ? O VAL B 32 
C 6 7 N LEU B 33 ? N LEU B 33 O LEU B 76 ? O LEU B 76 
C 7 8 O VAL B 77 ? O VAL B 77 N ARG B 57 ? N ARG B 57 
# 
loop_
_struct_site.id 
_struct_site.pdbx_evidence_code 
_struct_site.pdbx_auth_asym_id 
_struct_site.pdbx_auth_comp_id 
_struct_site.pdbx_auth_seq_id 
_struct_site.pdbx_auth_ins_code 
_struct_site.pdbx_num_residues 
_struct_site.details 
AC1 Software P ACT 501 ? 3 'BINDING SITE FOR RESIDUE ACT P 501' 
AC2 Software B ACT 502 ? 3 'BINDING SITE FOR RESIDUE ACT B 502' 
# 
loop_
_struct_site_gen.id 
_struct_site_gen.site_id 
_struct_site_gen.pdbx_num_res 
_struct_site_gen.label_comp_id 
_struct_site_gen.label_asym_id 
_struct_site_gen.label_seq_id 
_struct_site_gen.pdbx_auth_ins_code 
_struct_site_gen.auth_comp_id 
_struct_site_gen.auth_asym_id 
_struct_site_gen.auth_seq_id 
_struct_site_gen.label_atom_id 
_struct_site_gen.label_alt_id 
_struct_site_gen.symmetry 
_struct_site_gen.details 
1 AC1 3 ARG A 8  ? ARG A 8  . ? 1_555 ? 
2 AC1 3 ILE C 1  ? ILE P 1  . ? 1_555 ? 
3 AC1 3 ARG C 2  ? ARG P 2  . ? 1_555 ? 
4 AC2 3 PRO A 1  ? PRO A 1  . ? 4_456 ? 
5 AC2 3 HIS B 69 ? HIS B 69 . ? 1_555 ? 
6 AC2 3 LYS B 70 ? LYS B 70 . ? 1_555 ? 
# 
_atom_sites.entry_id                    1KJH 
_atom_sites.fract_transf_matrix[1][1]   -0.01240567 
_atom_sites.fract_transf_matrix[1][2]   -0.01478614 
_atom_sites.fract_transf_matrix[1][3]   0.00107571 
_atom_sites.fract_transf_matrix[2][1]   -0.00002363 
_atom_sites.fract_transf_matrix[2][2]   -0.00120835 
_atom_sites.fract_transf_matrix[2][3]   -0.01688179 
_atom_sites.fract_transf_matrix[3][1]   0.01251908 
_atom_sites.fract_transf_matrix[3][2]   -0.01045045 
_atom_sites.fract_transf_matrix[3][3]   0.00073048 
_atom_sites.fract_transf_vector[1]      0.102042 
_atom_sites.fract_transf_vector[2]      0.017630 
_atom_sites.fract_transf_vector[3]      0.283705 
# 
loop_
_atom_type.symbol 
C 
N 
O 
S 
# 
loop_
_atom_site.group_PDB 
_atom_site.id 
_atom_site.type_symbol 
_atom_site.label_atom_id 
_atom_site.label_alt_id 
_atom_site.label_comp_id 
_atom_site.label_asym_id 
_atom_site.label_entity_id 
_atom_site.label_seq_id 
_atom_site.pdbx_PDB_ins_code 
_atom_site.Cartn_x 
_atom_site.Cartn_y 
_atom_site.Cartn_z 
_atom_site.occupancy 
_atom_site.B_iso_or_equiv 
_atom_site.pdbx_formal_charge 
_atom_site.auth_seq_id 
_atom_site.auth_comp_id 
_atom_site.auth_asym_id 
_atom_site.auth_atom_id 
_atom_site.pdbx_PDB_model_num 
ATOM   1    N N   . PRO A 1 1  ? 3.971   -14.586 -12.452 1.00 30.61 ? 1   PRO A N   1 
ATOM   2    C CA  . PRO A 1 1  ? 4.103   -13.481 -13.424 1.00 30.37 ? 1   PRO A CA  1 
ATOM   3    C C   . PRO A 1 1  ? 4.852   -12.286 -12.853 1.00 29.33 ? 1   PRO A C   1 
ATOM   4    O O   . PRO A 1 1  ? 5.271   -12.286 -11.697 1.00 28.55 ? 1   PRO A O   1 
ATOM   5    C CB  . PRO A 1 1  ? 2.692   -13.071 -13.818 1.00 30.63 ? 1   PRO A CB  1 
ATOM   6    C CG  . PRO A 1 1  ? 1.908   -13.483 -12.585 1.00 30.30 ? 1   PRO A CG  1 
ATOM   7    C CD  . PRO A 1 1  ? 2.546   -14.815 -12.159 1.00 31.13 ? 1   PRO A CD  1 
ATOM   8    N N   . GLN A 1 2  ? 5.024   -11.274 -13.691 1.00 28.73 ? 2   GLN A N   1 
ATOM   9    C CA  . GLN A 1 2  ? 5.686   -10.042 -13.300 1.00 27.68 ? 2   GLN A CA  1 
ATOM   10   C C   . GLN A 1 2  ? 4.659   -8.943  -13.517 1.00 26.81 ? 2   GLN A C   1 
ATOM   11   O O   . GLN A 1 2  ? 4.169   -8.753  -14.631 1.00 26.72 ? 2   GLN A O   1 
ATOM   12   C CB  . GLN A 1 2  ? 6.921   -9.793  -14.166 1.00 29.79 ? 2   GLN A CB  1 
ATOM   13   C CG  . GLN A 1 2  ? 7.427   -8.359  -14.108 1.00 32.91 ? 2   GLN A CG  1 
ATOM   14   C CD  . GLN A 1 2  ? 8.839   -8.211  -14.635 1.00 34.36 ? 2   GLN A CD  1 
ATOM   15   O OE1 . GLN A 1 2  ? 9.126   -7.314  -15.427 1.00 36.43 ? 2   GLN A OE1 1 
ATOM   16   N NE2 . GLN A 1 2  ? 9.734   -9.085  -14.187 1.00 35.49 ? 2   GLN A NE2 1 
ATOM   17   N N   . ILE A 1 3  ? 4.326   -8.227  -12.450 1.00 22.13 ? 3   ILE A N   1 
ATOM   18   C CA  . ILE A 1 3  ? 3.337   -7.165  -12.533 1.00 19.31 ? 3   ILE A CA  1 
ATOM   19   C C   . ILE A 1 3  ? 3.992   -5.790  -12.476 1.00 18.45 ? 3   ILE A C   1 
ATOM   20   O O   . ILE A 1 3  ? 4.654   -5.448  -11.496 1.00 16.95 ? 3   ILE A O   1 
ATOM   21   C CB  . ILE A 1 3  ? 2.303   -7.312  -11.388 1.00 20.62 ? 3   ILE A CB  1 
ATOM   22   C CG1 . ILE A 1 3  ? 1.606   -8.669  -11.508 1.00 20.36 ? 3   ILE A CG1 1 
ATOM   23   C CG2 . ILE A 1 3  ? 1.287   -6.175  -11.427 1.00 20.02 ? 3   ILE A CG2 1 
ATOM   24   C CD1 . ILE A 1 3  ? 0.707   -9.008  -10.348 1.00 22.88 ? 3   ILE A CD1 1 
ATOM   25   N N   . THR A 1 4  ? 3.827   -5.014  -13.543 1.00 17.73 ? 4   THR A N   1 
ATOM   26   C CA  . THR A 1 4  ? 4.390   -3.669  -13.596 1.00 18.26 ? 4   THR A CA  1 
ATOM   27   C C   . THR A 1 4  ? 3.447   -2.755  -12.821 1.00 18.16 ? 4   THR A C   1 
ATOM   28   O O   . THR A 1 4  ? 2.293   -3.107  -12.578 1.00 18.94 ? 4   THR A O   1 
ATOM   29   C CB  . THR A 1 4  ? 4.544   -3.168  -15.050 1.00 18.12 ? 4   THR A CB  1 
ATOM   30   O OG1 . THR A 1 4  ? 3.292   -3.288  -15.734 1.00 18.31 ? 4   THR A OG1 1 
ATOM   31   C CG2 . THR A 1 4  ? 5.605   -3.980  -15.784 1.00 19.19 ? 4   THR A CG2 1 
ATOM   32   N N   . LEU A 1 5  ? 3.924   -1.577  -12.446 1.00 17.03 ? 5   LEU A N   1 
ATOM   33   C CA  . LEU A 1 5  ? 3.104   -0.681  -11.642 1.00 16.97 ? 5   LEU A CA  1 
ATOM   34   C C   . LEU A 1 5  ? 2.619   0.602   -12.309 1.00 16.79 ? 5   LEU A C   1 
ATOM   35   O O   . LEU A 1 5  ? 2.350   1.590   -11.630 1.00 16.74 ? 5   LEU A O   1 
ATOM   36   C CB  . LEU A 1 5  ? 3.864   -0.353  -10.353 1.00 13.70 ? 5   LEU A CB  1 
ATOM   37   C CG  . LEU A 1 5  ? 4.241   -1.603  -9.547  1.00 16.34 ? 5   LEU A CG  1 
ATOM   38   C CD1 . LEU A 1 5  ? 5.241   -1.243  -8.461  1.00 15.99 ? 5   LEU A CD1 1 
ATOM   39   C CD2 . LEU A 1 5  ? 2.979   -2.234  -8.950  1.00 15.34 ? 5   LEU A CD2 1 
ATOM   40   N N   . TRP A 1 6  ? 2.495   0.584   -13.633 1.00 17.69 ? 6   TRP A N   1 
ATOM   41   C CA  . TRP A 1 6  ? 2.022   1.761   -14.360 1.00 17.48 ? 6   TRP A CA  1 
ATOM   42   C C   . TRP A 1 6  ? 0.589   2.046   -13.939 1.00 17.97 ? 6   TRP A C   1 
ATOM   43   O O   . TRP A 1 6  ? 0.118   3.179   -13.993 1.00 19.79 ? 6   TRP A O   1 
ATOM   44   C CB  . TRP A 1 6  ? 2.039   1.514   -15.867 1.00 17.06 ? 6   TRP A CB  1 
ATOM   45   C CG  . TRP A 1 6  ? 3.376   1.153   -16.419 1.00 17.75 ? 6   TRP A CG  1 
ATOM   46   C CD1 . TRP A 1 6  ? 3.760   -0.065  -16.909 1.00 17.85 ? 6   TRP A CD1 1 
ATOM   47   C CD2 . TRP A 1 6  ? 4.497   2.022   -16.572 1.00 17.34 ? 6   TRP A CD2 1 
ATOM   48   N NE1 . TRP A 1 6  ? 5.059   -0.003  -17.366 1.00 17.87 ? 6   TRP A NE1 1 
ATOM   49   C CE2 . TRP A 1 6  ? 5.532   1.268   -17.172 1.00 19.19 ? 6   TRP A CE2 1 
ATOM   50   C CE3 . TRP A 1 6  ? 4.729   3.370   -16.265 1.00 19.69 ? 6   TRP A CE3 1 
ATOM   51   C CZ2 . TRP A 1 6  ? 6.782   1.819   -17.469 1.00 20.13 ? 6   TRP A CZ2 1 
ATOM   52   C CZ3 . TRP A 1 6  ? 5.976   3.917   -16.563 1.00 21.78 ? 6   TRP A CZ3 1 
ATOM   53   C CH2 . TRP A 1 6  ? 6.985   3.140   -17.161 1.00 19.73 ? 6   TRP A CH2 1 
ATOM   54   N N   . LYS A 1 7  ? -0.100  1.001   -13.513 1.00 19.41 ? 7   LYS A N   1 
ATOM   55   C CA  . LYS A 1 7  ? -1.480  1.134   -13.104 1.00 20.03 ? 7   LYS A CA  1 
ATOM   56   C C   . LYS A 1 7  ? -1.698  0.337   -11.817 1.00 19.89 ? 7   LYS A C   1 
ATOM   57   O O   . LYS A 1 7  ? -0.872  -0.503  -11.469 1.00 18.24 ? 7   LYS A O   1 
ATOM   58   C CB  . LYS A 1 7  ? -2.355  0.687   -14.291 1.00 25.02 ? 7   LYS A CB  1 
ATOM   59   C CG  . LYS A 1 7  ? -3.288  -0.492  -14.138 1.00 30.20 ? 7   LYS A CG  1 
ATOM   60   C CD  . LYS A 1 7  ? -3.999  -0.669  -15.493 1.00 32.30 ? 7   LYS A CD  1 
ATOM   61   C CE  . LYS A 1 7  ? -5.124  -1.693  -15.471 1.00 34.73 ? 7   LYS A CE  1 
ATOM   62   N NZ  . LYS A 1 7  ? -4.631  -3.087  -15.309 1.00 36.90 ? 7   LYS A NZ  1 
ATOM   63   N N   . ARG A 1 8  ? -2.763  0.634   -11.076 1.00 16.59 ? 8   ARG A N   1 
ATOM   64   C CA  . ARG A 1 8  ? -3.017  -0.085  -9.825  1.00 18.24 ? 8   ARG A CA  1 
ATOM   65   C C   . ARG A 1 8  ? -2.992  -1.592  -10.080 1.00 18.02 ? 8   ARG A C   1 
ATOM   66   O O   . ARG A 1 8  ? -3.638  -2.083  -11.007 1.00 18.69 ? 8   ARG A O   1 
ATOM   67   C CB  . ARG A 1 8  ? -4.365  0.337   -9.236  1.00 17.16 ? 8   ARG A CB  1 
ATOM   68   C CG  . ARG A 1 8  ? -4.390  1.798   -8.797  1.00 20.71 ? 8   ARG A CG  1 
ATOM   69   C CD  . ARG A 1 8  ? -5.783  2.259   -8.372  1.00 21.68 ? 8   ARG A CD  1 
ATOM   70   N NE  . ARG A 1 8  ? -5.756  3.637   -7.881  1.00 21.78 ? 8   ARG A NE  1 
ATOM   71   C CZ  . ARG A 1 8  ? -6.838  4.388   -7.694  1.00 23.95 ? 8   ARG A CZ  1 
ATOM   72   N NH1 . ARG A 1 8  ? -8.047  3.900   -7.957  1.00 23.65 ? 8   ARG A NH1 1 
ATOM   73   N NH2 . ARG A 1 8  ? -6.711  5.633   -7.255  1.00 21.35 ? 8   ARG A NH2 1 
ATOM   74   N N   . PRO A 1 9  ? -2.237  -2.344  -9.266  1.00 17.18 ? 9   PRO A N   1 
ATOM   75   C CA  . PRO A 1 9  ? -2.131  -3.797  -9.422  1.00 18.30 ? 9   PRO A CA  1 
ATOM   76   C C   . PRO A 1 9  ? -3.344  -4.572  -8.913  1.00 19.29 ? 9   PRO A C   1 
ATOM   77   O O   . PRO A 1 9  ? -3.290  -5.209  -7.862  1.00 19.50 ? 9   PRO A O   1 
ATOM   78   C CB  . PRO A 1 9  ? -0.854  -4.129  -8.656  1.00 17.28 ? 9   PRO A CB  1 
ATOM   79   C CG  . PRO A 1 9  ? -0.897  -3.144  -7.531  1.00 17.52 ? 9   PRO A CG  1 
ATOM   80   C CD  . PRO A 1 9  ? -1.314  -1.862  -8.223  1.00 17.91 ? 9   PRO A CD  1 
ATOM   81   N N   . LEU A 1 10 ? -4.429  -4.520  -9.678  1.00 20.55 ? 10  LEU A N   1 
ATOM   82   C CA  . LEU A 1 10 ? -5.660  -5.210  -9.332  1.00 22.49 ? 10  LEU A CA  1 
ATOM   83   C C   . LEU A 1 10 ? -5.671  -6.619  -9.918  1.00 23.76 ? 10  LEU A C   1 
ATOM   84   O O   . LEU A 1 10 ? -5.211  -6.842  -11.037 1.00 23.48 ? 10  LEU A O   1 
ATOM   85   C CB  . LEU A 1 10 ? -6.867  -4.418  -9.850  1.00 24.35 ? 10  LEU A CB  1 
ATOM   86   C CG  . LEU A 1 10 ? -7.160  -3.086  -9.149  1.00 26.13 ? 10  LEU A CG  1 
ATOM   87   C CD1 . LEU A 1 10 ? -8.308  -2.359  -9.841  1.00 27.40 ? 10  LEU A CD1 1 
ATOM   88   C CD2 . LEU A 1 10 ? -7.506  -3.351  -7.695  1.00 26.51 ? 10  LEU A CD2 1 
ATOM   89   N N   . VAL A 1 11 ? -6.176  -7.573  -9.148  1.00 23.85 ? 11  VAL A N   1 
ATOM   90   C CA  . VAL A 1 11 ? -6.258  -8.955  -9.607  1.00 24.81 ? 11  VAL A CA  1 
ATOM   91   C C   . VAL A 1 11 ? -7.563  -9.549  -9.098  1.00 25.58 ? 11  VAL A C   1 
ATOM   92   O O   . VAL A 1 11 ? -8.182  -9.020  -8.174  1.00 24.77 ? 11  VAL A O   1 
ATOM   93   C CB  . VAL A 1 11 ? -5.085  -9.826  -9.071  1.00 24.87 ? 11  VAL A CB  1 
ATOM   94   C CG1 . VAL A 1 11 ? -3.757  -9.262  -9.534  1.00 25.53 ? 11  VAL A CG1 1 
ATOM   95   C CG2 . VAL A 1 11 ? -5.133  -9.895  -7.549  1.00 24.38 ? 11  VAL A CG2 1 
ATOM   96   N N   . THR A 1 12 ? -7.978  -10.651 -9.710  1.00 25.94 ? 12  THR A N   1 
ATOM   97   C CA  . THR A 1 12 ? -9.201  -11.317 -9.300  1.00 26.26 ? 12  THR A CA  1 
ATOM   98   C C   . THR A 1 12 ? -8.856  -12.325 -8.220  1.00 26.71 ? 12  THR A C   1 
ATOM   99   O O   . THR A 1 12 ? -7.867  -13.056 -8.329  1.00 25.49 ? 12  THR A O   1 
ATOM   100  C CB  . THR A 1 12 ? -9.863  -12.073 -10.471 1.00 26.92 ? 12  THR A CB  1 
ATOM   101  O OG1 . THR A 1 12 ? -10.254 -11.140 -11.487 1.00 28.91 ? 12  THR A OG1 1 
ATOM   102  C CG2 . THR A 1 12 ? -11.090 -12.829 -9.987  1.00 28.49 ? 12  THR A CG2 1 
ATOM   103  N N   . ILE A 1 13 ? -9.658  -12.347 -7.165  1.00 25.86 ? 13  ILE A N   1 
ATOM   104  C CA  . ILE A 1 13 ? -9.438  -13.295 -6.091  1.00 26.45 ? 13  ILE A CA  1 
ATOM   105  C C   . ILE A 1 13 ? -10.716 -14.095 -5.923  1.00 27.12 ? 13  ILE A C   1 
ATOM   106  O O   . ILE A 1 13 ? -11.809 -13.609 -6.221  1.00 26.65 ? 13  ILE A O   1 
ATOM   107  C CB  . ILE A 1 13 ? -9.111  -12.601 -4.764  1.00 25.63 ? 13  ILE A CB  1 
ATOM   108  C CG1 . ILE A 1 13 ? -10.281 -11.708 -4.343  1.00 24.27 ? 13  ILE A CG1 1 
ATOM   109  C CG2 . ILE A 1 13 ? -7.816  -11.811 -4.907  1.00 26.51 ? 13  ILE A CG2 1 
ATOM   110  C CD1 . ILE A 1 13 ? -10.207 -11.254 -2.918  1.00 25.80 ? 13  ILE A CD1 1 
ATOM   111  N N   . ARG A 1 14 ? -10.575 -15.324 -5.450  1.00 26.67 ? 14  ARG A N   1 
ATOM   112  C CA  . ARG A 1 14 ? -11.727 -16.181 -5.255  1.00 29.66 ? 14  ARG A CA  1 
ATOM   113  C C   . ARG A 1 14 ? -11.821 -16.638 -3.809  1.00 28.11 ? 14  ARG A C   1 
ATOM   114  O O   . ARG A 1 14 ? -10.833 -17.068 -3.216  1.00 26.55 ? 14  ARG A O   1 
ATOM   115  C CB  . ARG A 1 14 ? -11.624 -17.390 -6.189  1.00 33.80 ? 14  ARG A CB  1 
ATOM   116  C CG  . ARG A 1 14 ? -12.646 -18.493 -5.947  1.00 40.17 ? 14  ARG A CG  1 
ATOM   117  C CD  . ARG A 1 14 ? -12.265 -19.740 -6.744  1.00 43.37 ? 14  ARG A CD  1 
ATOM   118  N NE  . ARG A 1 14 ? -13.170 -20.863 -6.521  1.00 47.93 ? 14  ARG A NE  1 
ATOM   119  C CZ  . ARG A 1 14 ? -14.470 -20.852 -6.807  1.00 50.81 ? 14  ARG A CZ  1 
ATOM   120  N NH1 . ARG A 1 14 ? -15.030 -19.767 -7.330  1.00 52.57 ? 14  ARG A NH1 1 
ATOM   121  N NH2 . ARG A 1 14 ? -15.212 -21.929 -6.582  1.00 51.32 ? 14  ARG A NH2 1 
ATOM   122  N N   . ILE A 1 15 ? -13.016 -16.507 -3.243  1.00 27.35 ? 15  ILE A N   1 
ATOM   123  C CA  . ILE A 1 15 ? -13.288 -16.932 -1.876  1.00 27.49 ? 15  ILE A CA  1 
ATOM   124  C C   . ILE A 1 15 ? -14.633 -17.630 -1.940  1.00 29.21 ? 15  ILE A C   1 
ATOM   125  O O   . ILE A 1 15 ? -15.656 -16.989 -2.181  1.00 26.43 ? 15  ILE A O   1 
ATOM   126  C CB  . ILE A 1 15 ? -13.385 -15.739 -0.906  1.00 28.52 ? 15  ILE A CB  1 
ATOM   127  C CG1 . ILE A 1 15 ? -12.036 -15.026 -0.823  1.00 28.23 ? 15  ILE A CG1 1 
ATOM   128  C CG2 . ILE A 1 15 ? -13.818 -16.224 0.467   1.00 28.30 ? 15  ILE A CG2 1 
ATOM   129  C CD1 . ILE A 1 15 ? -12.005 -13.893 0.180   1.00 29.29 ? 15  ILE A CD1 1 
ATOM   130  N N   . GLY A 1 16 ? -14.631 -18.943 -1.733  1.00 29.61 ? 16  GLY A N   1 
ATOM   131  C CA  . GLY A 1 16 ? -15.871 -19.689 -1.818  1.00 31.99 ? 16  GLY A CA  1 
ATOM   132  C C   . GLY A 1 16 ? -16.303 -19.605 -3.267  1.00 32.79 ? 16  GLY A C   1 
ATOM   133  O O   . GLY A 1 16 ? -15.530 -19.923 -4.169  1.00 34.74 ? 16  GLY A O   1 
ATOM   134  N N   . GLY A 1 17 ? -17.530 -19.172 -3.507  1.00 34.00 ? 17  GLY A N   1 
ATOM   135  C CA  . GLY A 1 17 ? -17.989 -19.040 -4.875  1.00 35.65 ? 17  GLY A CA  1 
ATOM   136  C C   . GLY A 1 17 ? -18.018 -17.570 -5.238  1.00 36.61 ? 17  GLY A C   1 
ATOM   137  O O   . GLY A 1 17 ? -18.668 -17.168 -6.201  1.00 37.10 ? 17  GLY A O   1 
ATOM   138  N N   . GLN A 1 18 ? -17.303 -16.760 -4.463  1.00 35.99 ? 18  GLN A N   1 
ATOM   139  C CA  . GLN A 1 18 ? -17.274 -15.323 -4.691  1.00 36.92 ? 18  GLN A CA  1 
ATOM   140  C C   . GLN A 1 18 ? -16.027 -14.806 -5.390  1.00 36.64 ? 18  GLN A C   1 
ATOM   141  O O   . GLN A 1 18 ? -14.903 -15.130 -5.005  1.00 35.27 ? 18  GLN A O   1 
ATOM   142  C CB  . GLN A 1 18 ? -17.443 -14.583 -3.363  1.00 39.07 ? 18  GLN A CB  1 
ATOM   143  C CG  . GLN A 1 18 ? -18.814 -14.745 -2.750  1.00 42.82 ? 18  GLN A CG  1 
ATOM   144  C CD  . GLN A 1 18 ? -19.905 -14.226 -3.665  1.00 45.23 ? 18  GLN A CD  1 
ATOM   145  O OE1 . GLN A 1 18 ? -19.947 -13.034 -3.984  1.00 46.98 ? 18  GLN A OE1 1 
ATOM   146  N NE2 . GLN A 1 18 ? -20.791 -15.119 -4.102  1.00 45.22 ? 18  GLN A NE2 1 
ATOM   147  N N   . LEU A 1 19 ? -16.242 -13.999 -6.424  1.00 36.46 ? 19  LEU A N   1 
ATOM   148  C CA  . LEU A 1 19 ? -15.153 -13.384 -7.175  1.00 37.35 ? 19  LEU A CA  1 
ATOM   149  C C   . LEU A 1 19 ? -15.085 -11.916 -6.800  1.00 37.41 ? 19  LEU A C   1 
ATOM   150  O O   . LEU A 1 19 ? -16.115 -11.263 -6.627  1.00 37.98 ? 19  LEU A O   1 
ATOM   151  C CB  . LEU A 1 19 ? -15.389 -13.471 -8.681  1.00 38.98 ? 19  LEU A CB  1 
ATOM   152  C CG  . LEU A 1 19 ? -14.935 -14.704 -9.452  1.00 40.50 ? 19  LEU A CG  1 
ATOM   153  C CD1 . LEU A 1 19 ? -15.823 -15.889 -9.110  1.00 42.09 ? 19  LEU A CD1 1 
ATOM   154  C CD2 . LEU A 1 19 ? -14.999 -14.395 -10.943 1.00 40.48 ? 19  LEU A CD2 1 
ATOM   155  N N   . LYS A 1 20 ? -13.871 -11.393 -6.679  1.00 35.48 ? 20  LYS A N   1 
ATOM   156  C CA  . LYS A 1 20 ? -13.688 -9.992  -6.344  1.00 34.37 ? 20  LYS A CA  1 
ATOM   157  C C   . LYS A 1 20 ? -12.358 -9.482  -6.867  1.00 32.71 ? 20  LYS A C   1 
ATOM   158  O O   . LYS A 1 20 ? -11.400 -10.242 -6.992  1.00 31.88 ? 20  LYS A O   1 
ATOM   159  C CB  . LYS A 1 20 ? -13.759 -9.784  -4.831  1.00 35.12 ? 20  LYS A CB  1 
ATOM   160  C CG  . LYS A 1 20 ? -15.133 -10.041 -4.247  1.00 38.74 ? 20  LYS A CG  1 
ATOM   161  C CD  . LYS A 1 20 ? -15.371 -9.199  -3.013  1.00 40.64 ? 20  LYS A CD  1 
ATOM   162  C CE  . LYS A 1 20 ? -16.827 -9.273  -2.580  1.00 42.50 ? 20  LYS A CE  1 
ATOM   163  N NZ  . LYS A 1 20 ? -17.140 -8.247  -1.552  1.00 42.99 ? 20  LYS A NZ  1 
ATOM   164  N N   . GLU A 1 21 ? -12.319 -8.196  -7.196  1.00 30.52 ? 21  GLU A N   1 
ATOM   165  C CA  . GLU A 1 21 ? -11.100 -7.563  -7.680  1.00 31.30 ? 21  GLU A CA  1 
ATOM   166  C C   . GLU A 1 21 ? -10.416 -6.998  -6.444  1.00 28.41 ? 21  GLU A C   1 
ATOM   167  O O   . GLU A 1 21 ? -11.034 -6.276  -5.660  1.00 28.96 ? 21  GLU A O   1 
ATOM   168  C CB  . GLU A 1 21 ? -11.433 -6.435  -8.658  1.00 33.66 ? 21  GLU A CB  1 
ATOM   169  C CG  . GLU A 1 21 ? -11.968 -6.914  -10.002 1.00 41.39 ? 21  GLU A CG  1 
ATOM   170  C CD  . GLU A 1 21 ? -10.868 -7.374  -10.951 1.00 44.47 ? 21  GLU A CD  1 
ATOM   171  O OE1 . GLU A 1 21 ? -10.071 -6.521  -11.406 1.00 46.10 ? 21  GLU A OE1 1 
ATOM   172  O OE2 . GLU A 1 21 ? -10.798 -8.590  -11.242 1.00 46.97 ? 21  GLU A OE2 1 
ATOM   173  N N   . ALA A 1 22 ? -9.148  -7.342  -6.258  1.00 25.42 ? 22  ALA A N   1 
ATOM   174  C CA  . ALA A 1 22 ? -8.406  -6.872  -5.100  1.00 23.87 ? 22  ALA A CA  1 
ATOM   175  C C   . ALA A 1 22 ? -7.049  -6.329  -5.509  1.00 23.26 ? 22  ALA A C   1 
ATOM   176  O O   . ALA A 1 22 ? -6.467  -6.757  -6.508  1.00 23.63 ? 22  ALA A O   1 
ATOM   177  C CB  . ALA A 1 22 ? -8.236  -8.005  -4.093  1.00 23.61 ? 22  ALA A CB  1 
ATOM   178  N N   . LEU A 1 23 ? -6.549  -5.392  -4.713  1.00 20.50 ? 23  LEU A N   1 
ATOM   179  C CA  . LEU A 1 23 ? -5.269  -4.751  -4.965  1.00 18.50 ? 23  LEU A CA  1 
ATOM   180  C C   . LEU A 1 23 ? -4.121  -5.432  -4.212  1.00 17.56 ? 23  LEU A C   1 
ATOM   181  O O   . LEU A 1 23 ? -4.195  -5.623  -2.997  1.00 16.63 ? 23  LEU A O   1 
ATOM   182  C CB  . LEU A 1 23 ? -5.366  -3.281  -4.549  1.00 20.29 ? 23  LEU A CB  1 
ATOM   183  C CG  . LEU A 1 23 ? -4.234  -2.314  -4.879  1.00 21.36 ? 23  LEU A CG  1 
ATOM   184  C CD1 . LEU A 1 23 ? -4.166  -2.106  -6.368  1.00 24.33 ? 23  LEU A CD1 1 
ATOM   185  C CD2 . LEU A 1 23 ? -4.494  -0.983  -4.189  1.00 24.29 ? 23  LEU A CD2 1 
ATOM   186  N N   . LEU A 1 24 ? -3.076  -5.812  -4.946  1.00 15.06 ? 24  LEU A N   1 
ATOM   187  C CA  . LEU A 1 24 ? -1.886  -6.435  -4.368  1.00 16.04 ? 24  LEU A CA  1 
ATOM   188  C C   . LEU A 1 24 ? -1.155  -5.266  -3.707  1.00 15.10 ? 24  LEU A C   1 
ATOM   189  O O   . LEU A 1 24 ? -0.463  -4.487  -4.376  1.00 15.88 ? 24  LEU A O   1 
ATOM   190  C CB  . LEU A 1 24 ? -1.045  -7.068  -5.487  1.00 17.31 ? 24  LEU A CB  1 
ATOM   191  C CG  . LEU A 1 24 ? -1.243  -8.567  -5.784  1.00 20.18 ? 24  LEU A CG  1 
ATOM   192  C CD1 . LEU A 1 24 ? -2.635  -9.044  -5.405  1.00 20.80 ? 24  LEU A CD1 1 
ATOM   193  C CD2 . LEU A 1 24 ? -0.962  -8.819  -7.260  1.00 20.07 ? 24  LEU A CD2 1 
ATOM   194  N N   . ASN A 1 25 ? -1.323  -5.164  -2.391  1.00 14.71 ? 25  ASN A N   1 
ATOM   195  C CA  . ASN A 1 25 ? -0.813  -4.056  -1.583  1.00 14.05 ? 25  ASN A CA  1 
ATOM   196  C C   . ASN A 1 25 ? 0.359   -4.341  -0.626  1.00 14.02 ? 25  ASN A C   1 
ATOM   197  O O   . ASN A 1 25 ? 0.155   -4.840  0.479   1.00 14.10 ? 25  ASN A O   1 
ATOM   198  C CB  . ASN A 1 25 ? -2.003  -3.505  -0.786  1.00 12.82 ? 25  ASN A CB  1 
ATOM   199  C CG  . ASN A 1 25 ? -1.752  -2.128  -0.212  1.00 14.21 ? 25  ASN A CG  1 
ATOM   200  O OD1 . ASN A 1 25 ? -0.622  -1.648  -0.186  1.00 13.78 ? 25  ASN A OD1 1 
ATOM   201  N ND2 . ASN A 1 25 ? -2.819  -1.484  0.267   1.00 13.61 ? 25  ASN A ND2 1 
ATOM   202  N N   . THR A 1 26 ? 1.578   -4.000  -1.040  1.00 13.85 ? 26  THR A N   1 
ATOM   203  C CA  . THR A 1 26 ? 2.755   -4.214  -0.194  1.00 13.38 ? 26  THR A CA  1 
ATOM   204  C C   . THR A 1 26 ? 2.781   -3.222  0.966   1.00 14.00 ? 26  THR A C   1 
ATOM   205  O O   . THR A 1 26 ? 3.576   -3.362  1.898   1.00 13.21 ? 26  THR A O   1 
ATOM   206  C CB  . THR A 1 26 ? 4.074   -4.044  -0.984  1.00 13.43 ? 26  THR A CB  1 
ATOM   207  O OG1 . THR A 1 26 ? 4.137   -2.718  -1.534  1.00 12.60 ? 26  THR A OG1 1 
ATOM   208  C CG2 . THR A 1 26 ? 4.165   -5.081  -2.106  1.00 12.25 ? 26  THR A CG2 1 
ATOM   209  N N   . GLY A 1 27 ? 1.917   -2.215  0.902   1.00 12.12 ? 27  GLY A N   1 
ATOM   210  C CA  . GLY A 1 27 ? 1.864   -1.225  1.964   1.00 13.05 ? 27  GLY A CA  1 
ATOM   211  C C   . GLY A 1 27 ? 0.813   -1.530  3.021   1.00 13.43 ? 27  GLY A C   1 
ATOM   212  O O   . GLY A 1 27 ? 0.497   -0.675  3.848   1.00 14.15 ? 27  GLY A O   1 
ATOM   213  N N   . ALA A 1 28 ? 0.269   -2.743  3.001   1.00 12.19 ? 28  ALA A N   1 
ATOM   214  C CA  . ALA A 1 28 ? -0.755  -3.140  3.969   1.00 12.33 ? 28  ALA A CA  1 
ATOM   215  C C   . ALA A 1 28 ? -0.304  -4.372  4.749   1.00 15.19 ? 28  ALA A C   1 
ATOM   216  O O   . ALA A 1 28 ? 0.074   -5.386  4.149   1.00 13.65 ? 28  ALA A O   1 
ATOM   217  C CB  . ALA A 1 28 ? -2.061  -3.439  3.247   1.00 11.92 ? 28  ALA A CB  1 
ATOM   218  N N   . ASP A 1 29 ? -0.339  -4.291  6.081   1.00 15.54 ? 29  ASP A N   1 
ATOM   219  C CA  . ASP A 1 29 ? 0.072   -5.429  6.900   1.00 16.84 ? 29  ASP A CA  1 
ATOM   220  C C   . ASP A 1 29 ? -0.924  -6.575  6.763   1.00 17.80 ? 29  ASP A C   1 
ATOM   221  O O   . ASP A 1 29 ? -0.547  -7.748  6.776   1.00 17.35 ? 29  ASP A O   1 
ATOM   222  C CB  . ASP A 1 29 ? 0.149   -5.067  8.386   1.00 16.66 ? 29  ASP A CB  1 
ATOM   223  C CG  . ASP A 1 29 ? 1.072   -3.905  8.668   1.00 16.20 ? 29  ASP A CG  1 
ATOM   224  O OD1 . ASP A 1 29 ? 2.094   -3.770  7.975   1.00 15.39 ? 29  ASP A OD1 1 
ATOM   225  O OD2 . ASP A 1 29 ? 0.775   -3.135  9.608   1.00 17.83 ? 29  ASP A OD2 1 
ATOM   226  N N   . ASP A 1 30 ? -2.200  -6.225  6.636   1.00 16.88 ? 30  ASP A N   1 
ATOM   227  C CA  . ASP A 1 30 ? -3.248  -7.225  6.545   1.00 16.00 ? 30  ASP A CA  1 
ATOM   228  C C   . ASP A 1 30 ? -4.130  -7.121  5.325   1.00 13.83 ? 30  ASP A C   1 
ATOM   229  O O   . ASP A 1 30 ? -4.039  -6.179  4.544   1.00 14.08 ? 30  ASP A O   1 
ATOM   230  C CB  . ASP A 1 30 ? -4.103  -7.170  7.801   1.00 20.98 ? 30  ASP A CB  1 
ATOM   231  C CG  . ASP A 1 30 ? -3.386  -7.735  9.000   1.00 25.03 ? 30  ASP A CG  1 
ATOM   232  O OD1 . ASP A 1 30 ? -3.147  -8.965  9.013   1.00 30.41 ? 30  ASP A OD1 1 
ATOM   233  O OD2 . ASP A 1 30 ? -3.050  -6.958  9.915   1.00 27.55 ? 30  ASP A OD2 1 
ATOM   234  N N   . THR A 1 31 ? -4.998  -8.108  5.185   1.00 12.92 ? 31  THR A N   1 
ATOM   235  C CA  . THR A 1 31 ? -5.915  -8.175  4.065   1.00 13.65 ? 31  THR A CA  1 
ATOM   236  C C   . THR A 1 31 ? -7.300  -7.754  4.528   1.00 14.99 ? 31  THR A C   1 
ATOM   237  O O   . THR A 1 31 ? -7.819  -8.275  5.517   1.00 15.02 ? 31  THR A O   1 
ATOM   238  C CB  . THR A 1 31 ? -5.966  -9.609  3.518   1.00 13.41 ? 31  THR A CB  1 
ATOM   239  O OG1 . THR A 1 31 ? -4.671  -9.959  3.016   1.00 12.86 ? 31  THR A OG1 1 
ATOM   240  C CG2 . THR A 1 31 ? -6.992  -9.735  2.402   1.00 13.71 ? 31  THR A CG2 1 
ATOM   241  N N   . VAL A 1 32 ? -7.890  -6.797  3.826   1.00 14.54 ? 32  VAL A N   1 
ATOM   242  C CA  . VAL A 1 32 ? -9.219  -6.351  4.194   1.00 17.08 ? 32  VAL A CA  1 
ATOM   243  C C   . VAL A 1 32 ? -10.115 -6.323  2.963   1.00 19.23 ? 32  VAL A C   1 
ATOM   244  O O   . VAL A 1 32 ? -9.720  -5.844  1.896   1.00 20.62 ? 32  VAL A O   1 
ATOM   245  C CB  . VAL A 1 32 ? -9.187  -4.959  4.860   1.00 15.65 ? 32  VAL A CB  1 
ATOM   246  C CG1 . VAL A 1 32 ? -8.663  -3.922  3.890   1.00 17.89 ? 32  VAL A CG1 1 
ATOM   247  C CG2 . VAL A 1 32 ? -10.579 -4.594  5.351   1.00 17.20 ? 32  VAL A CG2 1 
ATOM   248  N N   . LEU A 1 33 ? -11.316 -6.865  3.111   1.00 20.16 ? 33  LEU A N   1 
ATOM   249  C CA  . LEU A 1 33 ? -12.262 -6.904  2.015   1.00 23.82 ? 33  LEU A CA  1 
ATOM   250  C C   . LEU A 1 33 ? -13.548 -6.177  2.322   1.00 27.87 ? 33  LEU A C   1 
ATOM   251  O O   . LEU A 1 33 ? -13.984 -6.094  3.466   1.00 27.02 ? 33  LEU A O   1 
ATOM   252  C CB  . LEU A 1 33 ? -12.601 -8.344  1.644   1.00 21.56 ? 33  LEU A CB  1 
ATOM   253  C CG  . LEU A 1 33 ? -11.432 -9.241  1.250   1.00 22.29 ? 33  LEU A CG  1 
ATOM   254  C CD1 . LEU A 1 33 ? -11.948 -10.648 1.030   1.00 24.13 ? 33  LEU A CD1 1 
ATOM   255  C CD2 . LEU A 1 33 ? -10.774 -8.704  0.002   1.00 21.69 ? 33  LEU A CD2 1 
ATOM   256  N N   1 GLU A 1 34 ? -14.154 -5.667  1.256   0.50 31.03 ? 34  GLU A N   1 
ATOM   257  N N   2 GLU A 1 34 ? -14.159 -5.650  1.273   0.50 31.04 ? 34  GLU A N   1 
ATOM   258  C CA  1 GLU A 1 34 ? -15.416 -4.944  1.295   0.50 35.25 ? 34  GLU A CA  1 
ATOM   259  C CA  2 GLU A 1 34 ? -15.400 -4.917  1.404   0.50 35.38 ? 34  GLU A CA  1 
ATOM   260  C C   1 GLU A 1 34 ? -16.580 -5.916  1.471   0.50 36.67 ? 34  GLU A C   1 
ATOM   261  C C   2 GLU A 1 34 ? -16.559 -5.904  1.494   0.50 36.69 ? 34  GLU A C   1 
ATOM   262  O O   1 GLU A 1 34 ? -16.635 -6.943  0.796   0.50 36.08 ? 34  GLU A O   1 
ATOM   263  O O   2 GLU A 1 34 ? -16.589 -6.918  0.798   0.50 36.07 ? 34  GLU A O   1 
ATOM   264  C CB  1 GLU A 1 34 ? -15.581 -4.186  -0.022  0.50 36.38 ? 34  GLU A CB  1 
ATOM   265  C CB  2 GLU A 1 34 ? -15.585 -3.992  0.204   0.50 36.88 ? 34  GLU A CB  1 
ATOM   266  C CG  1 GLU A 1 34 ? -16.978 -3.672  -0.289  0.50 37.87 ? 34  GLU A CG  1 
ATOM   267  C CG  2 GLU A 1 34 ? -16.800 -3.107  0.309   0.50 39.46 ? 34  GLU A CG  1 
ATOM   268  C CD  1 GLU A 1 34 ? -17.224 -2.323  0.336   0.50 37.18 ? 34  GLU A CD  1 
ATOM   269  C CD  2 GLU A 1 34 ? -17.188 -2.538  -1.026  0.50 39.85 ? 34  GLU A CD  1 
ATOM   270  O OE1 1 GLU A 1 34 ? -16.813 -2.126  1.498   0.50 39.04 ? 34  GLU A OE1 1 
ATOM   271  O OE1 2 GLU A 1 34 ? -16.416 -1.720  -1.569  0.50 42.12 ? 34  GLU A OE1 1 
ATOM   272  O OE2 1 GLU A 1 34 ? -17.836 -1.468  -0.331  0.50 37.60 ? 34  GLU A OE2 1 
ATOM   273  O OE2 2 GLU A 1 34 ? -18.257 -2.915  -1.546  0.50 42.12 ? 34  GLU A OE2 1 
ATOM   274  N N   . GLU A 1 35 ? -17.504 -5.587  2.369   1.00 38.62 ? 35  GLU A N   1 
ATOM   275  C CA  . GLU A 1 35 ? -18.689 -6.409  2.622   1.00 41.96 ? 35  GLU A CA  1 
ATOM   276  C C   . GLU A 1 35 ? -18.808 -7.795  1.988   1.00 43.19 ? 35  GLU A C   1 
ATOM   277  O O   . GLU A 1 35 ? -18.917 -7.934  0.768   1.00 44.24 ? 35  GLU A O   1 
ATOM   278  C CB  . GLU A 1 35 ? -19.955 -5.621  2.265   1.00 44.14 ? 35  GLU A CB  1 
ATOM   279  C CG  . GLU A 1 35 ? -20.088 -5.258  0.793   1.00 45.16 ? 35  GLU A CG  1 
ATOM   280  C CD  . GLU A 1 35 ? -21.453 -4.682  0.463   1.00 46.95 ? 35  GLU A CD  1 
ATOM   281  O OE1 . GLU A 1 35 ? -21.885 -3.731  1.146   1.00 46.22 ? 35  GLU A OE1 1 
ATOM   282  O OE2 . GLU A 1 35 ? -22.095 -5.178  -0.485  1.00 48.48 ? 35  GLU A OE2 1 
ATOM   283  N N   . MET A 1 36 ? -18.792 -8.818  2.834   1.00 44.45 ? 36  MET A N   1 
ATOM   284  C CA  . MET A 1 36 ? -18.954 -10.194 2.393   1.00 46.24 ? 36  MET A CA  1 
ATOM   285  C C   . MET A 1 36 ? -18.981 -11.110 3.608   1.00 45.87 ? 36  MET A C   1 
ATOM   286  O O   . MET A 1 36 ? -18.073 -11.099 4.437   1.00 46.69 ? 36  MET A O   1 
ATOM   287  C CB  . MET A 1 36 ? -17.853 -10.604 1.407   1.00 48.43 ? 36  MET A CB  1 
ATOM   288  C CG  . MET A 1 36 ? -16.560 -11.090 2.008   1.00 49.93 ? 36  MET A CG  1 
ATOM   289  S SD  . MET A 1 36 ? -15.536 -11.733 0.670   1.00 53.55 ? 36  MET A SD  1 
ATOM   290  C CE  . MET A 1 36 ? -16.356 -13.262 0.318   1.00 51.24 ? 36  MET A CE  1 
ATOM   291  N N   . ASN A 1 37 ? -20.051 -11.887 3.711   1.00 45.74 ? 37  ASN A N   1 
ATOM   292  C CA  . ASN A 1 37 ? -20.244 -12.798 4.827   1.00 44.62 ? 37  ASN A CA  1 
ATOM   293  C C   . ASN A 1 37 ? -19.287 -13.975 4.785   1.00 42.24 ? 37  ASN A C   1 
ATOM   294  O O   . ASN A 1 37 ? -19.180 -14.669 3.775   1.00 43.48 ? 37  ASN A O   1 
ATOM   295  C CB  . ASN A 1 37 ? -21.689 -13.299 4.827   1.00 47.49 ? 37  ASN A CB  1 
ATOM   296  C CG  . ASN A 1 37 ? -22.693 -12.166 4.909   1.00 50.18 ? 37  ASN A CG  1 
ATOM   297  O OD1 . ASN A 1 37 ? -23.883 -12.353 4.657   1.00 53.33 ? 37  ASN A OD1 1 
ATOM   298  N ND2 . ASN A 1 37 ? -22.218 -10.980 5.274   1.00 50.37 ? 37  ASN A ND2 1 
ATOM   299  N N   . LEU A 1 38 ? -18.580 -14.182 5.888   1.00 38.15 ? 38  LEU A N   1 
ATOM   300  C CA  . LEU A 1 38 ? -17.644 -15.285 5.999   1.00 34.27 ? 38  LEU A CA  1 
ATOM   301  C C   . LEU A 1 38 ? -18.085 -16.152 7.165   1.00 33.31 ? 38  LEU A C   1 
ATOM   302  O O   . LEU A 1 38 ? -18.698 -15.662 8.113   1.00 31.58 ? 38  LEU A O   1 
ATOM   303  C CB  . LEU A 1 38 ? -16.224 -14.771 6.244   1.00 33.03 ? 38  LEU A CB  1 
ATOM   304  C CG  . LEU A 1 38 ? -15.575 -14.006 5.089   1.00 33.16 ? 38  LEU A CG  1 
ATOM   305  C CD1 . LEU A 1 38 ? -14.163 -13.609 5.479   1.00 33.02 ? 38  LEU A CD1 1 
ATOM   306  C CD2 . LEU A 1 38 ? -15.558 -14.873 3.836   1.00 33.57 ? 38  LEU A CD2 1 
ATOM   307  N N   . PRO A 1 39 ? -17.788 -17.458 7.107   1.00 32.65 ? 39  PRO A N   1 
ATOM   308  C CA  . PRO A 1 39 ? -18.175 -18.369 8.184   1.00 32.02 ? 39  PRO A CA  1 
ATOM   309  C C   . PRO A 1 39 ? -17.214 -18.322 9.361   1.00 31.79 ? 39  PRO A C   1 
ATOM   310  O O   . PRO A 1 39 ? -16.050 -17.956 9.208   1.00 31.31 ? 39  PRO A O   1 
ATOM   311  C CB  . PRO A 1 39 ? -18.163 -19.725 7.494   1.00 32.72 ? 39  PRO A CB  1 
ATOM   312  C CG  . PRO A 1 39 ? -17.006 -19.588 6.561   1.00 32.24 ? 39  PRO A CG  1 
ATOM   313  C CD  . PRO A 1 39 ? -17.217 -18.206 5.970   1.00 32.63 ? 39  PRO A CD  1 
ATOM   314  N N   . GLY A 1 40 ? -17.711 -18.690 10.535  1.00 31.49 ? 40  GLY A N   1 
ATOM   315  C CA  . GLY A 1 40 ? -16.868 -18.718 11.712  1.00 32.60 ? 40  GLY A CA  1 
ATOM   316  C C   . GLY A 1 40 ? -16.958 -17.519 12.631  1.00 31.73 ? 40  GLY A C   1 
ATOM   317  O O   . GLY A 1 40 ? -17.622 -16.524 12.331  1.00 32.18 ? 40  GLY A O   1 
ATOM   318  N N   . LYS A 1 41 ? -16.282 -17.631 13.767  1.00 30.90 ? 41  LYS A N   1 
ATOM   319  C CA  . LYS A 1 41 ? -16.251 -16.566 14.754  1.00 31.40 ? 41  LYS A CA  1 
ATOM   320  C C   . LYS A 1 41 ? -15.370 -15.435 14.243  1.00 30.35 ? 41  LYS A C   1 
ATOM   321  O O   . LYS A 1 41 ? -14.417 -15.661 13.497  1.00 29.87 ? 41  LYS A O   1 
ATOM   322  C CB  . LYS A 1 41 ? -15.701 -17.097 16.079  1.00 31.51 ? 41  LYS A CB  1 
ATOM   323  N N   . TRP A 1 42 ? -15.701 -14.214 14.638  1.00 30.96 ? 42  TRP A N   1 
ATOM   324  C CA  . TRP A 1 42 ? -14.918 -13.056 14.240  1.00 31.11 ? 42  TRP A CA  1 
ATOM   325  C C   . TRP A 1 42 ? -14.750 -12.132 15.432  1.00 30.62 ? 42  TRP A C   1 
ATOM   326  O O   . TRP A 1 42 ? -15.643 -12.020 16.270  1.00 31.53 ? 42  TRP A O   1 
ATOM   327  C CB  . TRP A 1 42 ? -15.599 -12.299 13.103  1.00 32.77 ? 42  TRP A CB  1 
ATOM   328  C CG  . TRP A 1 42 ? -16.986 -11.850 13.416  1.00 37.00 ? 42  TRP A CG  1 
ATOM   329  C CD1 . TRP A 1 42 ? -18.146 -12.522 13.149  1.00 37.60 ? 42  TRP A CD1 1 
ATOM   330  C CD2 . TRP A 1 42 ? -17.370 -10.619 14.040  1.00 38.70 ? 42  TRP A CD2 1 
ATOM   331  N NE1 . TRP A 1 42 ? -19.227 -11.781 13.561  1.00 39.14 ? 42  TRP A NE1 1 
ATOM   332  C CE2 . TRP A 1 42 ? -18.780 -10.607 14.110  1.00 39.17 ? 42  TRP A CE2 1 
ATOM   333  C CE3 . TRP A 1 42 ? -16.658 -9.519  14.542  1.00 39.68 ? 42  TRP A CE3 1 
ATOM   334  C CZ2 . TRP A 1 42 ? -19.495 -9.541  14.666  1.00 39.98 ? 42  TRP A CZ2 1 
ATOM   335  C CZ3 . TRP A 1 42 ? -17.370 -8.457  15.095  1.00 40.56 ? 42  TRP A CZ3 1 
ATOM   336  C CH2 . TRP A 1 42 ? -18.776 -8.477  15.150  1.00 40.78 ? 42  TRP A CH2 1 
ATOM   337  N N   . LYS A 1 43 ? -13.598 -11.478 15.504  1.00 28.69 ? 43  LYS A N   1 
ATOM   338  C CA  . LYS A 1 43 ? -13.302 -10.556 16.593  1.00 27.93 ? 43  LYS A CA  1 
ATOM   339  C C   . LYS A 1 43 ? -13.180 -9.135  16.049  1.00 27.49 ? 43  LYS A C   1 
ATOM   340  O O   . LYS A 1 43 ? -12.677 -8.926  14.944  1.00 26.61 ? 43  LYS A O   1 
ATOM   341  C CB  . LYS A 1 43 ? -12.000 -10.965 17.280  1.00 27.02 ? 43  LYS A CB  1 
ATOM   342  N N   . PRO A 1 44 ? -13.667 -8.142  16.811  1.00 27.56 ? 44  PRO A N   1 
ATOM   343  C CA  . PRO A 1 44 ? -13.593 -6.744  16.383  1.00 26.89 ? 44  PRO A CA  1 
ATOM   344  C C   . PRO A 1 44 ? -12.139 -6.290  16.380  1.00 25.59 ? 44  PRO A C   1 
ATOM   345  O O   . PRO A 1 44 ? -11.342 -6.728  17.217  1.00 24.89 ? 44  PRO A O   1 
ATOM   346  C CB  . PRO A 1 44 ? -14.411 -6.010  17.447  1.00 29.15 ? 44  PRO A CB  1 
ATOM   347  C CG  . PRO A 1 44 ? -15.379 -7.062  17.932  1.00 29.65 ? 44  PRO A CG  1 
ATOM   348  C CD  . PRO A 1 44 ? -14.492 -8.273  18.026  1.00 28.22 ? 44  PRO A CD  1 
ATOM   349  N N   . LYS A 1 45 ? -11.790 -5.416  15.445  1.00 23.55 ? 45  LYS A N   1 
ATOM   350  C CA  . LYS A 1 45 ? -10.427 -4.910  15.371  1.00 22.62 ? 45  LYS A CA  1 
ATOM   351  C C   . LYS A 1 45 ? -10.398 -3.502  14.788  1.00 21.85 ? 45  LYS A C   1 
ATOM   352  O O   . LYS A 1 45 ? -11.299 -3.107  14.049  1.00 19.58 ? 45  LYS A O   1 
ATOM   353  C CB  . LYS A 1 45 ? -9.559  -5.836  14.512  1.00 23.40 ? 45  LYS A CB  1 
ATOM   354  C CG  . LYS A 1 45 ? -8.079  -5.484  14.536  1.00 24.24 ? 45  LYS A CG  1 
ATOM   355  C CD  . LYS A 1 45 ? -7.268  -6.390  13.621  1.00 27.17 ? 45  LYS A CD  1 
ATOM   356  C CE  . LYS A 1 45 ? -5.780  -6.078  13.729  1.00 27.96 ? 45  LYS A CE  1 
ATOM   357  N NZ  . LYS A 1 45 ? -4.939  -6.951  12.857  1.00 31.59 ? 45  LYS A NZ  1 
ATOM   358  N N   . MET A 1 46 ? -9.357  -2.750  15.135  1.00 19.63 ? 46  MET A N   1 
ATOM   359  C CA  . MET A 1 46 ? -9.178  -1.392  14.632  1.00 20.72 ? 46  MET A CA  1 
ATOM   360  C C   . MET A 1 46 ? -7.908  -1.369  13.787  1.00 18.14 ? 46  MET A C   1 
ATOM   361  O O   . MET A 1 46 ? -6.846  -1.783  14.256  1.00 18.27 ? 46  MET A O   1 
ATOM   362  C CB  . MET A 1 46 ? -9.010  -0.405  15.793  1.00 25.15 ? 46  MET A CB  1 
ATOM   363  C CG  . MET A 1 46 ? -10.203 -0.286  16.719  1.00 29.49 ? 46  MET A CG  1 
ATOM   364  S SD  . MET A 1 46 ? -11.494 0.739   16.019  1.00 35.13 ? 46  MET A SD  1 
ATOM   365  C CE  . MET A 1 46 ? -10.856 2.369   16.383  1.00 33.51 ? 46  MET A CE  1 
ATOM   366  N N   . ILE A 1 47 ? -8.010  -0.902  12.545  1.00 15.64 ? 47  ILE A N   1 
ATOM   367  C CA  . ILE A 1 47 ? -6.832  -0.819  11.685  1.00 16.34 ? 47  ILE A CA  1 
ATOM   368  C C   . ILE A 1 47 ? -6.639  0.620   11.243  1.00 17.04 ? 47  ILE A C   1 
ATOM   369  O O   . ILE A 1 47 ? -7.611  1.365   11.056  1.00 16.60 ? 47  ILE A O   1 
ATOM   370  C CB  . ILE A 1 47 ? -6.948  -1.735  10.445  1.00 17.09 ? 47  ILE A CB  1 
ATOM   371  C CG1 . ILE A 1 47 ? -8.131  -1.299  9.576   1.00 17.73 ? 47  ILE A CG1 1 
ATOM   372  C CG2 . ILE A 1 47 ? -7.110  -3.192  10.898  1.00 19.11 ? 47  ILE A CG2 1 
ATOM   373  C CD1 . ILE A 1 47 ? -8.205  -1.995  8.239   1.00 17.38 ? 47  ILE A CD1 1 
ATOM   374  N N   . GLY A 1 48 ? -5.382  1.010   11.075  1.00 16.88 ? 48  GLY A N   1 
ATOM   375  C CA  . GLY A 1 48 ? -5.089  2.379   10.705  1.00 17.65 ? 48  GLY A CA  1 
ATOM   376  C C   . GLY A 1 48 ? -4.679  2.656   9.276   1.00 19.06 ? 48  GLY A C   1 
ATOM   377  O O   . GLY A 1 48 ? -3.942  1.890   8.656   1.00 19.86 ? 48  GLY A O   1 
ATOM   378  N N   . GLY A 1 49 ? -5.169  3.779   8.762   1.00 17.50 ? 49  GLY A N   1 
ATOM   379  C CA  . GLY A 1 49 ? -4.847  4.193   7.414   1.00 16.02 ? 49  GLY A CA  1 
ATOM   380  C C   . GLY A 1 49 ? -4.187  5.557   7.457   1.00 18.04 ? 49  GLY A C   1 
ATOM   381  O O   . GLY A 1 49 ? -3.758  6.026   8.512   1.00 17.08 ? 49  GLY A O   1 
ATOM   382  N N   . ILE A 1 50 ? -4.119  6.207   6.306   1.00 17.34 ? 50  ILE A N   1 
ATOM   383  C CA  . ILE A 1 50 ? -3.500  7.514   6.211   1.00 20.31 ? 50  ILE A CA  1 
ATOM   384  C C   . ILE A 1 50 ? -4.322  8.598   6.925   1.00 19.62 ? 50  ILE A C   1 
ATOM   385  O O   . ILE A 1 50 ? -3.761  9.550   7.459   1.00 20.16 ? 50  ILE A O   1 
ATOM   386  C CB  . ILE A 1 50 ? -3.295  7.895   4.718   1.00 21.70 ? 50  ILE A CB  1 
ATOM   387  C CG1 . ILE A 1 50 ? -2.294  9.038   4.596   1.00 24.84 ? 50  ILE A CG1 1 
ATOM   388  C CG2 . ILE A 1 50 ? -4.623  8.279   4.089   1.00 20.92 ? 50  ILE A CG2 1 
ATOM   389  C CD1 . ILE A 1 50 ? -1.940  9.376   3.163   1.00 28.20 ? 50  ILE A CD1 1 
ATOM   390  N N   . GLY A 1 51 ? -5.641  8.432   6.959   1.00 18.34 ? 51  GLY A N   1 
ATOM   391  C CA  . GLY A 1 51 ? -6.489  9.437   7.583   1.00 20.13 ? 51  GLY A CA  1 
ATOM   392  C C   . GLY A 1 51 ? -7.043  9.130   8.964   1.00 19.77 ? 51  GLY A C   1 
ATOM   393  O O   . GLY A 1 51 ? -7.650  9.995   9.593   1.00 19.36 ? 51  GLY A O   1 
ATOM   394  N N   . GLY A 1 52 ? -6.832  7.909   9.442   1.00 18.37 ? 52  GLY A N   1 
ATOM   395  C CA  . GLY A 1 52 ? -7.339  7.536   10.749  1.00 17.78 ? 52  GLY A CA  1 
ATOM   396  C C   . GLY A 1 52 ? -7.584  6.042   10.813  1.00 18.95 ? 52  GLY A C   1 
ATOM   397  O O   . GLY A 1 52 ? -7.041  5.291   10.008  1.00 17.64 ? 52  GLY A O   1 
ATOM   398  N N   . PHE A 1 53 ? -8.412  5.609   11.758  1.00 16.77 ? 53  PHE A N   1 
ATOM   399  C CA  . PHE A 1 53 ? -8.702  4.190   11.918  1.00 18.16 ? 53  PHE A CA  1 
ATOM   400  C C   . PHE A 1 53 ? -10.146 3.852   11.584  1.00 18.16 ? 53  PHE A C   1 
ATOM   401  O O   . PHE A 1 53 ? -11.032 4.704   11.691  1.00 18.29 ? 53  PHE A O   1 
ATOM   402  C CB  . PHE A 1 53 ? -8.449  3.745   13.365  1.00 15.57 ? 53  PHE A CB  1 
ATOM   403  C CG  . PHE A 1 53 ? -6.999  3.697   13.757  1.00 16.70 ? 53  PHE A CG  1 
ATOM   404  C CD1 . PHE A 1 53 ? -6.264  4.865   13.924  1.00 17.05 ? 53  PHE A CD1 1 
ATOM   405  C CD2 . PHE A 1 53 ? -6.373  2.473   13.980  1.00 16.66 ? 53  PHE A CD2 1 
ATOM   406  C CE1 . PHE A 1 53 ? -4.924  4.814   14.312  1.00 18.14 ? 53  PHE A CE1 1 
ATOM   407  C CE2 . PHE A 1 53 ? -5.037  2.411   14.366  1.00 16.67 ? 53  PHE A CE2 1 
ATOM   408  C CZ  . PHE A 1 53 ? -4.311  3.581   14.533  1.00 16.95 ? 53  PHE A CZ  1 
ATOM   409  N N   . ILE A 1 54 ? -10.372 2.605   11.183  1.00 18.33 ? 54  ILE A N   1 
ATOM   410  C CA  . ILE A 1 54 ? -11.719 2.121   10.904  1.00 18.06 ? 54  ILE A CA  1 
ATOM   411  C C   . ILE A 1 54 ? -11.877 0.821   11.678  1.00 18.30 ? 54  ILE A C   1 
ATOM   412  O O   . ILE A 1 54 ? -10.883 0.183   12.026  1.00 16.00 ? 54  ILE A O   1 
ATOM   413  C CB  . ILE A 1 54 ? -11.969 1.833   9.410   1.00 19.73 ? 54  ILE A CB  1 
ATOM   414  C CG1 . ILE A 1 54 ? -10.952 0.817   8.890   1.00 19.19 ? 54  ILE A CG1 1 
ATOM   415  C CG2 . ILE A 1 54 ? -11.951 3.137   8.622   1.00 18.02 ? 54  ILE A CG2 1 
ATOM   416  C CD1 . ILE A 1 54 ? -11.265 0.312   7.507   1.00 22.13 ? 54  ILE A CD1 1 
ATOM   417  N N   . LYS A 1 55 ? -13.119 0.445   11.965  1.00 17.25 ? 55  LYS A N   1 
ATOM   418  C CA  . LYS A 1 55 ? -13.398 -0.781  12.700  1.00 18.45 ? 55  LYS A CA  1 
ATOM   419  C C   . LYS A 1 55 ? -13.697 -1.886  11.691  1.00 18.31 ? 55  LYS A C   1 
ATOM   420  O O   . LYS A 1 55 ? -14.400 -1.667  10.706  1.00 20.68 ? 55  LYS A O   1 
ATOM   421  C CB  . LYS A 1 55 ? -14.597 -0.574  13.642  1.00 16.83 ? 55  LYS A CB  1 
ATOM   422  N N   . VAL A 1 56 ? -13.147 -3.068  11.933  1.00 18.96 ? 56  VAL A N   1 
ATOM   423  C CA  . VAL A 1 56 ? -13.357 -4.199  11.037  1.00 19.84 ? 56  VAL A CA  1 
ATOM   424  C C   . VAL A 1 56 ? -13.580 -5.482  11.827  1.00 21.10 ? 56  VAL A C   1 
ATOM   425  O O   . VAL A 1 56 ? -13.371 -5.525  13.040  1.00 20.78 ? 56  VAL A O   1 
ATOM   426  C CB  . VAL A 1 56 ? -12.132 -4.413  10.126  1.00 19.36 ? 56  VAL A CB  1 
ATOM   427  C CG1 . VAL A 1 56 ? -11.820 -3.134  9.358   1.00 16.85 ? 56  VAL A CG1 1 
ATOM   428  C CG2 . VAL A 1 56 ? -10.924 -4.831  10.970  1.00 19.85 ? 56  VAL A CG2 1 
ATOM   429  N N   . ARG A 1 57 ? -14.012 -6.526  11.130  1.00 21.92 ? 57  ARG A N   1 
ATOM   430  C CA  . ARG A 1 57 ? -14.221 -7.822  11.751  1.00 23.62 ? 57  ARG A CA  1 
ATOM   431  C C   . ARG A 1 57 ? -13.069 -8.698  11.284  1.00 23.64 ? 57  ARG A C   1 
ATOM   432  O O   . ARG A 1 57 ? -12.741 -8.727  10.094  1.00 24.22 ? 57  ARG A O   1 
ATOM   433  C CB  . ARG A 1 57 ? -15.554 -8.434  11.315  1.00 25.79 ? 57  ARG A CB  1 
ATOM   434  C CG  . ARG A 1 57 ? -16.779 -7.652  11.768  1.00 29.70 ? 57  ARG A CG  1 
ATOM   435  C CD  . ARG A 1 57 ? -18.055 -8.342  11.320  1.00 34.15 ? 57  ARG A CD  1 
ATOM   436  N NE  . ARG A 1 57 ? -18.022 -8.633  9.889   1.00 39.80 ? 57  ARG A NE  1 
ATOM   437  C CZ  . ARG A 1 57 ? -18.988 -9.265  9.228   1.00 42.63 ? 57  ARG A CZ  1 
ATOM   438  N NH1 . ARG A 1 57 ? -20.077 -9.675  9.873   1.00 43.29 ? 57  ARG A NH1 1 
ATOM   439  N NH2 . ARG A 1 57 ? -18.859 -9.497  7.923   1.00 42.10 ? 57  ARG A NH2 1 
ATOM   440  N N   . GLN A 1 58 ? -12.449 -9.401  12.222  1.00 21.91 ? 58  GLN A N   1 
ATOM   441  C CA  . GLN A 1 58 ? -11.330 -10.269 11.906  1.00 20.75 ? 58  GLN A CA  1 
ATOM   442  C C   . GLN A 1 58 ? -11.759 -11.734 11.854  1.00 23.37 ? 58  GLN A C   1 
ATOM   443  O O   . GLN A 1 58 ? -12.258 -12.275 12.843  1.00 22.86 ? 58  GLN A O   1 
ATOM   444  C CB  . GLN A 1 58 ? -10.235 -10.101 12.958  1.00 21.63 ? 58  GLN A CB  1 
ATOM   445  C CG  . GLN A 1 58 ? -8.977  -10.908 12.684  1.00 24.34 ? 58  GLN A CG  1 
ATOM   446  C CD  . GLN A 1 58 ? -7.987  -10.842 13.826  1.00 25.80 ? 58  GLN A CD  1 
ATOM   447  O OE1 . GLN A 1 58 ? -7.654  -9.763  14.319  1.00 26.47 ? 58  GLN A OE1 1 
ATOM   448  N NE2 . GLN A 1 58 ? -7.504  -12.001 14.252  1.00 26.97 ? 58  GLN A NE2 1 
ATOM   449  N N   . TYR A 1 59 ? -11.570 -12.363 10.697  1.00 22.53 ? 59  TYR A N   1 
ATOM   450  C CA  . TYR A 1 59 ? -11.897 -13.772 10.513  1.00 24.48 ? 59  TYR A CA  1 
ATOM   451  C C   . TYR A 1 59 ? -10.575 -14.488 10.241  1.00 25.84 ? 59  TYR A C   1 
ATOM   452  O O   . TYR A 1 59 ? -9.744  -13.991 9.480   1.00 25.20 ? 59  TYR A O   1 
ATOM   453  C CB  . TYR A 1 59 ? -12.833 -13.976 9.320   1.00 22.85 ? 59  TYR A CB  1 
ATOM   454  C CG  . TYR A 1 59 ? -14.218 -13.384 9.473   1.00 22.51 ? 59  TYR A CG  1 
ATOM   455  C CD1 . TYR A 1 59 ? -14.463 -12.037 9.194   1.00 22.68 ? 59  TYR A CD1 1 
ATOM   456  C CD2 . TYR A 1 59 ? -15.300 -14.186 9.842   1.00 22.77 ? 59  TYR A CD2 1 
ATOM   457  C CE1 . TYR A 1 59 ? -15.752 -11.508 9.268   1.00 23.09 ? 59  TYR A CE1 1 
ATOM   458  C CE2 . TYR A 1 59 ? -16.590 -13.667 9.921   1.00 22.91 ? 59  TYR A CE2 1 
ATOM   459  C CZ  . TYR A 1 59 ? -16.810 -12.333 9.630   1.00 23.99 ? 59  TYR A CZ  1 
ATOM   460  O OH  . TYR A 1 59 ? -18.090 -11.833 9.684   1.00 26.03 ? 59  TYR A OH  1 
ATOM   461  N N   . ASP A 1 60 ? -10.382 -15.651 10.854  1.00 26.77 ? 60  ASP A N   1 
ATOM   462  C CA  . ASP A 1 60 ? -9.143  -16.399 10.680  1.00 28.55 ? 60  ASP A CA  1 
ATOM   463  C C   . ASP A 1 60 ? -9.279  -17.644 9.807   1.00 27.89 ? 60  ASP A C   1 
ATOM   464  O O   . ASP A 1 60 ? -10.383 -18.125 9.556   1.00 27.97 ? 60  ASP A O   1 
ATOM   465  C CB  . ASP A 1 60 ? -8.580  -16.790 12.050  1.00 30.07 ? 60  ASP A CB  1 
ATOM   466  C CG  . ASP A 1 60 ? -8.236  -15.581 12.907  1.00 33.38 ? 60  ASP A CG  1 
ATOM   467  O OD1 . ASP A 1 60 ? -7.431  -14.740 12.457  1.00 34.12 ? 60  ASP A OD1 1 
ATOM   468  O OD2 . ASP A 1 60 ? -8.767  -15.470 14.033  1.00 36.34 ? 60  ASP A OD2 1 
ATOM   469  N N   . GLN A 1 61 ? -8.136  -18.149 9.346   1.00 28.67 ? 61  GLN A N   1 
ATOM   470  C CA  . GLN A 1 61 ? -8.058  -19.350 8.511   1.00 29.24 ? 61  GLN A CA  1 
ATOM   471  C C   . GLN A 1 61 ? -9.034  -19.388 7.333   1.00 27.64 ? 61  GLN A C   1 
ATOM   472  O O   . GLN A 1 61 ? -9.732  -20.381 7.132   1.00 26.79 ? 61  GLN A O   1 
ATOM   473  C CB  . GLN A 1 61 ? -8.268  -20.600 9.375   1.00 33.09 ? 61  GLN A CB  1 
ATOM   474  C CG  . GLN A 1 61 ? -7.241  -20.785 10.483  1.00 36.91 ? 61  GLN A CG  1 
ATOM   475  C CD  . GLN A 1 61 ? -5.825  -20.944 9.952   1.00 39.84 ? 61  GLN A CD  1 
ATOM   476  O OE1 . GLN A 1 61 ? -5.540  -21.843 9.159   1.00 41.37 ? 61  GLN A OE1 1 
ATOM   477  N NE2 . GLN A 1 61 ? -4.927  -20.069 10.394  1.00 41.32 ? 61  GLN A NE2 1 
ATOM   478  N N   . ILE A 1 62 ? -9.068  -18.316 6.549   1.00 23.85 ? 62  ILE A N   1 
ATOM   479  C CA  . ILE A 1 62 ? -9.954  -18.242 5.397   1.00 22.74 ? 62  ILE A CA  1 
ATOM   480  C C   . ILE A 1 62 ? -9.182  -18.621 4.136   1.00 22.58 ? 62  ILE A C   1 
ATOM   481  O O   . ILE A 1 62 ? -8.138  -18.042 3.848   1.00 22.03 ? 62  ILE A O   1 
ATOM   482  C CB  . ILE A 1 62 ? -10.512 -16.809 5.218   1.00 22.56 ? 62  ILE A CB  1 
ATOM   483  C CG1 . ILE A 1 62 ? -11.278 -16.375 6.479   1.00 23.01 ? 62  ILE A CG1 1 
ATOM   484  C CG2 . ILE A 1 62 ? -11.390 -16.739 3.977   1.00 23.74 ? 62  ILE A CG2 1 
ATOM   485  C CD1 . ILE A 1 62 ? -12.541 -17.175 6.779   1.00 23.85 ? 62  ILE A CD1 1 
ATOM   486  N N   . PRO A 1 63 ? -9.668  -19.620 3.382   1.00 23.79 ? 63  PRO A N   1 
ATOM   487  C CA  . PRO A 1 63 ? -8.965  -20.015 2.154   1.00 23.70 ? 63  PRO A CA  1 
ATOM   488  C C   . PRO A 1 63 ? -9.211  -18.948 1.090   1.00 23.54 ? 63  PRO A C   1 
ATOM   489  O O   . PRO A 1 63 ? -10.348 -18.508 0.903   1.00 23.11 ? 63  PRO A O   1 
ATOM   490  C CB  . PRO A 1 63 ? -9.622  -21.348 1.785   1.00 23.22 ? 63  PRO A CB  1 
ATOM   491  C CG  . PRO A 1 63 ? -10.158 -21.856 3.100   1.00 24.05 ? 63  PRO A CG  1 
ATOM   492  C CD  . PRO A 1 63 ? -10.711 -20.600 3.722   1.00 23.40 ? 63  PRO A CD  1 
ATOM   493  N N   . VAL A 1 64 ? -8.151  -18.532 0.405   1.00 23.30 ? 64  VAL A N   1 
ATOM   494  C CA  . VAL A 1 64 ? -8.260  -17.511 -0.630  1.00 25.01 ? 64  VAL A CA  1 
ATOM   495  C C   . VAL A 1 64 ? -7.407  -17.855 -1.847  1.00 25.45 ? 64  VAL A C   1 
ATOM   496  O O   . VAL A 1 64 ? -6.226  -18.161 -1.714  1.00 28.45 ? 64  VAL A O   1 
ATOM   497  C CB  . VAL A 1 64 ? -7.786  -16.132 -0.111  1.00 24.87 ? 64  VAL A CB  1 
ATOM   498  C CG1 . VAL A 1 64 ? -8.000  -15.069 -1.187  1.00 25.81 ? 64  VAL A CG1 1 
ATOM   499  C CG2 . VAL A 1 64 ? -8.527  -15.767 1.163   1.00 24.76 ? 64  VAL A CG2 1 
ATOM   500  N N   . GLU A 1 65 ? -8.004  -17.803 -3.032  1.00 24.69 ? 65  GLU A N   1 
ATOM   501  C CA  . GLU A 1 65 ? -7.261  -18.089 -4.249  1.00 26.04 ? 65  GLU A CA  1 
ATOM   502  C C   . GLU A 1 65 ? -6.892  -16.784 -4.950  1.00 25.60 ? 65  GLU A C   1 
ATOM   503  O O   . GLU A 1 65 ? -7.758  -15.970 -5.279  1.00 24.38 ? 65  GLU A O   1 
ATOM   504  C CB  . GLU A 1 65 ? -8.080  -18.977 -5.185  1.00 27.57 ? 65  GLU A CB  1 
ATOM   505  C CG  . GLU A 1 65 ? -7.366  -19.294 -6.481  1.00 33.23 ? 65  GLU A CG  1 
ATOM   506  C CD  . GLU A 1 65 ? -8.063  -20.370 -7.282  1.00 35.68 ? 65  GLU A CD  1 
ATOM   507  O OE1 . GLU A 1 65 ? -7.719  -20.535 -8.471  1.00 38.17 ? 65  GLU A OE1 1 
ATOM   508  O OE2 . GLU A 1 65 ? -8.948  -21.058 -6.723  1.00 37.84 ? 65  GLU A OE2 1 
ATOM   509  N N   . ILE A 1 66 ? -5.595  -16.599 -5.164  1.00 25.52 ? 66  ILE A N   1 
ATOM   510  C CA  . ILE A 1 66 ? -5.062  -15.403 -5.799  1.00 27.68 ? 66  ILE A CA  1 
ATOM   511  C C   . ILE A 1 66 ? -4.314  -15.782 -7.076  1.00 28.94 ? 66  ILE A C   1 
ATOM   512  O O   . ILE A 1 66 ? -3.223  -16.346 -7.011  1.00 29.48 ? 66  ILE A O   1 
ATOM   513  C CB  . ILE A 1 66 ? -4.080  -14.682 -4.849  1.00 26.40 ? 66  ILE A CB  1 
ATOM   514  C CG1 . ILE A 1 66 ? -4.762  -14.421 -3.505  1.00 28.42 ? 66  ILE A CG1 1 
ATOM   515  C CG2 . ILE A 1 66 ? -3.600  -13.385 -5.473  1.00 26.71 ? 66  ILE A CG2 1 
ATOM   516  C CD1 . ILE A 1 66 ? -3.828  -13.928 -2.409  1.00 28.00 ? 66  ILE A CD1 1 
ATOM   517  N N   . CYS A 1 67 ? -4.904  -15.474 -8.227  1.00 30.86 ? 67  CYS A N   1 
ATOM   518  C CA  . CYS A 1 67 ? -4.287  -15.778 -9.516  1.00 33.21 ? 67  CYS A CA  1 
ATOM   519  C C   . CYS A 1 67 ? -3.844  -17.231 -9.641  1.00 33.32 ? 67  CYS A C   1 
ATOM   520  O O   . CYS A 1 67 ? -2.744  -17.513 -10.122 1.00 33.25 ? 67  CYS A O   1 
ATOM   521  C CB  . CYS A 1 67 ? -3.079  -14.870 -9.750  1.00 34.81 ? 67  CYS A CB  1 
ATOM   522  S SG  . CYS A 1 67 ? -3.489  -13.144 -10.030 1.00 41.40 ? 67  CYS A SG  1 
ATOM   523  N N   . GLY A 1 68 ? -4.699  -18.152 -9.209  1.00 33.48 ? 68  GLY A N   1 
ATOM   524  C CA  . GLY A 1 68 ? -4.361  -19.563 -9.290  1.00 33.51 ? 68  GLY A CA  1 
ATOM   525  C C   . GLY A 1 68 ? -3.488  -20.046 -8.145  1.00 32.58 ? 68  GLY A C   1 
ATOM   526  O O   . GLY A 1 68 ? -3.095  -21.211 -8.105  1.00 34.03 ? 68  GLY A O   1 
ATOM   527  N N   . HIS A 1 69 ? -3.179  -19.150 -7.215  1.00 30.28 ? 69  HIS A N   1 
ATOM   528  C CA  . HIS A 1 69 ? -2.350  -19.502 -6.069  1.00 29.62 ? 69  HIS A CA  1 
ATOM   529  C C   . HIS A 1 69 ? -3.197  -19.577 -4.813  1.00 28.44 ? 69  HIS A C   1 
ATOM   530  O O   . HIS A 1 69 ? -3.924  -18.643 -4.495  1.00 28.12 ? 69  HIS A O   1 
ATOM   531  C CB  . HIS A 1 69 ? -1.242  -18.472 -5.889  1.00 29.20 ? 69  HIS A CB  1 
ATOM   532  C CG  . HIS A 1 69 ? -0.235  -18.482 -6.993  1.00 30.17 ? 69  HIS A CG  1 
ATOM   533  N ND1 . HIS A 1 69 ? 1.049   -18.953 -6.824  1.00 30.75 ? 69  HIS A ND1 1 
ATOM   534  C CD2 . HIS A 1 69 ? -0.340  -18.133 -8.295  1.00 29.89 ? 69  HIS A CD2 1 
ATOM   535  C CE1 . HIS A 1 69 ? 1.691   -18.895 -7.978  1.00 30.20 ? 69  HIS A CE1 1 
ATOM   536  N NE2 . HIS A 1 69 ? 0.870   -18.403 -8.885  1.00 30.34 ? 69  HIS A NE2 1 
ATOM   537  N N   . LYS A 1 70 ? -3.094  -20.695 -4.104  1.00 28.07 ? 70  LYS A N   1 
ATOM   538  C CA  . LYS A 1 70 ? -3.860  -20.901 -2.886  1.00 28.19 ? 70  LYS A CA  1 
ATOM   539  C C   . LYS A 1 70 ? -3.171  -20.265 -1.690  1.00 26.63 ? 70  LYS A C   1 
ATOM   540  O O   . LYS A 1 70 ? -1.954  -20.342 -1.545  1.00 26.12 ? 70  LYS A O   1 
ATOM   541  C CB  . LYS A 1 70 ? -4.063  -22.397 -2.639  1.00 28.50 ? 70  LYS A CB  1 
ATOM   542  N N   . ALA A 1 71 ? -3.965  -19.618 -0.848  1.00 25.49 ? 71  ALA A N   1 
ATOM   543  C CA  . ALA A 1 71 ? -3.464  -18.980 0.353   1.00 25.31 ? 71  ALA A CA  1 
ATOM   544  C C   . ALA A 1 71 ? -4.544  -19.083 1.419   1.00 25.73 ? 71  ALA A C   1 
ATOM   545  O O   . ALA A 1 71 ? -5.739  -19.023 1.121   1.00 27.37 ? 71  ALA A O   1 
ATOM   546  C CB  . ALA A 1 71 ? -3.133  -17.520 0.083   1.00 25.27 ? 71  ALA A CB  1 
ATOM   547  N N   . ILE A 1 72 ? -4.124  -19.247 2.663   1.00 24.28 ? 72  ILE A N   1 
ATOM   548  C CA  . ILE A 1 72 ? -5.073  -19.341 3.757   1.00 24.25 ? 72  ILE A CA  1 
ATOM   549  C C   . ILE A 1 72 ? -4.580  -18.488 4.909   1.00 22.04 ? 72  ILE A C   1 
ATOM   550  O O   . ILE A 1 72 ? -3.421  -18.584 5.311   1.00 19.86 ? 72  ILE A O   1 
ATOM   551  C CB  . ILE A 1 72 ? -5.255  -20.801 4.224   1.00 24.81 ? 72  ILE A CB  1 
ATOM   552  C CG1 . ILE A 1 72 ? -6.121  -20.836 5.487   1.00 25.98 ? 72  ILE A CG1 1 
ATOM   553  C CG2 . ILE A 1 72 ? -3.903  -21.445 4.450   1.00 26.62 ? 72  ILE A CG2 1 
ATOM   554  C CD1 . ILE A 1 72 ? -6.488  -22.232 5.950   1.00 29.13 ? 72  ILE A CD1 1 
ATOM   555  N N   . GLY A 1 73 ? -5.458  -17.637 5.427   1.00 19.38 ? 73  GLY A N   1 
ATOM   556  C CA  . GLY A 1 73 ? -5.057  -16.784 6.526   1.00 20.60 ? 73  GLY A CA  1 
ATOM   557  C C   . GLY A 1 73 ? -6.140  -15.846 7.012   1.00 20.08 ? 73  GLY A C   1 
ATOM   558  O O   . GLY A 1 73 ? -7.310  -15.983 6.663   1.00 19.94 ? 73  GLY A O   1 
ATOM   559  N N   . THR A 1 74 ? -5.737  -14.880 7.823   1.00 20.84 ? 74  THR A N   1 
ATOM   560  C CA  . THR A 1 74 ? -6.669  -13.916 8.374   1.00 20.91 ? 74  THR A CA  1 
ATOM   561  C C   . THR A 1 74 ? -7.171  -12.935 7.319   1.00 19.80 ? 74  THR A C   1 
ATOM   562  O O   . THR A 1 74 ? -6.397  -12.400 6.524   1.00 20.82 ? 74  THR A O   1 
ATOM   563  C CB  . THR A 1 74 ? -6.015  -13.145 9.526   1.00 21.77 ? 74  THR A CB  1 
ATOM   564  O OG1 . THR A 1 74 ? -5.529  -14.083 10.496  1.00 24.05 ? 74  THR A OG1 1 
ATOM   565  C CG2 . THR A 1 74 ? -7.023  -12.215 10.191  1.00 21.30 ? 74  THR A CG2 1 
ATOM   566  N N   . VAL A 1 75 ? -8.483  -12.733 7.302   1.00 19.56 ? 75  VAL A N   1 
ATOM   567  C CA  . VAL A 1 75 ? -9.115  -11.807 6.373   1.00 17.73 ? 75  VAL A CA  1 
ATOM   568  C C   . VAL A 1 75 ? -9.975  -10.861 7.200   1.00 17.71 ? 75  VAL A C   1 
ATOM   569  O O   . VAL A 1 75 ? -10.770 -11.302 8.033   1.00 17.05 ? 75  VAL A O   1 
ATOM   570  C CB  . VAL A 1 75 ? -10.018 -12.546 5.352   1.00 17.38 ? 75  VAL A CB  1 
ATOM   571  C CG1 . VAL A 1 75 ? -10.828 -11.537 4.543   1.00 15.78 ? 75  VAL A CG1 1 
ATOM   572  C CG2 . VAL A 1 75 ? -9.162  -13.409 4.422   1.00 16.03 ? 75  VAL A CG2 1 
ATOM   573  N N   . LEU A 1 76 ? -9.796  -9.562  6.991   1.00 17.06 ? 76  LEU A N   1 
ATOM   574  C CA  . LEU A 1 76 ? -10.575 -8.568  7.718   1.00 17.34 ? 76  LEU A CA  1 
ATOM   575  C C   . LEU A 1 76 ? -11.716 -8.094  6.822   1.00 19.30 ? 76  LEU A C   1 
ATOM   576  O O   . LEU A 1 76 ? -11.584 -8.068  5.596   1.00 18.01 ? 76  LEU A O   1 
ATOM   577  C CB  . LEU A 1 76 ? -9.687  -7.382  8.104   1.00 17.47 ? 76  LEU A CB  1 
ATOM   578  C CG  . LEU A 1 76 ? -8.386  -7.708  8.838   1.00 17.65 ? 76  LEU A CG  1 
ATOM   579  C CD1 . LEU A 1 76 ? -7.603  -6.420  9.062   1.00 17.84 ? 76  LEU A CD1 1 
ATOM   580  C CD2 . LEU A 1 76 ? -8.696  -8.389  10.163  1.00 16.99 ? 76  LEU A CD2 1 
ATOM   581  N N   . VAL A 1 77 ? -12.838 -7.734  7.433   1.00 18.53 ? 77  VAL A N   1 
ATOM   582  C CA  . VAL A 1 77 ? -13.988 -7.267  6.672   1.00 17.68 ? 77  VAL A CA  1 
ATOM   583  C C   . VAL A 1 77 ? -14.481 -5.959  7.281   1.00 18.23 ? 77  VAL A C   1 
ATOM   584  O O   . VAL A 1 77 ? -14.812 -5.892  8.469   1.00 17.32 ? 77  VAL A O   1 
ATOM   585  C CB  . VAL A 1 77 ? -15.124 -8.317  6.676   1.00 18.73 ? 77  VAL A CB  1 
ATOM   586  C CG1 . VAL A 1 77 ? -16.287 -7.837  5.819   1.00 19.10 ? 77  VAL A CG1 1 
ATOM   587  C CG2 . VAL A 1 77 ? -14.603 -9.644  6.151   1.00 19.91 ? 77  VAL A CG2 1 
ATOM   588  N N   . GLY A 1 78 ? -14.507 -4.917  6.459   1.00 17.39 ? 78  GLY A N   1 
ATOM   589  C CA  . GLY A 1 78 ? -14.936 -3.617  6.929   1.00 18.03 ? 78  GLY A CA  1 
ATOM   590  C C   . GLY A 1 78 ? -15.074 -2.633  5.785   1.00 18.81 ? 78  GLY A C   1 
ATOM   591  O O   . GLY A 1 78 ? -14.940 -3.012  4.620   1.00 18.55 ? 78  GLY A O   1 
ATOM   592  N N   . PRO A 1 79 ? -15.320 -1.350  6.088   1.00 19.01 ? 79  PRO A N   1 
ATOM   593  C CA  . PRO A 1 79 ? -15.487 -0.297  5.082   1.00 19.02 ? 79  PRO A CA  1 
ATOM   594  C C   . PRO A 1 79 ? -14.217 0.228   4.416   1.00 19.96 ? 79  PRO A C   1 
ATOM   595  O O   . PRO A 1 79 ? -13.889 1.412   4.533   1.00 18.75 ? 79  PRO A O   1 
ATOM   596  C CB  . PRO A 1 79 ? -16.223 0.791   5.858   1.00 18.43 ? 79  PRO A CB  1 
ATOM   597  C CG  . PRO A 1 79 ? -15.588 0.685   7.213   1.00 19.65 ? 79  PRO A CG  1 
ATOM   598  C CD  . PRO A 1 79 ? -15.552 -0.817  7.447   1.00 19.19 ? 79  PRO A CD  1 
ATOM   599  N N   . THR A 1 80 ? -13.499 -0.649  3.720   1.00 19.91 ? 80  THR A N   1 
ATOM   600  C CA  . THR A 1 80 ? -12.298 -0.232  3.012   1.00 18.18 ? 80  THR A CA  1 
ATOM   601  C C   . THR A 1 80 ? -12.760 0.241   1.633   1.00 19.28 ? 80  THR A C   1 
ATOM   602  O O   . THR A 1 80 ? -13.623 -0.385  1.021   1.00 20.67 ? 80  THR A O   1 
ATOM   603  C CB  . THR A 1 80 ? -11.297 -1.403  2.837   1.00 16.43 ? 80  THR A CB  1 
ATOM   604  O OG1 . THR A 1 80 ? -10.226 -0.984  1.982   1.00 17.15 ? 80  THR A OG1 1 
ATOM   605  C CG2 . THR A 1 80 ? -11.983 -2.618  2.216   1.00 16.35 ? 80  THR A CG2 1 
ATOM   606  N N   . PRO A 1 81 ? -12.201 1.352   1.127   1.00 20.22 ? 81  PRO A N   1 
ATOM   607  C CA  . PRO A 1 81 ? -12.627 1.828   -0.197  1.00 20.51 ? 81  PRO A CA  1 
ATOM   608  C C   . PRO A 1 81 ? -12.243 0.887   -1.337  1.00 21.32 ? 81  PRO A C   1 
ATOM   609  O O   . PRO A 1 81 ? -12.795 0.960   -2.435  1.00 21.59 ? 81  PRO A O   1 
ATOM   610  C CB  . PRO A 1 81 ? -11.949 3.192   -0.310  1.00 21.01 ? 81  PRO A CB  1 
ATOM   611  C CG  . PRO A 1 81 ? -10.708 3.026   0.511   1.00 21.55 ? 81  PRO A CG  1 
ATOM   612  C CD  . PRO A 1 81 ? -11.221 2.273   1.727   1.00 20.27 ? 81  PRO A CD  1 
ATOM   613  N N   . VAL A 1 82 ? -11.288 0.004   -1.073  1.00 20.91 ? 82  VAL A N   1 
ATOM   614  C CA  . VAL A 1 82 ? -10.837 -0.957  -2.074  1.00 21.30 ? 82  VAL A CA  1 
ATOM   615  C C   . VAL A 1 82 ? -10.484 -2.265  -1.386  1.00 21.20 ? 82  VAL A C   1 
ATOM   616  O O   . VAL A 1 82 ? -9.955  -2.257  -0.270  1.00 22.15 ? 82  VAL A O   1 
ATOM   617  C CB  . VAL A 1 82 ? -9.566  -0.468  -2.813  1.00 21.13 ? 82  VAL A CB  1 
ATOM   618  C CG1 . VAL A 1 82 ? -9.186  -1.459  -3.910  1.00 21.50 ? 82  VAL A CG1 1 
ATOM   619  C CG2 . VAL A 1 82 ? -9.794  0.911   -3.397  1.00 23.86 ? 82  VAL A CG2 1 
ATOM   620  N N   . ASN A 1 83 ? -10.789 -3.383  -2.039  1.00 20.06 ? 83  ASN A N   1 
ATOM   621  C CA  . ASN A 1 83 ? -10.443 -4.687  -1.486  1.00 18.64 ? 83  ASN A CA  1 
ATOM   622  C C   . ASN A 1 83 ? -8.927  -4.752  -1.527  1.00 17.51 ? 83  ASN A C   1 
ATOM   623  O O   . ASN A 1 83 ? -8.313  -4.452  -2.549  1.00 16.73 ? 83  ASN A O   1 
ATOM   624  C CB  . ASN A 1 83 ? -11.058 -5.807  -2.320  1.00 19.41 ? 83  ASN A CB  1 
ATOM   625  C CG  . ASN A 1 83 ? -12.569 -5.818  -2.235  1.00 20.49 ? 83  ASN A CG  1 
ATOM   626  O OD1 . ASN A 1 83 ? -13.137 -5.810  -1.143  1.00 21.00 ? 83  ASN A OD1 1 
ATOM   627  N ND2 . ASN A 1 83 ? -13.228 -5.830  -3.383  1.00 23.64 ? 83  ASN A ND2 1 
ATOM   628  N N   . ILE A 1 84 ? -8.327  -5.133  -0.406  1.00 17.36 ? 84  ILE A N   1 
ATOM   629  C CA  . ILE A 1 84 ? -6.881  -5.180  -0.307  1.00 15.63 ? 84  ILE A CA  1 
ATOM   630  C C   . ILE A 1 84 ? -6.305  -6.525  0.094   1.00 16.60 ? 84  ILE A C   1 
ATOM   631  O O   . ILE A 1 84 ? -6.798  -7.174  1.013   1.00 17.33 ? 84  ILE A O   1 
ATOM   632  C CB  . ILE A 1 84 ? -6.394  -4.128  0.710   1.00 15.76 ? 84  ILE A CB  1 
ATOM   633  C CG1 . ILE A 1 84 ? -6.730  -2.729  0.194   1.00 12.95 ? 84  ILE A CG1 1 
ATOM   634  C CG2 . ILE A 1 84 ? -4.902  -4.296  0.971   1.00 13.18 ? 84  ILE A CG2 1 
ATOM   635  C CD1 . ILE A 1 84 ? -6.578  -1.644  1.230   1.00 16.72 ? 84  ILE A CD1 1 
ATOM   636  N N   . ILE A 1 85 ? -5.261  -6.941  -0.618  1.00 15.88 ? 85  ILE A N   1 
ATOM   637  C CA  . ILE A 1 85 ? -4.563  -8.182  -0.309  1.00 15.20 ? 85  ILE A CA  1 
ATOM   638  C C   . ILE A 1 85 ? -3.280  -7.701  0.345   1.00 15.01 ? 85  ILE A C   1 
ATOM   639  O O   . ILE A 1 85 ? -2.429  -7.107  -0.321  1.00 15.22 ? 85  ILE A O   1 
ATOM   640  C CB  . ILE A 1 85 ? -4.209  -8.986  -1.575  1.00 15.34 ? 85  ILE A CB  1 
ATOM   641  C CG1 . ILE A 1 85 ? -5.487  -9.417  -2.300  1.00 16.84 ? 85  ILE A CG1 1 
ATOM   642  C CG2 . ILE A 1 85 ? -3.365  -10.196 -1.192  1.00 13.10 ? 85  ILE A CG2 1 
ATOM   643  C CD1 . ILE A 1 85 ? -6.423  -10.261 -1.457  1.00 17.40 ? 85  ILE A CD1 1 
ATOM   644  N N   . GLY A 1 86 ? -3.153  -7.946  1.649   1.00 15.68 ? 86  GLY A N   1 
ATOM   645  C CA  . GLY A 1 86 ? -1.986  -7.497  2.384   1.00 15.75 ? 86  GLY A CA  1 
ATOM   646  C C   . GLY A 1 86 ? -0.835  -8.478  2.466   1.00 15.87 ? 86  GLY A C   1 
ATOM   647  O O   . GLY A 1 86 ? -0.923  -9.593  1.949   1.00 15.23 ? 86  GLY A O   1 
ATOM   648  N N   . ARG A 1 87 ? 0.242   -8.054  3.127   1.00 14.75 ? 87  ARG A N   1 
ATOM   649  C CA  . ARG A 1 87 ? 1.446   -8.874  3.279   1.00 16.36 ? 87  ARG A CA  1 
ATOM   650  C C   . ARG A 1 87 ? 1.221   -10.257 3.888   1.00 15.46 ? 87  ARG A C   1 
ATOM   651  O O   . ARG A 1 87 ? 1.975   -11.184 3.591   1.00 15.61 ? 87  ARG A O   1 
ATOM   652  C CB  . ARG A 1 87 ? 2.510   -8.130  4.104   1.00 12.83 ? 87  ARG A CB  1 
ATOM   653  C CG  . ARG A 1 87 ? 3.138   -6.929  3.385   1.00 14.10 ? 87  ARG A CG  1 
ATOM   654  C CD  . ARG A 1 87 ? 4.324   -6.326  4.159   1.00 11.19 ? 87  ARG A CD  1 
ATOM   655  N NE  . ARG A 1 87 ? 3.947   -5.865  5.492   1.00 14.36 ? 87  ARG A NE  1 
ATOM   656  C CZ  . ARG A 1 87 ? 4.168   -6.533  6.623   1.00 15.73 ? 87  ARG A CZ  1 
ATOM   657  N NH1 . ARG A 1 87 ? 4.778   -7.717  6.613   1.00 12.78 ? 87  ARG A NH1 1 
ATOM   658  N NH2 . ARG A 1 87 ? 3.766   -6.016  7.778   1.00 15.52 ? 87  ARG A NH2 1 
ATOM   659  N N   . ASN A 1 88 ? 0.199   -10.407 4.725   1.00 16.77 ? 88  ASN A N   1 
ATOM   660  C CA  . ASN A 1 88 ? -0.057  -11.703 5.359   1.00 17.65 ? 88  ASN A CA  1 
ATOM   661  C C   . ASN A 1 88 ? -0.350  -12.800 4.332   1.00 19.39 ? 88  ASN A C   1 
ATOM   662  O O   . ASN A 1 88 ? -0.029  -13.972 4.555   1.00 19.26 ? 88  ASN A O   1 
ATOM   663  C CB  . ASN A 1 88 ? -1.200  -11.599 6.389   1.00 17.32 ? 88  ASN A CB  1 
ATOM   664  C CG  . ASN A 1 88 ? -2.562  -11.407 5.750   1.00 17.64 ? 88  ASN A CG  1 
ATOM   665  O OD1 . ASN A 1 88 ? -2.758  -10.502 4.951   1.00 17.08 ? 88  ASN A OD1 1 
ATOM   666  N ND2 . ASN A 1 88 ? -3.517  -12.257 6.121   1.00 17.36 ? 88  ASN A ND2 1 
ATOM   667  N N   . LEU A 1 89 ? -0.942  -12.426 3.200   1.00 20.13 ? 89  LEU A N   1 
ATOM   668  C CA  . LEU A 1 89 ? -1.234  -13.404 2.160   1.00 17.93 ? 89  LEU A CA  1 
ATOM   669  C C   . LEU A 1 89 ? -0.235  -13.309 1.002   1.00 17.42 ? 89  LEU A C   1 
ATOM   670  O O   . LEU A 1 89 ? 0.017   -14.298 0.312   1.00 16.17 ? 89  LEU A O   1 
ATOM   671  C CB  . LEU A 1 89 ? -2.667  -13.225 1.632   1.00 17.16 ? 89  LEU A CB  1 
ATOM   672  C CG  . LEU A 1 89 ? -3.806  -13.436 2.636   1.00 18.68 ? 89  LEU A CG  1 
ATOM   673  C CD1 . LEU A 1 89 ? -5.136  -13.365 1.904   1.00 18.82 ? 89  LEU A CD1 1 
ATOM   674  C CD2 . LEU A 1 89 ? -3.657  -14.787 3.337   1.00 17.50 ? 89  LEU A CD2 1 
ATOM   675  N N   . LEU A 1 90 ? 0.332   -12.125 0.777   1.00 16.80 ? 90  LEU A N   1 
ATOM   676  C CA  . LEU A 1 90 ? 1.296   -11.977 -0.312  1.00 15.52 ? 90  LEU A CA  1 
ATOM   677  C C   . LEU A 1 90 ? 2.507   -12.877 -0.064  1.00 16.07 ? 90  LEU A C   1 
ATOM   678  O O   . LEU A 1 90 ? 3.076   -13.446 -0.994  1.00 14.20 ? 90  LEU A O   1 
ATOM   679  C CB  . LEU A 1 90 ? 1.743   -10.517 -0.456  1.00 16.23 ? 90  LEU A CB  1 
ATOM   680  C CG  . LEU A 1 90 ? 0.692   -9.487  -0.903  1.00 16.29 ? 90  LEU A CG  1 
ATOM   681  C CD1 . LEU A 1 90 ? 1.346   -8.115  -1.035  1.00 16.45 ? 90  LEU A CD1 1 
ATOM   682  C CD2 . LEU A 1 90 ? 0.074   -9.901  -2.234  1.00 15.53 ? 90  LEU A CD2 1 
ATOM   683  N N   . THR A 1 91 ? 2.895   -13.026 1.196   1.00 16.58 ? 91  THR A N   1 
ATOM   684  C CA  . THR A 1 91 ? 4.039   -13.876 1.513   1.00 18.70 ? 91  THR A CA  1 
ATOM   685  C C   . THR A 1 91 ? 3.764   -15.339 1.152   1.00 19.27 ? 91  THR A C   1 
ATOM   686  O O   . THR A 1 91 ? 4.661   -16.058 0.718   1.00 19.01 ? 91  THR A O   1 
ATOM   687  C CB  . THR A 1 91 ? 4.396   -13.809 3.009   1.00 17.20 ? 91  THR A CB  1 
ATOM   688  O OG1 . THR A 1 91 ? 3.221   -14.052 3.792   1.00 18.32 ? 91  THR A OG1 1 
ATOM   689  C CG2 . THR A 1 91 ? 4.975   -12.450 3.362   1.00 17.84 ? 91  THR A CG2 1 
ATOM   690  N N   . GLN A 1 92 ? 2.521   -15.774 1.322   1.00 20.02 ? 92  GLN A N   1 
ATOM   691  C CA  . GLN A 1 92 ? 2.165   -17.161 1.032   1.00 20.43 ? 92  GLN A CA  1 
ATOM   692  C C   . GLN A 1 92 ? 2.217   -17.555 -0.442  1.00 21.45 ? 92  GLN A C   1 
ATOM   693  O O   . GLN A 1 92 ? 2.386   -18.735 -0.767  1.00 21.65 ? 92  GLN A O   1 
ATOM   694  C CB  . GLN A 1 92 ? 0.789   -17.475 1.618   1.00 20.03 ? 92  GLN A CB  1 
ATOM   695  C CG  . GLN A 1 92 ? 0.790   -17.570 3.137   1.00 21.14 ? 92  GLN A CG  1 
ATOM   696  C CD  . GLN A 1 92 ? -0.590  -17.832 3.705   1.00 23.46 ? 92  GLN A CD  1 
ATOM   697  O OE1 . GLN A 1 92 ? -1.344  -18.648 3.177   1.00 24.93 ? 92  GLN A OE1 1 
ATOM   698  N NE2 . GLN A 1 92 ? -0.924  -17.150 4.796   1.00 23.54 ? 92  GLN A NE2 1 
ATOM   699  N N   . ILE A 1 93 ? 2.072   -16.583 -1.340  1.00 21.75 ? 93  ILE A N   1 
ATOM   700  C CA  . ILE A 1 93 ? 2.131   -16.896 -2.760  1.00 21.04 ? 93  ILE A CA  1 
ATOM   701  C C   . ILE A 1 93 ? 3.517   -16.585 -3.331  1.00 21.24 ? 93  ILE A C   1 
ATOM   702  O O   . ILE A 1 93 ? 3.735   -16.644 -4.540  1.00 21.83 ? 93  ILE A O   1 
ATOM   703  C CB  . ILE A 1 93 ? 1.031   -16.145 -3.560  1.00 22.46 ? 93  ILE A CB  1 
ATOM   704  C CG1 . ILE A 1 93 ? 1.237   -14.631 -3.485  1.00 22.10 ? 93  ILE A CG1 1 
ATOM   705  C CG2 . ILE A 1 93 ? -0.348  -16.503 -2.995  1.00 24.09 ? 93  ILE A CG2 1 
ATOM   706  C CD1 . ILE A 1 93 ? 0.222   -13.846 -4.305  1.00 24.21 ? 93  ILE A CD1 1 
ATOM   707  N N   . GLY A 1 94 ? 4.458   -16.263 -2.446  1.00 19.71 ? 94  GLY A N   1 
ATOM   708  C CA  . GLY A 1 94 ? 5.821   -15.984 -2.871  1.00 17.99 ? 94  GLY A CA  1 
ATOM   709  C C   . GLY A 1 94 ? 6.021   -14.679 -3.616  1.00 19.02 ? 94  GLY A C   1 
ATOM   710  O O   . GLY A 1 94 ? 6.868   -14.587 -4.508  1.00 15.91 ? 94  GLY A O   1 
ATOM   711  N N   . CYS A 1 95 ? 5.253   -13.662 -3.243  1.00 17.86 ? 95  CYS A N   1 
ATOM   712  C CA  . CYS A 1 95 ? 5.340   -12.363 -3.902  1.00 19.24 ? 95  CYS A CA  1 
ATOM   713  C C   . CYS A 1 95 ? 6.462   -11.479 -3.354  1.00 19.42 ? 95  CYS A C   1 
ATOM   714  O O   . CYS A 1 95 ? 6.589   -11.295 -2.142  1.00 19.22 ? 95  CYS A O   1 
ATOM   715  C CB  . CYS A 1 95 ? 4.003   -11.632 -3.776  1.00 20.35 ? 95  CYS A CB  1 
ATOM   716  S SG  . CYS A 1 95 ? 3.983   -10.043 -4.608  1.00 26.76 ? 95  CYS A SG  1 
ATOM   717  N N   . THR A 1 96 ? 7.266   -10.925 -4.256  1.00 18.61 ? 96  THR A N   1 
ATOM   718  C CA  . THR A 1 96 ? 8.372   -10.053 -3.869  1.00 17.90 ? 96  THR A CA  1 
ATOM   719  C C   . THR A 1 96 ? 8.419   -8.783  -4.721  1.00 16.93 ? 96  THR A C   1 
ATOM   720  O O   . THR A 1 96 ? 7.813   -8.717  -5.791  1.00 15.63 ? 96  THR A O   1 
ATOM   721  C CB  . THR A 1 96 ? 9.732   -10.753 -4.049  1.00 18.59 ? 96  THR A CB  1 
ATOM   722  O OG1 . THR A 1 96 ? 9.929   -11.045 -5.437  1.00 18.15 ? 96  THR A OG1 1 
ATOM   723  C CG2 . THR A 1 96 ? 9.789   -12.045 -3.245  1.00 20.09 ? 96  THR A CG2 1 
ATOM   724  N N   . LEU A 1 97 ? 9.137   -7.778  -4.229  1.00 15.59 ? 97  LEU A N   1 
ATOM   725  C CA  . LEU A 1 97 ? 9.326   -6.528  -4.961  1.00 16.29 ? 97  LEU A CA  1 
ATOM   726  C C   . LEU A 1 97 ? 10.728  -6.648  -5.550  1.00 17.50 ? 97  LEU A C   1 
ATOM   727  O O   . LEU A 1 97 ? 11.650  -7.109  -4.870  1.00 18.42 ? 97  LEU A O   1 
ATOM   728  C CB  . LEU A 1 97 ? 9.261   -5.320  -4.024  1.00 14.30 ? 97  LEU A CB  1 
ATOM   729  C CG  . LEU A 1 97 ? 7.884   -4.816  -3.582  1.00 16.43 ? 97  LEU A CG  1 
ATOM   730  C CD1 . LEU A 1 97 ? 8.049   -3.798  -2.471  1.00 14.26 ? 97  LEU A CD1 1 
ATOM   731  C CD2 . LEU A 1 97 ? 7.146   -4.199  -4.772  1.00 15.43 ? 97  LEU A CD2 1 
ATOM   732  N N   . ASN A 1 98 ? 10.896  -6.242  -6.802  1.00 16.31 ? 98  ASN A N   1 
ATOM   733  C CA  . ASN A 1 98 ? 12.197  -6.345  -7.446  1.00 18.57 ? 98  ASN A CA  1 
ATOM   734  C C   . ASN A 1 98 ? 12.557  -5.127  -8.283  1.00 19.52 ? 98  ASN A C   1 
ATOM   735  O O   . ASN A 1 98 ? 11.736  -4.629  -9.049  1.00 19.34 ? 98  ASN A O   1 
ATOM   736  C CB  . ASN A 1 98 ? 12.242  -7.586  -8.351  1.00 20.67 ? 98  ASN A CB  1 
ATOM   737  C CG  . ASN A 1 98 ? 11.807  -8.852  -7.634  1.00 22.89 ? 98  ASN A CG  1 
ATOM   738  O OD1 . ASN A 1 98 ? 10.614  -9.100  -7.446  1.00 22.79 ? 98  ASN A OD1 1 
ATOM   739  N ND2 . ASN A 1 98 ? 12.775  -9.655  -7.219  1.00 23.09 ? 98  ASN A ND2 1 
ATOM   740  N N   . PHE A 1 99 ? 13.790  -4.656  -8.128  1.00 19.55 ? 99  PHE A N   1 
ATOM   741  C CA  . PHE A 1 99 ? 14.299  -3.523  -8.896  1.00 22.64 ? 99  PHE A CA  1 
ATOM   742  C C   . PHE A 1 99 ? 15.823  -3.462  -8.806  1.00 23.58 ? 99  PHE A C   1 
ATOM   743  O O   . PHE A 1 99 ? 16.430  -2.603  -9.484  1.00 24.67 ? 99  PHE A O   1 
ATOM   744  C CB  . PHE A 1 99 ? 13.688  -2.191  -8.428  1.00 22.06 ? 99  PHE A CB  1 
ATOM   745  C CG  . PHE A 1 99 ? 14.028  -1.810  -7.012  1.00 23.71 ? 99  PHE A CG  1 
ATOM   746  C CD1 . PHE A 1 99 ? 13.253  -2.261  -5.951  1.00 24.10 ? 99  PHE A CD1 1 
ATOM   747  C CD2 . PHE A 1 99 ? 15.103  -0.964  -6.744  1.00 23.77 ? 99  PHE A CD2 1 
ATOM   748  C CE1 . PHE A 1 99 ? 13.539  -1.875  -4.642  1.00 24.82 ? 99  PHE A CE1 1 
ATOM   749  C CE2 . PHE A 1 99 ? 15.396  -0.574  -5.443  1.00 25.54 ? 99  PHE A CE2 1 
ATOM   750  C CZ  . PHE A 1 99 ? 14.609  -1.030  -4.387  1.00 24.79 ? 99  PHE A CZ  1 
ATOM   751  O OXT . PHE A 1 99 ? 16.390  -4.286  -8.059  1.00 24.13 ? 99  PHE A OXT 1 
ATOM   752  N N   . PRO B 1 1  ? 17.617  -4.935  -6.017  1.00 28.12 ? 1   PRO B N   1 
ATOM   753  C CA  . PRO B 1 1  ? 17.552  -6.021  -5.017  1.00 28.05 ? 1   PRO B CA  1 
ATOM   754  C C   . PRO B 1 1  ? 16.181  -6.681  -5.069  1.00 27.52 ? 1   PRO B C   1 
ATOM   755  O O   . PRO B 1 1  ? 15.308  -6.252  -5.822  1.00 27.16 ? 1   PRO B O   1 
ATOM   756  C CB  . PRO B 1 1  ? 17.757  -5.388  -3.646  1.00 29.49 ? 1   PRO B CB  1 
ATOM   757  C CG  . PRO B 1 1  ? 18.301  -3.991  -4.003  1.00 30.75 ? 1   PRO B CG  1 
ATOM   758  C CD  . PRO B 1 1  ? 17.649  -3.633  -5.329  1.00 29.89 ? 1   PRO B CD  1 
ATOM   759  N N   . GLN B 1 2  ? 16.001  -7.731  -4.276  1.00 25.71 ? 2   GLN B N   1 
ATOM   760  C CA  . GLN B 1 2  ? 14.719  -8.416  -4.193  1.00 25.44 ? 2   GLN B CA  1 
ATOM   761  C C   . GLN B 1 2  ? 14.275  -8.284  -2.743  1.00 25.63 ? 2   GLN B C   1 
ATOM   762  O O   . GLN B 1 2  ? 15.015  -8.628  -1.817  1.00 26.67 ? 2   GLN B O   1 
ATOM   763  C CB  . GLN B 1 2  ? 14.841  -9.890  -4.574  1.00 26.06 ? 2   GLN B CB  1 
ATOM   764  C CG  . GLN B 1 2  ? 13.616  -10.703 -4.188  1.00 27.24 ? 2   GLN B CG  1 
ATOM   765  C CD  . GLN B 1 2  ? 13.592  -12.081 -4.816  1.00 29.55 ? 2   GLN B CD  1 
ATOM   766  O OE1 . GLN B 1 2  ? 13.227  -12.236 -5.983  1.00 29.66 ? 2   GLN B OE1 1 
ATOM   767  N NE2 . GLN B 1 2  ? 13.986  -13.092 -4.047  1.00 28.79 ? 2   GLN B NE2 1 
ATOM   768  N N   . ILE B 1 3  ? 13.072  -7.772  -2.544  1.00 23.17 ? 3   ILE B N   1 
ATOM   769  C CA  . ILE B 1 3  ? 12.563  -7.567  -1.200  1.00 21.39 ? 3   ILE B CA  1 
ATOM   770  C C   . ILE B 1 3  ? 11.384  -8.480  -0.912  1.00 20.63 ? 3   ILE B C   1 
ATOM   771  O O   . ILE B 1 3  ? 10.398  -8.478  -1.646  1.00 19.06 ? 3   ILE B O   1 
ATOM   772  C CB  . ILE B 1 3  ? 12.136  -6.091  -1.013  1.00 21.54 ? 3   ILE B CB  1 
ATOM   773  C CG1 . ILE B 1 3  ? 13.334  -5.176  -1.284  1.00 23.11 ? 3   ILE B CG1 1 
ATOM   774  C CG2 . ILE B 1 3  ? 11.600  -5.868  0.392   1.00 19.62 ? 3   ILE B CG2 1 
ATOM   775  C CD1 . ILE B 1 3  ? 12.991  -3.704  -1.332  1.00 25.25 ? 3   ILE B CD1 1 
ATOM   776  N N   . THR B 1 4  ? 11.498  -9.280  0.143   1.00 18.61 ? 4   THR B N   1 
ATOM   777  C CA  . THR B 1 4  ? 10.417  -10.180 0.515   1.00 17.91 ? 4   THR B CA  1 
ATOM   778  C C   . THR B 1 4  ? 9.465   -9.402  1.402   1.00 17.14 ? 4   THR B C   1 
ATOM   779  O O   . THR B 1 4  ? 9.788   -8.303  1.839   1.00 19.26 ? 4   THR B O   1 
ATOM   780  C CB  . THR B 1 4  ? 10.932  -11.421 1.261   1.00 18.96 ? 4   THR B CB  1 
ATOM   781  O OG1 . THR B 1 4  ? 11.681  -11.014 2.411   1.00 18.20 ? 4   THR B OG1 1 
ATOM   782  C CG2 . THR B 1 4  ? 11.807  -12.260 0.336   1.00 18.28 ? 4   THR B CG2 1 
ATOM   783  N N   . LEU B 1 5  ? 8.312   -9.984  1.707   1.00 16.96 ? 5   LEU B N   1 
ATOM   784  C CA  . LEU B 1 5  ? 7.309   -9.266  2.482   1.00 16.80 ? 5   LEU B CA  1 
ATOM   785  C C   . LEU B 1 5  ? 6.914   -9.777  3.863   1.00 17.08 ? 5   LEU B C   1 
ATOM   786  O O   . LEU B 1 5  ? 5.822   -9.459  4.342   1.00 16.29 ? 5   LEU B O   1 
ATOM   787  C CB  . LEU B 1 5  ? 6.059   -9.117  1.605   1.00 16.72 ? 5   LEU B CB  1 
ATOM   788  C CG  . LEU B 1 5  ? 6.370   -8.423  0.276   1.00 16.62 ? 5   LEU B CG  1 
ATOM   789  C CD1 . LEU B 1 5  ? 5.230   -8.608  -0.713  1.00 17.73 ? 5   LEU B CD1 1 
ATOM   790  C CD2 . LEU B 1 5  ? 6.627   -6.949  0.549   1.00 17.44 ? 5   LEU B CD2 1 
ATOM   791  N N   . TRP B 1 6  ? 7.783   -10.552 4.510   1.00 17.45 ? 6   TRP B N   1 
ATOM   792  C CA  . TRP B 1 6  ? 7.475   -11.056 5.841   1.00 17.85 ? 6   TRP B CA  1 
ATOM   793  C C   . TRP B 1 6  ? 7.511   -9.878  6.804   1.00 18.96 ? 6   TRP B C   1 
ATOM   794  O O   . TRP B 1 6  ? 6.865   -9.896  7.848   1.00 19.59 ? 6   TRP B O   1 
ATOM   795  C CB  . TRP B 1 6  ? 8.484   -12.130 6.272   1.00 20.37 ? 6   TRP B CB  1 
ATOM   796  C CG  . TRP B 1 6  ? 8.463   -13.330 5.370   1.00 21.98 ? 6   TRP B CG  1 
ATOM   797  C CD1 . TRP B 1 6  ? 9.270   -13.558 4.300   1.00 23.47 ? 6   TRP B CD1 1 
ATOM   798  C CD2 . TRP B 1 6  ? 7.520   -14.409 5.398   1.00 23.73 ? 6   TRP B CD2 1 
ATOM   799  N NE1 . TRP B 1 6  ? 8.890   -14.705 3.650   1.00 24.15 ? 6   TRP B NE1 1 
ATOM   800  C CE2 . TRP B 1 6  ? 7.815   -15.247 4.302   1.00 24.58 ? 6   TRP B CE2 1 
ATOM   801  C CE3 . TRP B 1 6  ? 6.450   -14.743 6.237   1.00 25.42 ? 6   TRP B CE3 1 
ATOM   802  C CZ2 . TRP B 1 6  ? 7.079   -16.405 4.023   1.00 26.52 ? 6   TRP B CZ2 1 
ATOM   803  C CZ3 . TRP B 1 6  ? 5.716   -15.895 5.961   1.00 26.85 ? 6   TRP B CZ3 1 
ATOM   804  C CH2 . TRP B 1 6  ? 6.036   -16.710 4.860   1.00 27.83 ? 6   TRP B CH2 1 
ATOM   805  N N   . LYS B 1 7  ? 8.277   -8.858  6.436   1.00 16.91 ? 7   LYS B N   1 
ATOM   806  C CA  . LYS B 1 7  ? 8.391   -7.634  7.217   1.00 17.39 ? 7   LYS B CA  1 
ATOM   807  C C   . LYS B 1 7  ? 7.997   -6.488  6.276   1.00 16.31 ? 7   LYS B C   1 
ATOM   808  O O   . LYS B 1 7  ? 8.003   -6.663  5.055   1.00 15.70 ? 7   LYS B O   1 
ATOM   809  C CB  . LYS B 1 7  ? 9.831   -7.448  7.698   1.00 18.08 ? 7   LYS B CB  1 
ATOM   810  N N   . ARG B 1 8  ? 7.637   -5.334  6.830   1.00 15.70 ? 8   ARG B N   1 
ATOM   811  C CA  . ARG B 1 8  ? 7.268   -4.193  5.997   1.00 15.90 ? 8   ARG B CA  1 
ATOM   812  C C   . ARG B 1 8  ? 8.464   -3.848  5.106   1.00 16.40 ? 8   ARG B C   1 
ATOM   813  O O   . ARG B 1 8  ? 9.599   -3.802  5.580   1.00 17.28 ? 8   ARG B O   1 
ATOM   814  C CB  . ARG B 1 8  ? 6.911   -2.981  6.866   1.00 16.67 ? 8   ARG B CB  1 
ATOM   815  C CG  . ARG B 1 8  ? 5.552   -3.070  7.563   1.00 15.90 ? 8   ARG B CG  1 
ATOM   816  C CD  . ARG B 1 8  ? 5.270   -1.796  8.353   1.00 19.76 ? 8   ARG B CD  1 
ATOM   817  N NE  . ARG B 1 8  ? 3.960   -1.819  9.002   1.00 18.07 ? 8   ARG B NE  1 
ATOM   818  C CZ  . ARG B 1 8  ? 3.493   -0.847  9.779   1.00 19.63 ? 8   ARG B CZ  1 
ATOM   819  N NH1 . ARG B 1 8  ? 4.228   0.236   10.006  1.00 19.05 ? 8   ARG B NH1 1 
ATOM   820  N NH2 . ARG B 1 8  ? 2.293   -0.954  10.333  1.00 16.38 ? 8   ARG B NH2 1 
ATOM   821  N N   . PRO B 1 9  ? 8.229   -3.620  3.802   1.00 14.81 ? 9   PRO B N   1 
ATOM   822  C CA  . PRO B 1 9  ? 9.317   -3.283  2.869   1.00 14.98 ? 9   PRO B CA  1 
ATOM   823  C C   . PRO B 1 9  ? 9.844   -1.855  3.027   1.00 15.92 ? 9   PRO B C   1 
ATOM   824  O O   . PRO B 1 9  ? 9.546   -0.974  2.222   1.00 15.14 ? 9   PRO B O   1 
ATOM   825  C CB  . PRO B 1 9  ? 8.686   -3.528  1.502   1.00 13.83 ? 9   PRO B CB  1 
ATOM   826  C CG  . PRO B 1 9  ? 7.236   -3.197  1.738   1.00 13.90 ? 9   PRO B CG  1 
ATOM   827  C CD  . PRO B 1 9  ? 6.962   -3.841  3.079   1.00 13.78 ? 9   PRO B CD  1 
ATOM   828  N N   . LEU B 1 10 ? 10.637  -1.644  4.073   1.00 18.25 ? 10  LEU B N   1 
ATOM   829  C CA  . LEU B 1 10 ? 11.202  -0.337  4.374   1.00 19.17 ? 10  LEU B CA  1 
ATOM   830  C C   . LEU B 1 10 ? 12.602  -0.166  3.791   1.00 21.08 ? 10  LEU B C   1 
ATOM   831  O O   . LEU B 1 10 ? 13.470  -1.024  3.969   1.00 21.91 ? 10  LEU B O   1 
ATOM   832  C CB  . LEU B 1 10 ? 11.262  -0.134  5.890   1.00 21.93 ? 10  LEU B CB  1 
ATOM   833  C CG  . LEU B 1 10 ? 9.948   -0.029  6.665   1.00 22.96 ? 10  LEU B CG  1 
ATOM   834  C CD1 . LEU B 1 10 ? 10.226  -0.180  8.152   1.00 25.12 ? 10  LEU B CD1 1 
ATOM   835  C CD2 . LEU B 1 10 ? 9.279   1.304   6.371   1.00 22.55 ? 10  LEU B CD2 1 
ATOM   836  N N   . VAL B 1 11 ? 12.816  0.946   3.092   1.00 19.07 ? 11  VAL B N   1 
ATOM   837  C CA  . VAL B 1 11 ? 14.114  1.232   2.495   1.00 19.93 ? 11  VAL B CA  1 
ATOM   838  C C   . VAL B 1 11 ? 14.532  2.656   2.834   1.00 20.17 ? 11  VAL B C   1 
ATOM   839  O O   . VAL B 1 11 ? 13.712  3.477   3.246   1.00 18.16 ? 11  VAL B O   1 
ATOM   840  C CB  . VAL B 1 11 ? 14.082  1.092   0.955   1.00 20.86 ? 11  VAL B CB  1 
ATOM   841  C CG1 . VAL B 1 11 ? 13.550  -0.279  0.567   1.00 22.22 ? 11  VAL B CG1 1 
ATOM   842  C CG2 . VAL B 1 11 ? 13.230  2.203   0.346   1.00 22.57 ? 11  VAL B CG2 1 
ATOM   843  N N   . THR B 1 12 ? 15.816  2.944   2.655   1.00 20.59 ? 12  THR B N   1 
ATOM   844  C CA  . THR B 1 12 ? 16.335  4.271   2.931   1.00 19.95 ? 12  THR B CA  1 
ATOM   845  C C   . THR B 1 12 ? 16.308  5.106   1.661   1.00 19.38 ? 12  THR B C   1 
ATOM   846  O O   . THR B 1 12 ? 16.695  4.637   0.587   1.00 19.91 ? 12  THR B O   1 
ATOM   847  C CB  . THR B 1 12 ? 17.784  4.197   3.450   1.00 22.38 ? 12  THR B CB  1 
ATOM   848  O OG1 . THR B 1 12 ? 17.793  3.552   4.727   1.00 22.42 ? 12  THR B OG1 1 
ATOM   849  C CG2 . THR B 1 12 ? 18.391  5.595   3.587   1.00 21.82 ? 12  THR B CG2 1 
ATOM   850  N N   . ILE B 1 13 ? 15.820  6.333   1.779   1.00 18.15 ? 13  ILE B N   1 
ATOM   851  C CA  . ILE B 1 13 ? 15.786  7.234   0.643   1.00 17.81 ? 13  ILE B CA  1 
ATOM   852  C C   . ILE B 1 13 ? 16.567  8.489   1.018   1.00 17.80 ? 13  ILE B C   1 
ATOM   853  O O   . ILE B 1 13 ? 16.779  8.777   2.194   1.00 18.50 ? 13  ILE B O   1 
ATOM   854  C CB  . ILE B 1 13 ? 14.338  7.626   0.249   1.00 17.89 ? 13  ILE B CB  1 
ATOM   855  C CG1 . ILE B 1 13 ? 13.669  8.406   1.383   1.00 19.25 ? 13  ILE B CG1 1 
ATOM   856  C CG2 . ILE B 1 13 ? 13.540  6.370   -0.090  1.00 19.33 ? 13  ILE B CG2 1 
ATOM   857  C CD1 . ILE B 1 13 ? 12.333  9.023   0.997   1.00 18.80 ? 13  ILE B CD1 1 
ATOM   858  N N   . ARG B 1 14 ? 17.029  9.213   0.010   1.00 18.47 ? 14  ARG B N   1 
ATOM   859  C CA  . ARG B 1 14 ? 17.767  10.443  0.235   1.00 19.24 ? 14  ARG B CA  1 
ATOM   860  C C   . ARG B 1 14 ? 17.020  11.518  -0.519  1.00 18.77 ? 14  ARG B C   1 
ATOM   861  O O   . ARG B 1 14 ? 16.704  11.347  -1.696  1.00 16.66 ? 14  ARG B O   1 
ATOM   862  C CB  . ARG B 1 14 ? 19.191  10.322  -0.303  1.00 22.27 ? 14  ARG B CB  1 
ATOM   863  C CG  . ARG B 1 14 ? 20.037  11.574  -0.155  1.00 25.45 ? 14  ARG B CG  1 
ATOM   864  C CD  . ARG B 1 14 ? 21.502  11.249  -0.431  1.00 30.92 ? 14  ARG B CD  1 
ATOM   865  N NE  . ARG B 1 14 ? 22.377  12.410  -0.289  1.00 35.66 ? 14  ARG B NE  1 
ATOM   866  C CZ  . ARG B 1 14 ? 22.437  13.418  -1.157  1.00 38.70 ? 14  ARG B CZ  1 
ATOM   867  N NH1 . ARG B 1 14 ? 21.670  13.415  -2.241  1.00 40.17 ? 14  ARG B NH1 1 
ATOM   868  N NH2 . ARG B 1 14 ? 23.268  14.431  -0.941  1.00 40.17 ? 14  ARG B NH2 1 
ATOM   869  N N   . ILE B 1 15 ? 16.709  12.606  0.172   1.00 18.91 ? 15  ILE B N   1 
ATOM   870  C CA  . ILE B 1 15 ? 16.004  13.720  -0.440  1.00 21.79 ? 15  ILE B CA  1 
ATOM   871  C C   . ILE B 1 15 ? 16.453  15.014  0.228   1.00 22.54 ? 15  ILE B C   1 
ATOM   872  O O   . ILE B 1 15 ? 16.414  15.145  1.450   1.00 22.34 ? 15  ILE B O   1 
ATOM   873  C CB  . ILE B 1 15 ? 14.465  13.549  -0.317  1.00 22.35 ? 15  ILE B CB  1 
ATOM   874  C CG1 . ILE B 1 15 ? 13.755  14.687  -1.050  1.00 23.70 ? 15  ILE B CG1 1 
ATOM   875  C CG2 . ILE B 1 15 ? 14.045  13.500  1.142   1.00 21.93 ? 15  ILE B CG2 1 
ATOM   876  C CD1 . ILE B 1 15 ? 12.245  14.545  -1.066  1.00 24.62 ? 15  ILE B CD1 1 
ATOM   877  N N   . GLY B 1 16 ? 16.908  15.961  -0.582  1.00 23.90 ? 16  GLY B N   1 
ATOM   878  C CA  . GLY B 1 16 ? 17.364  17.226  -0.041  1.00 25.92 ? 16  GLY B CA  1 
ATOM   879  C C   . GLY B 1 16 ? 18.492  17.045  0.954   1.00 26.23 ? 16  GLY B C   1 
ATOM   880  O O   . GLY B 1 16 ? 18.574  17.766  1.947   1.00 29.23 ? 16  GLY B O   1 
ATOM   881  N N   . GLY B 1 17 ? 19.358  16.072  0.693   1.00 26.11 ? 17  GLY B N   1 
ATOM   882  C CA  . GLY B 1 17 ? 20.480  15.827  1.576   1.00 25.98 ? 17  GLY B CA  1 
ATOM   883  C C   . GLY B 1 17 ? 20.139  15.169  2.900   1.00 25.98 ? 17  GLY B C   1 
ATOM   884  O O   . GLY B 1 17 ? 20.997  15.060  3.776   1.00 25.84 ? 17  GLY B O   1 
ATOM   885  N N   . GLN B 1 18 ? 18.894  14.735  3.060   1.00 24.94 ? 18  GLN B N   1 
ATOM   886  C CA  . GLN B 1 18 ? 18.486  14.081  4.296   1.00 25.62 ? 18  GLN B CA  1 
ATOM   887  C C   . GLN B 1 18 ? 18.064  12.634  4.061   1.00 23.47 ? 18  GLN B C   1 
ATOM   888  O O   . GLN B 1 18 ? 17.376  12.331  3.092   1.00 21.42 ? 18  GLN B O   1 
ATOM   889  C CB  . GLN B 1 18 ? 17.353  14.866  4.960   1.00 28.68 ? 18  GLN B CB  1 
ATOM   890  C CG  . GLN B 1 18 ? 17.792  16.253  5.409   1.00 36.73 ? 18  GLN B CG  1 
ATOM   891  C CD  . GLN B 1 18 ? 16.805  16.923  6.344   1.00 39.47 ? 18  GLN B CD  1 
ATOM   892  O OE1 . GLN B 1 18 ? 17.093  17.981  6.910   1.00 43.42 ? 18  GLN B OE1 1 
ATOM   893  N NE2 . GLN B 1 18 ? 15.634  16.315  6.511   1.00 40.92 ? 18  GLN B NE2 1 
ATOM   894  N N   . LEU B 1 19 ? 18.496  11.746  4.953   1.00 21.88 ? 19  LEU B N   1 
ATOM   895  C CA  . LEU B 1 19 ? 18.170  10.328  4.850   1.00 21.61 ? 19  LEU B CA  1 
ATOM   896  C C   . LEU B 1 19 ? 16.922  10.014  5.657   1.00 21.72 ? 19  LEU B C   1 
ATOM   897  O O   . LEU B 1 19 ? 16.795  10.440  6.803   1.00 22.06 ? 19  LEU B O   1 
ATOM   898  C CB  . LEU B 1 19 ? 19.328  9.466   5.367   1.00 21.64 ? 19  LEU B CB  1 
ATOM   899  C CG  . LEU B 1 19 ? 20.650  9.544   4.599   1.00 25.94 ? 19  LEU B CG  1 
ATOM   900  C CD1 . LEU B 1 19 ? 21.704  8.673   5.290   1.00 25.49 ? 19  LEU B CD1 1 
ATOM   901  C CD2 . LEU B 1 19 ? 20.429  9.088   3.165   1.00 24.95 ? 19  LEU B CD2 1 
ATOM   902  N N   . LYS B 1 20 ? 16.004  9.270   5.053   1.00 18.81 ? 20  LYS B N   1 
ATOM   903  C CA  . LYS B 1 20 ? 14.773  8.891   5.726   1.00 20.29 ? 20  LYS B CA  1 
ATOM   904  C C   . LYS B 1 20 ? 14.363  7.467   5.370   1.00 19.97 ? 20  LYS B C   1 
ATOM   905  O O   . LYS B 1 20 ? 14.748  6.942   4.325   1.00 19.67 ? 20  LYS B O   1 
ATOM   906  C CB  . LYS B 1 20 ? 13.648  9.868   5.363   1.00 22.63 ? 20  LYS B CB  1 
ATOM   907  C CG  . LYS B 1 20 ? 13.871  11.272  5.900   1.00 24.72 ? 20  LYS B CG  1 
ATOM   908  C CD  . LYS B 1 20 ? 12.623  12.118  5.767   1.00 30.51 ? 20  LYS B CD  1 
ATOM   909  C CE  . LYS B 1 20 ? 12.756  13.426  6.542   1.00 30.52 ? 20  LYS B CE  1 
ATOM   910  N NZ  . LYS B 1 20 ? 13.858  14.274  6.014   1.00 33.64 ? 20  LYS B NZ  1 
ATOM   911  N N   . GLU B 1 21 ? 13.595  6.843   6.255   1.00 17.76 ? 21  GLU B N   1 
ATOM   912  C CA  . GLU B 1 21 ? 13.116  5.487   6.030   1.00 20.06 ? 21  GLU B CA  1 
ATOM   913  C C   . GLU B 1 21 ? 11.739  5.592   5.373   1.00 17.69 ? 21  GLU B C   1 
ATOM   914  O O   . GLU B 1 21 ? 10.881  6.339   5.844   1.00 16.97 ? 21  GLU B O   1 
ATOM   915  C CB  . GLU B 1 21 ? 13.007  4.740   7.362   1.00 22.44 ? 21  GLU B CB  1 
ATOM   916  C CG  . GLU B 1 21 ? 12.754  3.255   7.215   1.00 29.72 ? 21  GLU B CG  1 
ATOM   917  C CD  . GLU B 1 21 ? 12.710  2.539   8.551   1.00 33.89 ? 21  GLU B CD  1 
ATOM   918  O OE1 . GLU B 1 21 ? 11.749  2.768   9.321   1.00 36.77 ? 21  GLU B OE1 1 
ATOM   919  O OE2 . GLU B 1 21 ? 13.639  1.750   8.833   1.00 36.17 ? 21  GLU B OE2 1 
ATOM   920  N N   . ALA B 1 22 ? 11.528  4.854   4.289   1.00 15.10 ? 22  ALA B N   1 
ATOM   921  C CA  . ALA B 1 22 ? 10.243  4.909   3.593   1.00 14.94 ? 22  ALA B CA  1 
ATOM   922  C C   . ALA B 1 22 ? 9.737   3.539   3.187   1.00 13.96 ? 22  ALA B C   1 
ATOM   923  O O   . ALA B 1 22 ? 10.517  2.630   2.911   1.00 15.04 ? 22  ALA B O   1 
ATOM   924  C CB  . ALA B 1 22 ? 10.350  5.804   2.365   1.00 13.01 ? 22  ALA B CB  1 
ATOM   925  N N   . LEU B 1 23 ? 8.417   3.419   3.130   1.00 14.16 ? 23  LEU B N   1 
ATOM   926  C CA  . LEU B 1 23 ? 7.737   2.177   2.781   1.00 13.45 ? 23  LEU B CA  1 
ATOM   927  C C   . LEU B 1 23 ? 7.422   2.055   1.287   1.00 14.05 ? 23  LEU B C   1 
ATOM   928  O O   . LEU B 1 23 ? 6.796   2.942   0.701   1.00 12.45 ? 23  LEU B O   1 
ATOM   929  C CB  . LEU B 1 23 ? 6.430   2.091   3.575   1.00 13.90 ? 23  LEU B CB  1 
ATOM   930  C CG  . LEU B 1 23 ? 5.491   0.901   3.355   1.00 17.02 ? 23  LEU B CG  1 
ATOM   931  C CD1 . LEU B 1 23 ? 6.069   -0.330  4.023   1.00 17.26 ? 23  LEU B CD1 1 
ATOM   932  C CD2 . LEU B 1 23 ? 4.116   1.221   3.953   1.00 18.83 ? 23  LEU B CD2 1 
ATOM   933  N N   . LEU B 1 24 ? 7.862   0.961   0.671   1.00 13.35 ? 24  LEU B N   1 
ATOM   934  C CA  . LEU B 1 24 ? 7.572   0.731   -0.742  1.00 13.84 ? 24  LEU B CA  1 
ATOM   935  C C   . LEU B 1 24 ? 6.120   0.253   -0.744  1.00 14.15 ? 24  LEU B C   1 
ATOM   936  O O   . LEU B 1 24 ? 5.807   -0.852  -0.297  1.00 16.36 ? 24  LEU B O   1 
ATOM   937  C CB  . LEU B 1 24 ? 8.511   -0.321  -1.310  1.00 12.58 ? 24  LEU B CB  1 
ATOM   938  C CG  . LEU B 1 24 ? 10.010  0.002   -1.211  1.00 14.10 ? 24  LEU B CG  1 
ATOM   939  C CD1 . LEU B 1 24 ? 10.786  -1.050  -1.995  1.00 15.14 ? 24  LEU B CD1 1 
ATOM   940  C CD2 . LEU B 1 24 ? 10.306  1.391   -1.767  1.00 13.97 ? 24  LEU B CD2 1 
ATOM   941  N N   . ASN B 1 25 ? 5.240   1.105   -1.255  1.00 13.91 ? 25  ASN B N   1 
ATOM   942  C CA  . ASN B 1 25 ? 3.803   0.863   -1.235  1.00 14.17 ? 25  ASN B CA  1 
ATOM   943  C C   . ASN B 1 25 ? 3.137   0.746   -2.607  1.00 13.06 ? 25  ASN B C   1 
ATOM   944  O O   . ASN B 1 25 ? 2.842   1.755   -3.243  1.00 15.17 ? 25  ASN B O   1 
ATOM   945  C CB  . ASN B 1 25 ? 3.178   2.017   -0.425  1.00 12.81 ? 25  ASN B CB  1 
ATOM   946  C CG  . ASN B 1 25 ? 1.739   1.772   -0.042  1.00 12.89 ? 25  ASN B CG  1 
ATOM   947  O OD1 . ASN B 1 25 ? 1.178   2.504   0.777   1.00 17.97 ? 25  ASN B OD1 1 
ATOM   948  N ND2 . ASN B 1 25 ? 1.133   0.760   -0.623  1.00 11.09 ? 25  ASN B ND2 1 
ATOM   949  N N   . THR B 1 26 ? 2.891   -0.482  -3.059  1.00 13.90 ? 26  THR B N   1 
ATOM   950  C CA  . THR B 1 26 ? 2.240   -0.693  -4.351  1.00 13.47 ? 26  THR B CA  1 
ATOM   951  C C   . THR B 1 26 ? 0.766   -0.269  -4.281  1.00 14.18 ? 26  THR B C   1 
ATOM   952  O O   . THR B 1 26 ? 0.096   -0.145  -5.304  1.00 14.44 ? 26  THR B O   1 
ATOM   953  C CB  . THR B 1 26 ? 2.307   -2.178  -4.792  1.00 12.72 ? 26  THR B CB  1 
ATOM   954  O OG1 . THR B 1 26 ? 1.690   -3.003  -3.798  1.00 12.06 ? 26  THR B OG1 1 
ATOM   955  C CG2 . THR B 1 26 ? 3.759   -2.618  -4.989  1.00 13.65 ? 26  THR B CG2 1 
ATOM   956  N N   . GLY B 1 27 ? 0.273   -0.049  -3.066  1.00 13.31 ? 27  GLY B N   1 
ATOM   957  C CA  . GLY B 1 27 ? -1.105  0.358   -2.875  1.00 12.82 ? 27  GLY B CA  1 
ATOM   958  C C   . GLY B 1 27 ? -1.304  1.861   -2.788  1.00 14.26 ? 27  GLY B C   1 
ATOM   959  O O   . GLY B 1 27 ? -2.356  2.329   -2.346  1.00 14.41 ? 27  GLY B O   1 
ATOM   960  N N   . ALA B 1 28 ? -0.295  2.623   -3.202  1.00 12.77 ? 28  ALA B N   1 
ATOM   961  C CA  . ALA B 1 28 ? -0.377  4.079   -3.183  1.00 12.44 ? 28  ALA B CA  1 
ATOM   962  C C   . ALA B 1 28 ? -0.054  4.602   -4.577  1.00 13.45 ? 28  ALA B C   1 
ATOM   963  O O   . ALA B 1 28 ? 0.956   4.221   -5.170  1.00 12.19 ? 28  ALA B O   1 
ATOM   964  C CB  . ALA B 1 28 ? 0.618   4.655   -2.166  1.00 12.67 ? 28  ALA B CB  1 
ATOM   965  N N   . ASP B 1 29 ? -0.922  5.457   -5.109  1.00 14.97 ? 29  ASP B N   1 
ATOM   966  C CA  . ASP B 1 29 ? -0.696  6.033   -6.431  1.00 17.64 ? 29  ASP B CA  1 
ATOM   967  C C   . ASP B 1 29 ? 0.480   7.003   -6.361  1.00 17.86 ? 29  ASP B C   1 
ATOM   968  O O   . ASP B 1 29 ? 1.322   7.063   -7.265  1.00 16.92 ? 29  ASP B O   1 
ATOM   969  C CB  . ASP B 1 29 ? -1.904  6.843   -6.907  1.00 16.37 ? 29  ASP B CB  1 
ATOM   970  C CG  . ASP B 1 29 ? -3.170  6.023   -7.032  1.00 17.83 ? 29  ASP B CG  1 
ATOM   971  O OD1 . ASP B 1 29 ? -3.105  4.778   -7.137  1.00 15.84 ? 29  ASP B OD1 1 
ATOM   972  O OD2 . ASP B 1 29 ? -4.250  6.652   -7.046  1.00 20.77 ? 29  ASP B OD2 1 
ATOM   973  N N   . ASP B 1 30 ? 0.515   7.764   -5.271  1.00 17.85 ? 30  ASP B N   1 
ATOM   974  C CA  . ASP B 1 30 ? 1.524   8.788   -5.078  1.00 17.77 ? 30  ASP B CA  1 
ATOM   975  C C   . ASP B 1 30 ? 2.439   8.573   -3.884  1.00 15.64 ? 30  ASP B C   1 
ATOM   976  O O   . ASP B 1 30 ? 2.235   7.674   -3.067  1.00 16.08 ? 30  ASP B O   1 
ATOM   977  C CB  . ASP B 1 30 ? 0.824   10.142  -4.958  1.00 20.52 ? 30  ASP B CB  1 
ATOM   978  C CG  . ASP B 1 30 ? -0.198  10.359  -6.060  1.00 22.09 ? 30  ASP B CG  1 
ATOM   979  O OD1 . ASP B 1 30 ? 0.209   10.408  -7.237  1.00 24.15 ? 30  ASP B OD1 1 
ATOM   980  O OD2 . ASP B 1 30 ? -1.404  10.461  -5.754  1.00 23.26 ? 30  ASP B OD2 1 
ATOM   981  N N   . THR B 1 31 ? 3.453   9.426   -3.809  1.00 15.48 ? 31  THR B N   1 
ATOM   982  C CA  . THR B 1 31 ? 4.458   9.396   -2.759  1.00 13.87 ? 31  THR B CA  1 
ATOM   983  C C   . THR B 1 31 ? 4.125   10.465  -1.724  1.00 15.39 ? 31  THR B C   1 
ATOM   984  O O   . THR B 1 31 ? 3.938   11.634  -2.063  1.00 16.29 ? 31  THR B O   1 
ATOM   985  C CB  . THR B 1 31 ? 5.844   9.646   -3.385  1.00 13.19 ? 31  THR B CB  1 
ATOM   986  O OG1 . THR B 1 31 ? 6.169   8.535   -4.231  1.00 13.26 ? 31  THR B OG1 1 
ATOM   987  C CG2 . THR B 1 31 ? 6.915   9.832   -2.317  1.00 13.43 ? 31  THR B CG2 1 
ATOM   988  N N   . VAL B 1 32 ? 4.022   10.051  -0.465  1.00 16.73 ? 32  VAL B N   1 
ATOM   989  C CA  . VAL B 1 32 ? 3.693   10.971  0.619   1.00 17.13 ? 32  VAL B CA  1 
ATOM   990  C C   . VAL B 1 32 ? 4.731   10.843  1.714   1.00 16.73 ? 32  VAL B C   1 
ATOM   991  O O   . VAL B 1 32 ? 4.960   9.751   2.239   1.00 15.62 ? 32  VAL B O   1 
ATOM   992  C CB  . VAL B 1 32 ? 2.306   10.663  1.229   1.00 17.55 ? 32  VAL B CB  1 
ATOM   993  C CG1 . VAL B 1 32 ? 1.927   11.748  2.231   1.00 18.11 ? 32  VAL B CG1 1 
ATOM   994  C CG2 . VAL B 1 32 ? 1.261   10.566  0.124   1.00 20.36 ? 32  VAL B CG2 1 
ATOM   995  N N   . LEU B 1 33 ? 5.361   11.965  2.050   1.00 15.45 ? 33  LEU B N   1 
ATOM   996  C CA  . LEU B 1 33 ? 6.387   11.990  3.085   1.00 16.45 ? 33  LEU B CA  1 
ATOM   997  C C   . LEU B 1 33 ? 5.951   12.847  4.265   1.00 17.16 ? 33  LEU B C   1 
ATOM   998  O O   . LEU B 1 33 ? 5.107   13.733  4.129   1.00 15.05 ? 33  LEU B O   1 
ATOM   999  C CB  . LEU B 1 33 ? 7.697   12.545  2.516   1.00 16.82 ? 33  LEU B CB  1 
ATOM   1000 C CG  . LEU B 1 33 ? 8.281   11.877  1.265   1.00 15.79 ? 33  LEU B CG  1 
ATOM   1001 C CD1 . LEU B 1 33 ? 9.559   12.589  0.868   1.00 18.60 ? 33  LEU B CD1 1 
ATOM   1002 C CD2 . LEU B 1 33 ? 8.559   10.413  1.534   1.00 15.43 ? 33  LEU B CD2 1 
ATOM   1003 N N   . GLU B 1 34 ? 6.540   12.576  5.423   1.00 18.20 ? 34  GLU B N   1 
ATOM   1004 C CA  . GLU B 1 34 ? 6.236   13.314  6.635   1.00 20.80 ? 34  GLU B CA  1 
ATOM   1005 C C   . GLU B 1 34 ? 6.610   14.786  6.497   1.00 21.85 ? 34  GLU B C   1 
ATOM   1006 O O   . GLU B 1 34 ? 7.467   15.149  5.687   1.00 18.80 ? 34  GLU B O   1 
ATOM   1007 C CB  . GLU B 1 34 ? 6.989   12.700  7.812   1.00 24.52 ? 34  GLU B CB  1 
ATOM   1008 C CG  . GLU B 1 34 ? 6.486   11.326  8.209   1.00 31.72 ? 34  GLU B CG  1 
ATOM   1009 C CD  . GLU B 1 34 ? 7.351   10.686  9.271   1.00 34.93 ? 34  GLU B CD  1 
ATOM   1010 O OE1 . GLU B 1 34 ? 7.749   11.403  10.213  1.00 38.80 ? 34  GLU B OE1 1 
ATOM   1011 O OE2 . GLU B 1 34 ? 7.625   9.471   9.166   1.00 38.35 ? 34  GLU B OE2 1 
ATOM   1012 N N   . GLU B 1 35 ? 5.965   15.626  7.303   1.00 23.20 ? 35  GLU B N   1 
ATOM   1013 C CA  . GLU B 1 35 ? 6.210   17.064  7.282   1.00 28.03 ? 35  GLU B CA  1 
ATOM   1014 C C   . GLU B 1 35 ? 7.692   17.412  7.193   1.00 27.01 ? 35  GLU B C   1 
ATOM   1015 O O   . GLU B 1 35 ? 8.506   16.915  7.971   1.00 26.27 ? 35  GLU B O   1 
ATOM   1016 C CB  . GLU B 1 35 ? 5.623   17.715  8.537   1.00 30.52 ? 35  GLU B CB  1 
ATOM   1017 C CG  . GLU B 1 35 ? 4.104   17.682  8.619   1.00 38.27 ? 35  GLU B CG  1 
ATOM   1018 C CD  . GLU B 1 35 ? 3.438   18.626  7.632   1.00 41.70 ? 35  GLU B CD  1 
ATOM   1019 O OE1 . GLU B 1 35 ? 2.192   18.723  7.659   1.00 44.56 ? 35  GLU B OE1 1 
ATOM   1020 O OE2 . GLU B 1 35 ? 4.157   19.272  6.832   1.00 43.98 ? 35  GLU B OE2 1 
ATOM   1021 N N   . MET B 1 36 ? 8.031   18.273  6.243   1.00 28.42 ? 36  MET B N   1 
ATOM   1022 C CA  . MET B 1 36 ? 9.410   18.718  6.054   1.00 31.15 ? 36  MET B CA  1 
ATOM   1023 C C   . MET B 1 36 ? 9.414   19.850  5.038   1.00 31.68 ? 36  MET B C   1 
ATOM   1024 O O   . MET B 1 36 ? 8.564   19.896  4.152   1.00 32.93 ? 36  MET B O   1 
ATOM   1025 C CB  . MET B 1 36 ? 10.283  17.574  5.529   1.00 31.22 ? 36  MET B CB  1 
ATOM   1026 C CG  . MET B 1 36 ? 10.039  17.226  4.069   1.00 31.62 ? 36  MET B CG  1 
ATOM   1027 S SD  . MET B 1 36 ? 11.130  15.909  3.479   1.00 35.70 ? 36  MET B SD  1 
ATOM   1028 C CE  . MET B 1 36 ? 12.704  16.770  3.424   1.00 33.84 ? 36  MET B CE  1 
ATOM   1029 N N   . ASN B 1 37 ? 10.366  20.765  5.160   1.00 32.23 ? 37  ASN B N   1 
ATOM   1030 C CA  . ASN B 1 37 ? 10.435  21.861  4.207   1.00 33.86 ? 37  ASN B CA  1 
ATOM   1031 C C   . ASN B 1 37 ? 11.311  21.502  3.013   1.00 33.76 ? 37  ASN B C   1 
ATOM   1032 O O   . ASN B 1 37 ? 12.454  21.070  3.164   1.00 34.19 ? 37  ASN B O   1 
ATOM   1033 C CB  . ASN B 1 37 ? 10.952  23.139  4.875   1.00 34.67 ? 37  ASN B CB  1 
ATOM   1034 C CG  . ASN B 1 37 ? 9.963   23.711  5.876   1.00 36.63 ? 37  ASN B CG  1 
ATOM   1035 O OD1 . ASN B 1 37 ? 9.885   23.261  7.018   1.00 37.84 ? 37  ASN B OD1 1 
ATOM   1036 N ND2 . ASN B 1 37 ? 9.190   24.697  5.442   1.00 38.38 ? 37  ASN B ND2 1 
ATOM   1037 N N   . LEU B 1 38 ? 10.749  21.673  1.825   1.00 32.94 ? 38  LEU B N   1 
ATOM   1038 C CA  . LEU B 1 38 ? 11.458  21.389  0.591   1.00 34.39 ? 38  LEU B CA  1 
ATOM   1039 C C   . LEU B 1 38 ? 11.521  22.673  -0.226  1.00 35.88 ? 38  LEU B C   1 
ATOM   1040 O O   . LEU B 1 38 ? 10.641  23.528  -0.118  1.00 34.79 ? 38  LEU B O   1 
ATOM   1041 C CB  . LEU B 1 38 ? 10.729  20.308  -0.212  1.00 32.02 ? 38  LEU B CB  1 
ATOM   1042 C CG  . LEU B 1 38 ? 10.647  18.898  0.372   1.00 31.40 ? 38  LEU B CG  1 
ATOM   1043 C CD1 . LEU B 1 38 ? 9.876   17.997  -0.587  1.00 31.01 ? 38  LEU B CD1 1 
ATOM   1044 C CD2 . LEU B 1 38 ? 12.046  18.355  0.598   1.00 31.64 ? 38  LEU B CD2 1 
ATOM   1045 N N   . PRO B 1 39 ? 12.575  22.833  -1.043  1.00 37.86 ? 39  PRO B N   1 
ATOM   1046 C CA  . PRO B 1 39 ? 12.733  24.028  -1.876  1.00 39.28 ? 39  PRO B CA  1 
ATOM   1047 C C   . PRO B 1 39 ? 11.731  24.008  -3.026  1.00 39.82 ? 39  PRO B C   1 
ATOM   1048 O O   . PRO B 1 39 ? 11.282  22.944  -3.447  1.00 39.96 ? 39  PRO B O   1 
ATOM   1049 C CB  . PRO B 1 39 ? 14.171  23.915  -2.383  1.00 39.21 ? 39  PRO B CB  1 
ATOM   1050 C CG  . PRO B 1 39 ? 14.846  23.060  -1.356  1.00 39.77 ? 39  PRO B CG  1 
ATOM   1051 C CD  . PRO B 1 39 ? 13.801  22.020  -1.069  1.00 38.42 ? 39  PRO B CD  1 
ATOM   1052 N N   . GLY B 1 40 ? 11.389  25.186  -3.534  1.00 40.83 ? 40  GLY B N   1 
ATOM   1053 C CA  . GLY B 1 40 ? 10.451  25.259  -4.638  1.00 41.01 ? 40  GLY B CA  1 
ATOM   1054 C C   . GLY B 1 40 ? 9.044   25.551  -4.171  1.00 40.13 ? 40  GLY B C   1 
ATOM   1055 O O   . GLY B 1 40 ? 8.726   25.367  -3.000  1.00 42.13 ? 40  GLY B O   1 
ATOM   1056 N N   . LYS B 1 41 ? 8.199   26.013  -5.084  1.00 40.28 ? 41  LYS B N   1 
ATOM   1057 C CA  . LYS B 1 41 ? 6.821   26.322  -4.738  1.00 39.04 ? 41  LYS B CA  1 
ATOM   1058 C C   . LYS B 1 41 ? 6.047   25.027  -4.540  1.00 38.65 ? 41  LYS B C   1 
ATOM   1059 O O   . LYS B 1 41 ? 6.495   23.951  -4.937  1.00 37.88 ? 41  LYS B O   1 
ATOM   1060 C CB  . LYS B 1 41 ? 6.177   27.152  -5.839  1.00 40.13 ? 41  LYS B CB  1 
ATOM   1061 N N   . TRP B 1 42 ? 4.886   25.136  -3.910  1.00 36.70 ? 42  TRP B N   1 
ATOM   1062 C CA  . TRP B 1 42 ? 4.042   23.980  -3.682  1.00 34.96 ? 42  TRP B CA  1 
ATOM   1063 C C   . TRP B 1 42 ? 2.590   24.420  -3.703  1.00 33.79 ? 42  TRP B C   1 
ATOM   1064 O O   . TRP B 1 42 ? 2.280   25.593  -3.488  1.00 33.71 ? 42  TRP B O   1 
ATOM   1065 C CB  . TRP B 1 42 ? 4.366   23.316  -2.341  1.00 35.46 ? 42  TRP B CB  1 
ATOM   1066 C CG  . TRP B 1 42 ? 4.286   24.239  -1.169  1.00 35.64 ? 42  TRP B CG  1 
ATOM   1067 C CD1 . TRP B 1 42 ? 5.296   24.997  -0.648  1.00 35.30 ? 42  TRP B CD1 1 
ATOM   1068 C CD2 . TRP B 1 42 ? 3.128   24.511  -0.374  1.00 34.94 ? 42  TRP B CD2 1 
ATOM   1069 N NE1 . TRP B 1 42 ? 4.839   25.720  0.425   1.00 35.46 ? 42  TRP B NE1 1 
ATOM   1070 C CE2 . TRP B 1 42 ? 3.513   25.442  0.616   1.00 34.83 ? 42  TRP B CE2 1 
ATOM   1071 C CE3 . TRP B 1 42 ? 1.803   24.058  -0.399  1.00 35.45 ? 42  TRP B CE3 1 
ATOM   1072 C CZ2 . TRP B 1 42 ? 2.616   25.932  1.571   1.00 35.20 ? 42  TRP B CZ2 1 
ATOM   1073 C CZ3 . TRP B 1 42 ? 0.910   24.546  0.553   1.00 34.93 ? 42  TRP B CZ3 1 
ATOM   1074 C CH2 . TRP B 1 42 ? 1.325   25.472  1.525   1.00 34.90 ? 42  TRP B CH2 1 
ATOM   1075 N N   . LYS B 1 43 ? 1.704   23.472  -3.972  1.00 30.04 ? 43  LYS B N   1 
ATOM   1076 C CA  . LYS B 1 43 ? 0.286   23.755  -4.024  1.00 27.89 ? 43  LYS B CA  1 
ATOM   1077 C C   . LYS B 1 43 ? -0.433  22.873  -3.024  1.00 26.36 ? 43  LYS B C   1 
ATOM   1078 O O   . LYS B 1 43 ? -0.038  21.731  -2.802  1.00 25.84 ? 43  LYS B O   1 
ATOM   1079 C CB  . LYS B 1 43 ? -0.243  23.492  -5.422  1.00 28.49 ? 43  LYS B CB  1 
ATOM   1080 N N   . PRO B 1 44 ? -1.492  23.399  -2.394  1.00 25.94 ? 44  PRO B N   1 
ATOM   1081 C CA  . PRO B 1 44 ? -2.261  22.628  -1.417  1.00 25.55 ? 44  PRO B CA  1 
ATOM   1082 C C   . PRO B 1 44 ? -3.011  21.542  -2.173  1.00 26.65 ? 44  PRO B C   1 
ATOM   1083 O O   . PRO B 1 44 ? -3.446  21.762  -3.307  1.00 26.98 ? 44  PRO B O   1 
ATOM   1084 C CB  . PRO B 1 44 ? -3.222  23.665  -0.831  1.00 25.48 ? 44  PRO B CB  1 
ATOM   1085 C CG  . PRO B 1 44 ? -2.507  24.965  -1.043  1.00 26.08 ? 44  PRO B CG  1 
ATOM   1086 C CD  . PRO B 1 44 ? -1.943  24.801  -2.420  1.00 25.89 ? 44  PRO B CD  1 
ATOM   1087 N N   . LYS B 1 45 ? -3.155  20.377  -1.558  1.00 25.50 ? 45  LYS B N   1 
ATOM   1088 C CA  . LYS B 1 45 ? -3.874  19.278  -2.182  1.00 26.17 ? 45  LYS B CA  1 
ATOM   1089 C C   . LYS B 1 45 ? -4.469  18.397  -1.096  1.00 26.45 ? 45  LYS B C   1 
ATOM   1090 O O   . LYS B 1 45 ? -4.058  18.458  0.061   1.00 27.54 ? 45  LYS B O   1 
ATOM   1091 C CB  . LYS B 1 45 ? -2.928  18.452  -3.070  1.00 26.12 ? 45  LYS B CB  1 
ATOM   1092 N N   . MET B 1 46 ? -5.451  17.591  -1.472  1.00 26.29 ? 46  MET B N   1 
ATOM   1093 C CA  . MET B 1 46 ? -6.070  16.674  -0.537  1.00 26.44 ? 46  MET B CA  1 
ATOM   1094 C C   . MET B 1 46 ? -6.020  15.270  -1.113  1.00 25.19 ? 46  MET B C   1 
ATOM   1095 O O   . MET B 1 46 ? -6.376  15.053  -2.271  1.00 25.46 ? 46  MET B O   1 
ATOM   1096 C CB  . MET B 1 46 ? -7.519  17.070  -0.259  1.00 30.36 ? 46  MET B CB  1 
ATOM   1097 C CG  . MET B 1 46 ? -7.658  18.268  0.659   1.00 34.70 ? 46  MET B CG  1 
ATOM   1098 S SD  . MET B 1 46 ? -9.230  18.212  1.526   1.00 42.93 ? 46  MET B SD  1 
ATOM   1099 C CE  . MET B 1 46 ? -8.819  17.091  2.868   1.00 40.37 ? 46  MET B CE  1 
ATOM   1100 N N   . ILE B 1 47 ? -5.553  14.327  -0.303  1.00 22.27 ? 47  ILE B N   1 
ATOM   1101 C CA  . ILE B 1 47 ? -5.455  12.935  -0.716  1.00 22.06 ? 47  ILE B CA  1 
ATOM   1102 C C   . ILE B 1 47 ? -6.065  12.086  0.390   1.00 20.82 ? 47  ILE B C   1 
ATOM   1103 O O   . ILE B 1 47 ? -6.147  12.518  1.538   1.00 19.97 ? 47  ILE B O   1 
ATOM   1104 C CB  . ILE B 1 47 ? -3.985  12.500  -0.916  1.00 23.52 ? 47  ILE B CB  1 
ATOM   1105 C CG1 . ILE B 1 47 ? -3.238  12.567  0.424   1.00 23.04 ? 47  ILE B CG1 1 
ATOM   1106 C CG2 . ILE B 1 47 ? -3.320  13.380  -1.957  1.00 25.11 ? 47  ILE B CG2 1 
ATOM   1107 C CD1 . ILE B 1 47 ? -1.776  12.180  0.342   1.00 25.22 ? 47  ILE B CD1 1 
ATOM   1108 N N   . GLY B 1 48 ? -6.485  10.877  0.045   1.00 19.39 ? 48  GLY B N   1 
ATOM   1109 C CA  . GLY B 1 48 ? -7.089  10.021  1.043   1.00 20.48 ? 48  GLY B CA  1 
ATOM   1110 C C   . GLY B 1 48 ? -6.782  8.547   0.906   1.00 20.41 ? 48  GLY B C   1 
ATOM   1111 O O   . GLY B 1 48 ? -6.038  8.110   0.020   1.00 17.78 ? 48  GLY B O   1 
ATOM   1112 N N   . GLY B 1 49 ? -7.378  7.789   1.816   1.00 19.87 ? 49  GLY B N   1 
ATOM   1113 C CA  . GLY B 1 49 ? -7.222  6.352   1.853   1.00 18.12 ? 49  GLY B CA  1 
ATOM   1114 C C   . GLY B 1 49 ? -8.073  5.881   3.015   1.00 19.09 ? 49  GLY B C   1 
ATOM   1115 O O   . GLY B 1 49 ? -9.111  6.473   3.317   1.00 17.79 ? 49  GLY B O   1 
ATOM   1116 N N   . ILE B 1 50 ? -7.640  4.824   3.682   1.00 18.33 ? 50  ILE B N   1 
ATOM   1117 C CA  . ILE B 1 50 ? -8.390  4.325   4.819   1.00 18.83 ? 50  ILE B CA  1 
ATOM   1118 C C   . ILE B 1 50 ? -8.392  5.384   5.921   1.00 18.90 ? 50  ILE B C   1 
ATOM   1119 O O   . ILE B 1 50 ? -7.342  5.917   6.299   1.00 17.87 ? 50  ILE B O   1 
ATOM   1120 C CB  . ILE B 1 50 ? -7.773  3.010   5.331   1.00 19.53 ? 50  ILE B CB  1 
ATOM   1121 C CG1 . ILE B 1 50 ? -7.984  1.920   4.275   1.00 19.18 ? 50  ILE B CG1 1 
ATOM   1122 C CG2 . ILE B 1 50 ? -8.399  2.608   6.660   1.00 18.27 ? 50  ILE B CG2 1 
ATOM   1123 C CD1 . ILE B 1 50 ? -7.371  0.596   4.632   1.00 21.27 ? 50  ILE B CD1 1 
ATOM   1124 N N   . GLY B 1 51 ? -9.579  5.703   6.423   1.00 19.06 ? 51  GLY B N   1 
ATOM   1125 C CA  . GLY B 1 51 ? -9.680  6.701   7.474   1.00 20.85 ? 51  GLY B CA  1 
ATOM   1126 C C   . GLY B 1 51 ? -10.105 8.083   7.005   1.00 22.77 ? 51  GLY B C   1 
ATOM   1127 O O   . GLY B 1 51 ? -10.540 8.899   7.813   1.00 23.96 ? 51  GLY B O   1 
ATOM   1128 N N   . GLY B 1 52 ? -9.975  8.366   5.713   1.00 22.72 ? 52  GLY B N   1 
ATOM   1129 C CA  . GLY B 1 52 ? -10.381 9.673   5.220   1.00 24.28 ? 52  GLY B CA  1 
ATOM   1130 C C   . GLY B 1 52 ? -9.293  10.450  4.501   1.00 23.44 ? 52  GLY B C   1 
ATOM   1131 O O   . GLY B 1 52 ? -8.311  9.871   4.042   1.00 25.15 ? 52  GLY B O   1 
ATOM   1132 N N   . PHE B 1 53 ? -9.469  11.765  4.406   1.00 23.98 ? 53  PHE B N   1 
ATOM   1133 C CA  . PHE B 1 53 ? -8.504  12.632  3.731   1.00 22.83 ? 53  PHE B CA  1 
ATOM   1134 C C   . PHE B 1 53 ? -7.555  13.350  4.680   1.00 23.35 ? 53  PHE B C   1 
ATOM   1135 O O   . PHE B 1 53 ? -7.795  13.435  5.885   1.00 23.36 ? 53  PHE B O   1 
ATOM   1136 C CB  . PHE B 1 53 ? -9.224  13.715  2.913   1.00 22.55 ? 53  PHE B CB  1 
ATOM   1137 C CG  . PHE B 1 53 ? -10.009 13.190  1.751   1.00 23.00 ? 53  PHE B CG  1 
ATOM   1138 C CD1 . PHE B 1 53 ? -11.254 12.597  1.939   1.00 24.39 ? 53  PHE B CD1 1 
ATOM   1139 C CD2 . PHE B 1 53 ? -9.497  13.277  0.460   1.00 23.30 ? 53  PHE B CD2 1 
ATOM   1140 C CE1 . PHE B 1 53 ? -11.978 12.099  0.850   1.00 24.30 ? 53  PHE B CE1 1 
ATOM   1141 C CE2 . PHE B 1 53 ? -10.212 12.782  -0.629  1.00 23.52 ? 53  PHE B CE2 1 
ATOM   1142 C CZ  . PHE B 1 53 ? -11.454 12.192  -0.432  1.00 22.88 ? 53  PHE B CZ  1 
ATOM   1143 N N   . ILE B 1 54 ? -6.463  13.853  4.113   1.00 21.81 ? 54  ILE B N   1 
ATOM   1144 C CA  . ILE B 1 54 ? -5.497  14.657  4.846   1.00 21.28 ? 54  ILE B CA  1 
ATOM   1145 C C   . ILE B 1 54 ? -5.075  15.737  3.857   1.00 21.50 ? 54  ILE B C   1 
ATOM   1146 O O   . ILE B 1 54 ? -5.208  15.563  2.641   1.00 20.16 ? 54  ILE B O   1 
ATOM   1147 C CB  . ILE B 1 54 ? -4.228  13.877  5.309   1.00 21.34 ? 54  ILE B CB  1 
ATOM   1148 C CG1 . ILE B 1 54 ? -3.460  13.329  4.106   1.00 21.61 ? 54  ILE B CG1 1 
ATOM   1149 C CG2 . ILE B 1 54 ? -4.613  12.777  6.288   1.00 22.80 ? 54  ILE B CG2 1 
ATOM   1150 C CD1 . ILE B 1 54 ? -2.078  12.811  4.463   1.00 20.66 ? 54  ILE B CD1 1 
ATOM   1151 N N   . LYS B 1 55 ? -4.599  16.860  4.378   1.00 20.17 ? 55  LYS B N   1 
ATOM   1152 C CA  . LYS B 1 55 ? -4.151  17.951  3.534   1.00 20.48 ? 55  LYS B CA  1 
ATOM   1153 C C   . LYS B 1 55 ? -2.648  17.805  3.372   1.00 19.43 ? 55  LYS B C   1 
ATOM   1154 O O   . LYS B 1 55 ? -1.932  17.588  4.345   1.00 19.36 ? 55  LYS B O   1 
ATOM   1155 C CB  . LYS B 1 55 ? -4.491  19.293  4.176   1.00 20.90 ? 55  LYS B CB  1 
ATOM   1156 N N   . VAL B 1 56 ? -2.173  17.920  2.138   1.00 19.22 ? 56  VAL B N   1 
ATOM   1157 C CA  . VAL B 1 56 ? -0.748  17.791  1.867   1.00 19.55 ? 56  VAL B CA  1 
ATOM   1158 C C   . VAL B 1 56 ? -0.246  18.942  1.002   1.00 20.68 ? 56  VAL B C   1 
ATOM   1159 O O   . VAL B 1 56 ? -1.042  19.708  0.456   1.00 21.34 ? 56  VAL B O   1 
ATOM   1160 C CB  . VAL B 1 56 ? -0.447  16.464  1.138   1.00 19.04 ? 56  VAL B CB  1 
ATOM   1161 C CG1 . VAL B 1 56 ? -0.824  15.271  2.031   1.00 17.97 ? 56  VAL B CG1 1 
ATOM   1162 C CG2 . VAL B 1 56 ? -1.218  16.410  -0.179  1.00 17.08 ? 56  VAL B CG2 1 
ATOM   1163 N N   . ARG B 1 57 ? 1.075   19.070  0.907   1.00 18.71 ? 57  ARG B N   1 
ATOM   1164 C CA  . ARG B 1 57 ? 1.698   20.091  0.074   1.00 19.62 ? 57  ARG B CA  1 
ATOM   1165 C C   . ARG B 1 57 ? 2.312   19.330  -1.095  1.00 18.92 ? 57  ARG B C   1 
ATOM   1166 O O   . ARG B 1 57 ? 3.098   18.405  -0.891  1.00 17.20 ? 57  ARG B O   1 
ATOM   1167 C CB  . ARG B 1 57 ? 2.815   20.818  0.821   1.00 22.52 ? 57  ARG B CB  1 
ATOM   1168 C CG  . ARG B 1 57 ? 2.390   21.597  2.052   1.00 27.21 ? 57  ARG B CG  1 
ATOM   1169 C CD  . ARG B 1 57 ? 3.609   22.266  2.688   1.00 32.31 ? 57  ARG B CD  1 
ATOM   1170 N NE  . ARG B 1 57 ? 3.272   23.031  3.886   1.00 38.62 ? 57  ARG B NE  1 
ATOM   1171 C CZ  . ARG B 1 57 ? 4.147   23.757  4.577   1.00 42.04 ? 57  ARG B CZ  1 
ATOM   1172 N NH1 . ARG B 1 57 ? 5.416   23.817  4.190   1.00 43.93 ? 57  ARG B NH1 1 
ATOM   1173 N NH2 . ARG B 1 57 ? 3.754   24.426  5.655   1.00 43.17 ? 57  ARG B NH2 1 
ATOM   1174 N N   . GLN B 1 58 ? 1.971   19.717  -2.316  1.00 15.79 ? 58  GLN B N   1 
ATOM   1175 C CA  . GLN B 1 58 ? 2.513   19.031  -3.474  1.00 18.25 ? 58  GLN B CA  1 
ATOM   1176 C C   . GLN B 1 58 ? 3.708   19.758  -4.079  1.00 18.43 ? 58  GLN B C   1 
ATOM   1177 O O   . GLN B 1 58 ? 3.611   20.933  -4.433  1.00 18.30 ? 58  GLN B O   1 
ATOM   1178 C CB  . GLN B 1 58 ? 1.434   18.862  -4.551  1.00 17.33 ? 58  GLN B CB  1 
ATOM   1179 C CG  . GLN B 1 58 ? 1.938   18.148  -5.809  1.00 19.52 ? 58  GLN B CG  1 
ATOM   1180 C CD  . GLN B 1 58 ? 0.880   18.023  -6.887  1.00 22.15 ? 58  GLN B CD  1 
ATOM   1181 O OE1 . GLN B 1 58 ? -0.260  17.671  -6.608  1.00 25.38 ? 58  GLN B OE1 1 
ATOM   1182 N NE2 . GLN B 1 58 ? 1.260   18.295  -8.128  1.00 23.40 ? 58  GLN B NE2 1 
ATOM   1183 N N   . TYR B 1 59 ? 4.829   19.049  -4.182  1.00 16.69 ? 59  TYR B N   1 
ATOM   1184 C CA  . TYR B 1 59 ? 6.047   19.583  -4.783  1.00 19.22 ? 59  TYR B CA  1 
ATOM   1185 C C   . TYR B 1 59 ? 6.295   18.796  -6.064  1.00 20.13 ? 59  TYR B C   1 
ATOM   1186 O O   . TYR B 1 59 ? 6.191   17.572  -6.069  1.00 19.85 ? 59  TYR B O   1 
ATOM   1187 C CB  . TYR B 1 59 ? 7.264   19.404  -3.871  1.00 20.25 ? 59  TYR B CB  1 
ATOM   1188 C CG  . TYR B 1 59 ? 7.252   20.244  -2.618  1.00 22.03 ? 59  TYR B CG  1 
ATOM   1189 C CD1 . TYR B 1 59 ? 6.523   19.851  -1.494  1.00 21.75 ? 59  TYR B CD1 1 
ATOM   1190 C CD2 . TYR B 1 59 ? 7.965   21.439  -2.559  1.00 22.53 ? 59  TYR B CD2 1 
ATOM   1191 C CE1 . TYR B 1 59 ? 6.508   20.629  -0.342  1.00 24.42 ? 59  TYR B CE1 1 
ATOM   1192 C CE2 . TYR B 1 59 ? 7.959   22.225  -1.413  1.00 24.52 ? 59  TYR B CE2 1 
ATOM   1193 C CZ  . TYR B 1 59 ? 7.229   21.815  -0.309  1.00 25.34 ? 59  TYR B CZ  1 
ATOM   1194 O OH  . TYR B 1 59 ? 7.217   22.599  0.820   1.00 28.97 ? 59  TYR B OH  1 
ATOM   1195 N N   . ASP B 1 60 ? 6.639   19.494  -7.140  1.00 20.58 ? 60  ASP B N   1 
ATOM   1196 C CA  . ASP B 1 60 ? 6.885   18.843  -8.414  1.00 21.66 ? 60  ASP B CA  1 
ATOM   1197 C C   . ASP B 1 60 ? 8.362   18.738  -8.779  1.00 21.35 ? 60  ASP B C   1 
ATOM   1198 O O   . ASP B 1 60 ? 9.194   19.496  -8.287  1.00 20.02 ? 60  ASP B O   1 
ATOM   1199 C CB  . ASP B 1 60 ? 6.146   19.588  -9.526  1.00 23.61 ? 60  ASP B CB  1 
ATOM   1200 C CG  . ASP B 1 60 ? 4.644   19.489  -9.390  1.00 26.14 ? 60  ASP B CG  1 
ATOM   1201 O OD1 . ASP B 1 60 ? 4.137   18.357  -9.240  1.00 28.11 ? 60  ASP B OD1 1 
ATOM   1202 O OD2 . ASP B 1 60 ? 3.967   20.537  -9.441  1.00 26.78 ? 60  ASP B OD2 1 
ATOM   1203 N N   1 GLN B 1 61 ? 8.668   17.778  -9.645  0.50 22.21 ? 61  GLN B N   1 
ATOM   1204 N N   2 GLN B 1 61 ? 8.672   17.786  -9.655  0.50 22.09 ? 61  GLN B N   1 
ATOM   1205 C CA  1 GLN B 1 61 ? 10.024  17.538  -10.123 0.50 23.51 ? 61  GLN B CA  1 
ATOM   1206 C CA  2 GLN B 1 61 ? 10.033  17.547  -10.135 0.50 23.23 ? 61  GLN B CA  1 
ATOM   1207 C C   1 GLN B 1 61 ? 11.089  17.548  -9.035  0.50 22.45 ? 61  GLN B C   1 
ATOM   1208 C C   2 GLN B 1 61 ? 11.096  17.543  -9.038  0.50 22.31 ? 61  GLN B C   1 
ATOM   1209 O O   1 GLN B 1 61 ? 12.105  18.233  -9.153  0.50 21.35 ? 61  GLN B O   1 
ATOM   1210 O O   2 GLN B 1 61 ? 12.119  18.218  -9.157  0.50 21.26 ? 61  GLN B O   1 
ATOM   1211 C CB  1 GLN B 1 61 ? 10.389  18.560  -11.201 0.50 25.15 ? 61  GLN B CB  1 
ATOM   1212 C CB  2 GLN B 1 61 ? 10.411  18.588  -11.198 0.50 24.49 ? 61  GLN B CB  1 
ATOM   1213 C CG  1 GLN B 1 61 ? 10.867  17.917  -12.484 0.50 29.32 ? 61  GLN B CG  1 
ATOM   1214 C CG  2 GLN B 1 61 ? 9.380   18.774  -12.300 0.50 27.70 ? 61  GLN B CG  1 
ATOM   1215 C CD  1 GLN B 1 61 ? 9.765   17.153  -13.189 0.50 31.58 ? 61  GLN B CD  1 
ATOM   1216 C CD  2 GLN B 1 61 ? 9.941   19.501  -13.515 0.50 29.69 ? 61  GLN B CD  1 
ATOM   1217 O OE1 1 GLN B 1 61 ? 10.027  16.302  -14.037 0.50 34.62 ? 61  GLN B OE1 1 
ATOM   1218 O OE1 2 GLN B 1 61 ? 9.191   20.031  -14.334 0.50 32.36 ? 61  GLN B OE1 1 
ATOM   1219 N NE2 1 GLN B 1 61 ? 8.520   17.465  -12.851 0.50 33.61 ? 61  GLN B NE2 1 
ATOM   1220 N NE2 2 GLN B 1 61 ? 11.264  19.514  -13.642 0.50 30.53 ? 61  GLN B NE2 1 
ATOM   1221 N N   . ILE B 1 62 ? 10.858  16.774  -7.981  1.00 21.91 ? 62  ILE B N   1 
ATOM   1222 C CA  . ILE B 1 62 ? 11.798  16.682  -6.872  1.00 20.38 ? 62  ILE B CA  1 
ATOM   1223 C C   . ILE B 1 62 ? 12.670  15.436  -7.051  1.00 18.93 ? 62  ILE B C   1 
ATOM   1224 O O   . ILE B 1 62 ? 12.158  14.341  -7.258  1.00 17.55 ? 62  ILE B O   1 
ATOM   1225 C CB  . ILE B 1 62 ? 11.053  16.548  -5.531  1.00 20.94 ? 62  ILE B CB  1 
ATOM   1226 C CG1 . ILE B 1 62 ? 10.157  17.769  -5.303  1.00 21.60 ? 62  ILE B CG1 1 
ATOM   1227 C CG2 . ILE B 1 62 ? 12.052  16.365  -4.401  1.00 21.49 ? 62  ILE B CG2 1 
ATOM   1228 C CD1 . ILE B 1 62 ? 10.909  19.081  -5.146  1.00 22.30 ? 62  ILE B CD1 1 
ATOM   1229 N N   . PRO B 1 63 ? 14.001  15.589  -6.966  1.00 18.79 ? 63  PRO B N   1 
ATOM   1230 C CA  . PRO B 1 63 ? 14.907  14.450  -7.122  1.00 17.59 ? 63  PRO B CA  1 
ATOM   1231 C C   . PRO B 1 63 ? 14.912  13.617  -5.847  1.00 18.21 ? 63  PRO B C   1 
ATOM   1232 O O   . PRO B 1 63 ? 15.088  14.150  -4.754  1.00 17.84 ? 63  PRO B O   1 
ATOM   1233 C CB  . PRO B 1 63 ? 16.268  15.109  -7.360  1.00 17.95 ? 63  PRO B CB  1 
ATOM   1234 C CG  . PRO B 1 63 ? 15.931  16.516  -7.786  1.00 20.78 ? 63  PRO B CG  1 
ATOM   1235 C CD  . PRO B 1 63 ? 14.766  16.845  -6.903  1.00 18.79 ? 63  PRO B CD  1 
ATOM   1236 N N   . VAL B 1 64 ? 14.714  12.314  -5.986  1.00 18.24 ? 64  VAL B N   1 
ATOM   1237 C CA  . VAL B 1 64 ? 14.718  11.427  -4.832  1.00 20.32 ? 64  VAL B CA  1 
ATOM   1238 C C   . VAL B 1 64 ? 15.574  10.216  -5.154  1.00 21.07 ? 64  VAL B C   1 
ATOM   1239 O O   . VAL B 1 64 ? 15.517  9.686   -6.261  1.00 22.51 ? 64  VAL B O   1 
ATOM   1240 C CB  . VAL B 1 64 ? 13.291  10.950  -4.471  1.00 19.30 ? 64  VAL B CB  1 
ATOM   1241 C CG1 . VAL B 1 64 ? 13.339  10.074  -3.212  1.00 21.16 ? 64  VAL B CG1 1 
ATOM   1242 C CG2 . VAL B 1 64 ? 12.376  12.153  -4.248  1.00 21.87 ? 64  VAL B CG2 1 
ATOM   1243 N N   . GLU B 1 65 ? 16.380  9.785   -4.193  1.00 20.94 ? 65  GLU B N   1 
ATOM   1244 C CA  . GLU B 1 65 ? 17.232  8.625   -4.404  1.00 22.09 ? 65  GLU B CA  1 
ATOM   1245 C C   . GLU B 1 65 ? 16.696  7.473   -3.556  1.00 21.22 ? 65  GLU B C   1 
ATOM   1246 O O   . GLU B 1 65 ? 16.606  7.583   -2.336  1.00 18.79 ? 65  GLU B O   1 
ATOM   1247 C CB  . GLU B 1 65 ? 18.665  8.964   -4.012  1.00 24.94 ? 65  GLU B CB  1 
ATOM   1248 C CG  . GLU B 1 65 ? 19.687  7.953   -4.458  1.00 29.82 ? 65  GLU B CG  1 
ATOM   1249 C CD  . GLU B 1 65 ? 21.091  8.376   -4.078  1.00 32.71 ? 65  GLU B CD  1 
ATOM   1250 O OE1 . GLU B 1 65 ? 21.496  9.494   -4.477  1.00 33.63 ? 65  GLU B OE1 1 
ATOM   1251 O OE2 . GLU B 1 65 ? 21.780  7.598   -3.379  1.00 35.01 ? 65  GLU B OE2 1 
ATOM   1252 N N   . ILE B 1 66 ? 16.333  6.373   -4.209  1.00 17.79 ? 66  ILE B N   1 
ATOM   1253 C CA  . ILE B 1 66 ? 15.778  5.226   -3.503  1.00 19.98 ? 66  ILE B CA  1 
ATOM   1254 C C   . ILE B 1 66 ? 16.708  4.029   -3.621  1.00 21.11 ? 66  ILE B C   1 
ATOM   1255 O O   . ILE B 1 66 ? 16.840  3.443   -4.694  1.00 19.60 ? 66  ILE B O   1 
ATOM   1256 C CB  . ILE B 1 66 ? 14.400  4.855   -4.080  1.00 18.52 ? 66  ILE B CB  1 
ATOM   1257 C CG1 . ILE B 1 66 ? 13.497  6.089   -4.082  1.00 20.21 ? 66  ILE B CG1 1 
ATOM   1258 C CG2 . ILE B 1 66 ? 13.774  3.738   -3.268  1.00 20.18 ? 66  ILE B CG2 1 
ATOM   1259 C CD1 . ILE B 1 66 ? 12.248  5.938   -4.935  1.00 20.79 ? 66  ILE B CD1 1 
ATOM   1260 N N   . CYS B 1 67 ? 17.347  3.668   -2.512  1.00 23.15 ? 67  CYS B N   1 
ATOM   1261 C CA  . CYS B 1 67 ? 18.281  2.547   -2.503  1.00 26.75 ? 67  CYS B CA  1 
ATOM   1262 C C   . CYS B 1 67 ? 19.292  2.708   -3.626  1.00 25.99 ? 67  CYS B C   1 
ATOM   1263 O O   . CYS B 1 67 ? 19.598  1.752   -4.334  1.00 26.91 ? 67  CYS B O   1 
ATOM   1264 C CB  . CYS B 1 67 ? 17.544  1.216   -2.673  1.00 28.90 ? 67  CYS B CB  1 
ATOM   1265 S SG  . CYS B 1 67 ? 17.124  0.406   -1.128  1.00 38.20 ? 67  CYS B SG  1 
ATOM   1266 N N   . GLY B 1 68 ? 19.792  3.927   -3.796  1.00 25.66 ? 68  GLY B N   1 
ATOM   1267 C CA  . GLY B 1 68 ? 20.772  4.181   -4.833  1.00 27.33 ? 68  GLY B CA  1 
ATOM   1268 C C   . GLY B 1 68 ? 20.206  4.458   -6.213  1.00 27.58 ? 68  GLY B C   1 
ATOM   1269 O O   . GLY B 1 68 ? 20.953  4.841   -7.113  1.00 29.17 ? 68  GLY B O   1 
ATOM   1270 N N   . HIS B 1 69 ? 18.903  4.256   -6.397  1.00 26.55 ? 69  HIS B N   1 
ATOM   1271 C CA  . HIS B 1 69 ? 18.285  4.510   -7.698  1.00 25.09 ? 69  HIS B CA  1 
ATOM   1272 C C   . HIS B 1 69 ? 17.679  5.904   -7.711  1.00 23.66 ? 69  HIS B C   1 
ATOM   1273 O O   . HIS B 1 69 ? 16.929  6.272   -6.811  1.00 22.85 ? 69  HIS B O   1 
ATOM   1274 C CB  . HIS B 1 69 ? 17.206  3.472   -8.000  1.00 26.53 ? 69  HIS B CB  1 
ATOM   1275 C CG  . HIS B 1 69 ? 17.748  2.121   -8.348  1.00 30.12 ? 69  HIS B CG  1 
ATOM   1276 N ND1 . HIS B 1 69 ? 18.490  1.366   -7.467  1.00 31.86 ? 69  HIS B ND1 1 
ATOM   1277 C CD2 . HIS B 1 69 ? 17.645  1.386   -9.481  1.00 30.65 ? 69  HIS B CD2 1 
ATOM   1278 C CE1 . HIS B 1 69 ? 18.820  0.222   -8.040  1.00 31.60 ? 69  HIS B CE1 1 
ATOM   1279 N NE2 . HIS B 1 69 ? 18.319  0.209   -9.262  1.00 32.09 ? 69  HIS B NE2 1 
ATOM   1280 N N   . LYS B 1 70 ? 18.000  6.675   -8.742  1.00 22.17 ? 70  LYS B N   1 
ATOM   1281 C CA  . LYS B 1 70 ? 17.505  8.038   -8.842  1.00 21.97 ? 70  LYS B CA  1 
ATOM   1282 C C   . LYS B 1 70 ? 16.149  8.159   -9.512  1.00 21.02 ? 70  LYS B C   1 
ATOM   1283 O O   . LYS B 1 70 ? 15.837  7.452   -10.470 1.00 21.21 ? 70  LYS B O   1 
ATOM   1284 C CB  . LYS B 1 70 ? 18.528  8.912   -9.576  1.00 22.15 ? 70  LYS B CB  1 
ATOM   1285 N N   . ALA B 1 71 ? 15.342  9.067   -8.983  1.00 18.48 ? 71  ALA B N   1 
ATOM   1286 C CA  . ALA B 1 71 ? 14.026  9.341   -9.526  1.00 17.87 ? 71  ALA B CA  1 
ATOM   1287 C C   . ALA B 1 71 ? 13.802  10.844  -9.409  1.00 16.90 ? 71  ALA B C   1 
ATOM   1288 O O   . ALA B 1 71 ? 14.419  11.504  -8.572  1.00 16.89 ? 71  ALA B O   1 
ATOM   1289 C CB  . ALA B 1 71 ? 12.959  8.577   -8.740  1.00 17.77 ? 71  ALA B CB  1 
ATOM   1290 N N   . ILE B 1 72 ? 12.948  11.388  -10.270 1.00 16.84 ? 72  ILE B N   1 
ATOM   1291 C CA  . ILE B 1 72 ? 12.615  12.812  -10.230 1.00 16.54 ? 72  ILE B CA  1 
ATOM   1292 C C   . ILE B 1 72 ? 11.126  12.897  -10.518 1.00 16.15 ? 72  ILE B C   1 
ATOM   1293 O O   . ILE B 1 72 ? 10.689  12.607  -11.628 1.00 15.35 ? 72  ILE B O   1 
ATOM   1294 C CB  . ILE B 1 72 ? 13.357  13.645  -11.309 1.00 16.88 ? 72  ILE B CB  1 
ATOM   1295 C CG1 . ILE B 1 72 ? 14.867  13.432  -11.211 1.00 16.95 ? 72  ILE B CG1 1 
ATOM   1296 C CG2 . ILE B 1 72 ? 13.056  15.131  -11.103 1.00 15.81 ? 72  ILE B CG2 1 
ATOM   1297 C CD1 . ILE B 1 72 ? 15.644  14.106  -12.330 1.00 15.74 ? 72  ILE B CD1 1 
ATOM   1298 N N   . GLY B 1 73 ? 10.348  13.286  -9.513  1.00 15.19 ? 73  GLY B N   1 
ATOM   1299 C CA  . GLY B 1 73 ? 8.921   13.381  -9.712  1.00 15.35 ? 73  GLY B CA  1 
ATOM   1300 C C   . GLY B 1 73 ? 8.195   14.129  -8.616  1.00 16.59 ? 73  GLY B C   1 
ATOM   1301 O O   . GLY B 1 73 ? 8.794   14.868  -7.828  1.00 15.63 ? 73  GLY B O   1 
ATOM   1302 N N   . THR B 1 74 ? 6.888   13.920  -8.567  1.00 15.60 ? 74  THR B N   1 
ATOM   1303 C CA  . THR B 1 74 ? 6.043   14.582  -7.582  1.00 16.72 ? 74  THR B CA  1 
ATOM   1304 C C   . THR B 1 74 ? 6.115   13.944  -6.199  1.00 16.57 ? 74  THR B C   1 
ATOM   1305 O O   . THR B 1 74 ? 6.028   12.725  -6.062  1.00 15.58 ? 74  THR B O   1 
ATOM   1306 C CB  . THR B 1 74 ? 4.578   14.586  -8.064  1.00 15.98 ? 74  THR B CB  1 
ATOM   1307 O OG1 . THR B 1 74 ? 4.511   15.243  -9.335  1.00 15.35 ? 74  THR B OG1 1 
ATOM   1308 C CG2 . THR B 1 74 ? 3.675   15.310  -7.063  1.00 17.72 ? 74  THR B CG2 1 
ATOM   1309 N N   . VAL B 1 75 ? 6.282   14.784  -5.185  1.00 15.24 ? 75  VAL B N   1 
ATOM   1310 C CA  . VAL B 1 75 ? 6.341   14.342  -3.796  1.00 16.72 ? 75  VAL B CA  1 
ATOM   1311 C C   . VAL B 1 75 ? 5.325   15.154  -2.985  1.00 17.19 ? 75  VAL B C   1 
ATOM   1312 O O   . VAL B 1 75 ? 5.311   16.386  -3.049  1.00 17.75 ? 75  VAL B O   1 
ATOM   1313 C CB  . VAL B 1 75 ? 7.753   14.565  -3.187  1.00 17.57 ? 75  VAL B CB  1 
ATOM   1314 C CG1 . VAL B 1 75 ? 7.748   14.225  -1.700  1.00 21.51 ? 75  VAL B CG1 1 
ATOM   1315 C CG2 . VAL B 1 75 ? 8.783   13.703  -3.919  1.00 17.45 ? 75  VAL B CG2 1 
ATOM   1316 N N   . LEU B 1 76 ? 4.462   14.465  -2.248  1.00 16.18 ? 76  LEU B N   1 
ATOM   1317 C CA  . LEU B 1 76 ? 3.472   15.132  -1.408  1.00 15.81 ? 76  LEU B CA  1 
ATOM   1318 C C   . LEU B 1 76 ? 4.018   15.102  0.022   1.00 17.95 ? 76  LEU B C   1 
ATOM   1319 O O   . LEU B 1 76 ? 4.614   14.106  0.448   1.00 16.09 ? 76  LEU B O   1 
ATOM   1320 C CB  . LEU B 1 76 ? 2.136   14.386  -1.471  1.00 14.64 ? 76  LEU B CB  1 
ATOM   1321 C CG  . LEU B 1 76 ? 1.605   14.096  -2.875  1.00 16.71 ? 76  LEU B CG  1 
ATOM   1322 C CD1 . LEU B 1 76 ? 0.314   13.295  -2.795  1.00 14.99 ? 76  LEU B CD1 1 
ATOM   1323 C CD2 . LEU B 1 76 ? 1.381   15.419  -3.607  1.00 15.67 ? 76  LEU B CD2 1 
ATOM   1324 N N   . VAL B 1 77 ? 3.828   16.194  0.754   1.00 16.77 ? 77  VAL B N   1 
ATOM   1325 C CA  . VAL B 1 77 ? 4.305   16.282  2.131   1.00 17.70 ? 77  VAL B CA  1 
ATOM   1326 C C   . VAL B 1 77 ? 3.124   16.583  3.043   1.00 18.75 ? 77  VAL B C   1 
ATOM   1327 O O   . VAL B 1 77 ? 2.372   17.528  2.806   1.00 19.14 ? 77  VAL B O   1 
ATOM   1328 C CB  . VAL B 1 77 ? 5.352   17.402  2.277   1.00 18.21 ? 77  VAL B CB  1 
ATOM   1329 C CG1 . VAL B 1 77 ? 5.802   17.513  3.719   1.00 20.99 ? 77  VAL B CG1 1 
ATOM   1330 C CG2 . VAL B 1 77 ? 6.532   17.120  1.366   1.00 20.82 ? 77  VAL B CG2 1 
ATOM   1331 N N   . GLY B 1 78 ? 2.956   15.776  4.084   1.00 19.45 ? 78  GLY B N   1 
ATOM   1332 C CA  . GLY B 1 78 ? 1.844   15.985  4.989   1.00 18.65 ? 78  GLY B CA  1 
ATOM   1333 C C   . GLY B 1 78 ? 1.869   15.062  6.187   1.00 18.40 ? 78  GLY B C   1 
ATOM   1334 O O   . GLY B 1 78 ? 2.805   14.277  6.351   1.00 18.15 ? 78  GLY B O   1 
ATOM   1335 N N   . PRO B 1 79 ? 0.834   15.121  7.041   1.00 18.39 ? 79  PRO B N   1 
ATOM   1336 C CA  . PRO B 1 79 ? 0.736   14.291  8.244   1.00 17.66 ? 79  PRO B CA  1 
ATOM   1337 C C   . PRO B 1 79 ? 0.455   12.811  7.996   1.00 18.57 ? 79  PRO B C   1 
ATOM   1338 O O   . PRO B 1 79 ? -0.568  12.278  8.430   1.00 19.70 ? 79  PRO B O   1 
ATOM   1339 C CB  . PRO B 1 79 ? -0.375  14.975  9.034   1.00 17.49 ? 79  PRO B CB  1 
ATOM   1340 C CG  . PRO B 1 79 ? -1.301  15.429  7.939   1.00 18.64 ? 79  PRO B CG  1 
ATOM   1341 C CD  . PRO B 1 79 ? -0.348  15.995  6.903   1.00 17.99 ? 79  PRO B CD  1 
ATOM   1342 N N   . THR B 1 80 ? 1.374   12.147  7.304   1.00 17.70 ? 80  THR B N   1 
ATOM   1343 C CA  . THR B 1 80 ? 1.226   10.729  7.018   1.00 17.42 ? 80  THR B CA  1 
ATOM   1344 C C   . THR B 1 80 ? 1.856   9.952   8.172   1.00 17.34 ? 80  THR B C   1 
ATOM   1345 O O   . THR B 1 80 ? 2.830   10.403  8.766   1.00 19.72 ? 80  THR B O   1 
ATOM   1346 C CB  . THR B 1 80 ? 1.913   10.358  5.676   1.00 16.37 ? 80  THR B CB  1 
ATOM   1347 O OG1 . THR B 1 80 ? 1.825   8.942   5.468   1.00 15.51 ? 80  THR B OG1 1 
ATOM   1348 C CG2 . THR B 1 80 ? 3.382   10.799  5.677   1.00 16.14 ? 80  THR B CG2 1 
ATOM   1349 N N   . PRO B 1 81 ? 1.285   8.789   8.528   1.00 18.55 ? 81  PRO B N   1 
ATOM   1350 C CA  . PRO B 1 81 ? 1.829   7.981   9.630   1.00 17.49 ? 81  PRO B CA  1 
ATOM   1351 C C   . PRO B 1 81 ? 3.209   7.385   9.361   1.00 18.47 ? 81  PRO B C   1 
ATOM   1352 O O   . PRO B 1 81 ? 3.940   7.045   10.293  1.00 18.79 ? 81  PRO B O   1 
ATOM   1353 C CB  . PRO B 1 81 ? 0.753   6.911   9.847   1.00 18.93 ? 81  PRO B CB  1 
ATOM   1354 C CG  . PRO B 1 81 ? 0.057   6.828   8.524   1.00 18.75 ? 81  PRO B CG  1 
ATOM   1355 C CD  . PRO B 1 81 ? -0.014  8.260   8.079   1.00 17.73 ? 81  PRO B CD  1 
ATOM   1356 N N   . VAL B 1 82 ? 3.557   7.253   8.085   1.00 16.74 ? 82  VAL B N   1 
ATOM   1357 C CA  . VAL B 1 82 ? 4.855   6.720   7.682   1.00 16.23 ? 82  VAL B CA  1 
ATOM   1358 C C   . VAL B 1 82 ? 5.201   7.287   6.310   1.00 15.87 ? 82  VAL B C   1 
ATOM   1359 O O   . VAL B 1 82 ? 4.308   7.659   5.534   1.00 15.53 ? 82  VAL B O   1 
ATOM   1360 C CB  . VAL B 1 82 ? 4.851   5.168   7.569   1.00 18.28 ? 82  VAL B CB  1 
ATOM   1361 C CG1 . VAL B 1 82 ? 4.551   4.531   8.917   1.00 20.77 ? 82  VAL B CG1 1 
ATOM   1362 C CG2 . VAL B 1 82 ? 3.826   4.725   6.542   1.00 19.35 ? 82  VAL B CG2 1 
ATOM   1363 N N   . ASN B 1 83 ? 6.491   7.369   6.010   1.00 14.69 ? 83  ASN B N   1 
ATOM   1364 C CA  . ASN B 1 83 ? 6.911   7.871   4.708   1.00 16.09 ? 83  ASN B CA  1 
ATOM   1365 C C   . ASN B 1 83 ? 6.512   6.806   3.697   1.00 16.16 ? 83  ASN B C   1 
ATOM   1366 O O   . ASN B 1 83 ? 6.808   5.616   3.878   1.00 14.60 ? 83  ASN B O   1 
ATOM   1367 C CB  . ASN B 1 83 ? 8.423   8.109   4.680   1.00 14.82 ? 83  ASN B CB  1 
ATOM   1368 C CG  . ASN B 1 83 ? 8.837   9.268   5.564   1.00 18.78 ? 83  ASN B CG  1 
ATOM   1369 O OD1 . ASN B 1 83 ? 8.224   10.334  5.528   1.00 18.70 ? 83  ASN B OD1 1 
ATOM   1370 N ND2 . ASN B 1 83 ? 9.887   9.073   6.354   1.00 18.94 ? 83  ASN B ND2 1 
ATOM   1371 N N   . ILE B 1 84 ? 5.836   7.234   2.638   1.00 13.93 ? 84  ILE B N   1 
ATOM   1372 C CA  . ILE B 1 84 ? 5.357   6.313   1.618   1.00 13.60 ? 84  ILE B CA  1 
ATOM   1373 C C   . ILE B 1 84 ? 5.870   6.591   0.207   1.00 13.92 ? 84  ILE B C   1 
ATOM   1374 O O   . ILE B 1 84 ? 5.743   7.706   -0.300  1.00 14.23 ? 84  ILE B O   1 
ATOM   1375 C CB  . ILE B 1 84 ? 3.798   6.329   1.588   1.00 15.34 ? 84  ILE B CB  1 
ATOM   1376 C CG1 . ILE B 1 84 ? 3.252   5.731   2.889   1.00 13.25 ? 84  ILE B CG1 1 
ATOM   1377 C CG2 . ILE B 1 84 ? 3.264   5.564   0.366   1.00 11.24 ? 84  ILE B CG2 1 
ATOM   1378 C CD1 . ILE B 1 84 ? 1.761   5.930   3.085   1.00 18.45 ? 84  ILE B CD1 1 
ATOM   1379 N N   . ILE B 1 85 ? 6.463   5.576   -0.415  1.00 13.44 ? 85  ILE B N   1 
ATOM   1380 C CA  . ILE B 1 85 ? 6.922   5.695   -1.794  1.00 13.27 ? 85  ILE B CA  1 
ATOM   1381 C C   . ILE B 1 85 ? 5.840   5.014   -2.631  1.00 13.96 ? 85  ILE B C   1 
ATOM   1382 O O   . ILE B 1 85 ? 5.613   3.804   -2.497  1.00 14.26 ? 85  ILE B O   1 
ATOM   1383 C CB  . ILE B 1 85 ? 8.259   4.964   -2.039  1.00 14.20 ? 85  ILE B CB  1 
ATOM   1384 C CG1 . ILE B 1 85 ? 9.338   5.520   -1.110  1.00 12.91 ? 85  ILE B CG1 1 
ATOM   1385 C CG2 . ILE B 1 85 ? 8.678   5.125   -3.506  1.00 13.24 ? 85  ILE B CG2 1 
ATOM   1386 C CD1 . ILE B 1 85 ? 9.563   7.016   -1.252  1.00 13.79 ? 85  ILE B CD1 1 
ATOM   1387 N N   . GLY B 1 86 ? 5.166   5.790   -3.476  1.00 12.73 ? 86  GLY B N   1 
ATOM   1388 C CA  . GLY B 1 86 ? 4.110   5.242   -4.305  1.00 12.21 ? 86  GLY B CA  1 
ATOM   1389 C C   . GLY B 1 86 ? 4.538   4.841   -5.708  1.00 14.15 ? 86  GLY B C   1 
ATOM   1390 O O   . GLY B 1 86 ? 5.715   4.953   -6.069  1.00 12.81 ? 86  GLY B O   1 
ATOM   1391 N N   . ARG B 1 87 ? 3.567   4.391   -6.503  1.00 12.17 ? 87  ARG B N   1 
ATOM   1392 C CA  . ARG B 1 87 ? 3.820   3.937   -7.869  1.00 12.35 ? 87  ARG B CA  1 
ATOM   1393 C C   . ARG B 1 87 ? 4.430   4.979   -8.798  1.00 13.02 ? 87  ARG B C   1 
ATOM   1394 O O   . ARG B 1 87 ? 5.125   4.620   -9.752  1.00 12.68 ? 87  ARG B O   1 
ATOM   1395 C CB  . ARG B 1 87 ? 2.522   3.399   -8.500  1.00 11.89 ? 87  ARG B CB  1 
ATOM   1396 C CG  . ARG B 1 87 ? 1.931   2.196   -7.773  1.00 13.65 ? 87  ARG B CG  1 
ATOM   1397 C CD  . ARG B 1 87 ? 0.739   1.576   -8.518  1.00 13.43 ? 87  ARG B CD  1 
ATOM   1398 N NE  . ARG B 1 87 ? -0.409  2.478   -8.583  1.00 13.46 ? 87  ARG B NE  1 
ATOM   1399 C CZ  . ARG B 1 87 ? -0.720  3.241   -9.626  1.00 15.04 ? 87  ARG B CZ  1 
ATOM   1400 N NH1 . ARG B 1 87 ? 0.029   3.223   -10.726 1.00 14.13 ? 87  ARG B NH1 1 
ATOM   1401 N NH2 . ARG B 1 87 ? -1.783  4.033   -9.565  1.00 15.91 ? 87  ARG B NH2 1 
ATOM   1402 N N   . ASN B 1 88 ? 4.168   6.259   -8.538  1.00 12.62 ? 88  ASN B N   1 
ATOM   1403 C CA  . ASN B 1 88 ? 4.704   7.311   -9.390  1.00 13.80 ? 88  ASN B CA  1 
ATOM   1404 C C   . ASN B 1 88 ? 6.226   7.269   -9.407  1.00 14.64 ? 88  ASN B C   1 
ATOM   1405 O O   . ASN B 1 88 ? 6.841   7.587   -10.424 1.00 14.34 ? 88  ASN B O   1 
ATOM   1406 C CB  . ASN B 1 88 ? 4.198   8.700   -8.949  1.00 14.34 ? 88  ASN B CB  1 
ATOM   1407 C CG  . ASN B 1 88 ? 4.833   9.189   -7.655  1.00 14.56 ? 88  ASN B CG  1 
ATOM   1408 O OD1 . ASN B 1 88 ? 4.802   8.508   -6.628  1.00 14.71 ? 88  ASN B OD1 1 
ATOM   1409 N ND2 . ASN B 1 88 ? 5.404   10.389  -7.699  1.00 15.67 ? 88  ASN B ND2 1 
ATOM   1410 N N   . LEU B 1 89 ? 6.834   6.868   -8.290  1.00 14.96 ? 89  LEU B N   1 
ATOM   1411 C CA  . LEU B 1 89 ? 8.292   6.769   -8.235  1.00 14.93 ? 89  LEU B CA  1 
ATOM   1412 C C   . LEU B 1 89 ? 8.748   5.314   -8.356  1.00 14.84 ? 89  LEU B C   1 
ATOM   1413 O O   . LEU B 1 89 ? 9.870   5.041   -8.783  1.00 15.61 ? 89  LEU B O   1 
ATOM   1414 C CB  . LEU B 1 89 ? 8.843   7.390   -6.942  1.00 14.70 ? 89  LEU B CB  1 
ATOM   1415 C CG  . LEU B 1 89 ? 8.579   8.883   -6.692  1.00 15.04 ? 89  LEU B CG  1 
ATOM   1416 C CD1 . LEU B 1 89 ? 9.369   9.340   -5.465  1.00 15.54 ? 89  LEU B CD1 1 
ATOM   1417 C CD2 . LEU B 1 89 ? 8.988   9.709   -7.912  1.00 14.08 ? 89  LEU B CD2 1 
ATOM   1418 N N   . LEU B 1 90 ? 7.890   4.369   -7.985  1.00 15.26 ? 90  LEU B N   1 
ATOM   1419 C CA  . LEU B 1 90 ? 8.275   2.967   -8.102  1.00 15.17 ? 90  LEU B CA  1 
ATOM   1420 C C   . LEU B 1 90 ? 8.483   2.586   -9.573  1.00 15.32 ? 90  LEU B C   1 
ATOM   1421 O O   . LEU B 1 90 ? 9.363   1.792   -9.900  1.00 13.23 ? 90  LEU B O   1 
ATOM   1422 C CB  . LEU B 1 90 ? 7.220   2.058   -7.460  1.00 15.14 ? 90  LEU B CB  1 
ATOM   1423 C CG  . LEU B 1 90 ? 7.094   2.161   -5.939  1.00 17.08 ? 90  LEU B CG  1 
ATOM   1424 C CD1 . LEU B 1 90 ? 5.962   1.261   -5.448  1.00 16.89 ? 90  LEU B CD1 1 
ATOM   1425 C CD2 . LEU B 1 90 ? 8.414   1.770   -5.288  1.00 16.99 ? 90  LEU B CD2 1 
ATOM   1426 N N   . THR B 1 91 ? 7.687   3.172   -10.466 1.00 15.93 ? 91  THR B N   1 
ATOM   1427 C CA  . THR B 1 91 ? 7.820   2.874   -11.886 1.00 14.64 ? 91  THR B CA  1 
ATOM   1428 C C   . THR B 1 91 ? 9.124   3.451   -12.431 1.00 16.91 ? 91  THR B C   1 
ATOM   1429 O O   . THR B 1 91 ? 9.765   2.854   -13.299 1.00 13.98 ? 91  THR B O   1 
ATOM   1430 C CB  . THR B 1 91 ? 6.631   3.451   -12.707 1.00 16.43 ? 91  THR B CB  1 
ATOM   1431 O OG1 . THR B 1 91 ? 6.525   4.858   -12.479 1.00 14.37 ? 91  THR B OG1 1 
ATOM   1432 C CG2 . THR B 1 91 ? 5.318   2.784   -12.299 1.00 16.57 ? 91  THR B CG2 1 
ATOM   1433 N N   . GLN B 1 92 ? 9.521   4.610   -11.908 1.00 15.73 ? 92  GLN B N   1 
ATOM   1434 C CA  . GLN B 1 92 ? 10.745  5.263   -12.354 1.00 16.55 ? 92  GLN B CA  1 
ATOM   1435 C C   . GLN B 1 92 ? 12.003  4.457   -12.030 1.00 18.01 ? 92  GLN B C   1 
ATOM   1436 O O   . GLN B 1 92 ? 12.981  4.519   -12.772 1.00 18.80 ? 92  GLN B O   1 
ATOM   1437 C CB  . GLN B 1 92 ? 10.866  6.665   -11.741 1.00 14.34 ? 92  GLN B CB  1 
ATOM   1438 C CG  . GLN B 1 92 ? 9.963   7.697   -12.382 1.00 14.93 ? 92  GLN B CG  1 
ATOM   1439 C CD  . GLN B 1 92 ? 10.388  9.121   -12.053 1.00 17.01 ? 92  GLN B CD  1 
ATOM   1440 O OE1 . GLN B 1 92 ? 11.577  9.401   -11.887 1.00 14.20 ? 92  GLN B OE1 1 
ATOM   1441 N NE2 . GLN B 1 92 ? 9.417   10.030  -11.977 1.00 15.00 ? 92  GLN B NE2 1 
ATOM   1442 N N   . ILE B 1 93 ? 11.996  3.717   -10.923 1.00 17.19 ? 93  ILE B N   1 
ATOM   1443 C CA  . ILE B 1 93 ? 13.174  2.924   -10.582 1.00 18.78 ? 93  ILE B CA  1 
ATOM   1444 C C   . ILE B 1 93 ? 13.042  1.497   -11.107 1.00 19.26 ? 93  ILE B C   1 
ATOM   1445 O O   . ILE B 1 93 ? 13.858  0.631   -10.784 1.00 19.60 ? 93  ILE B O   1 
ATOM   1446 C CB  . ILE B 1 93 ? 13.443  2.881   -9.057  1.00 16.70 ? 93  ILE B CB  1 
ATOM   1447 C CG1 . ILE B 1 93 ? 12.296  2.188   -8.325  1.00 17.87 ? 93  ILE B CG1 1 
ATOM   1448 C CG2 . ILE B 1 93 ? 13.631  4.293   -8.512  1.00 17.73 ? 93  ILE B CG2 1 
ATOM   1449 C CD1 . ILE B 1 93 ? 12.622  1.912   -6.856  1.00 15.85 ? 93  ILE B CD1 1 
ATOM   1450 N N   . GLY B 1 94 ? 12.008  1.265   -11.915 1.00 19.21 ? 94  GLY B N   1 
ATOM   1451 C CA  . GLY B 1 94 ? 11.790  -0.044  -12.512 1.00 18.14 ? 94  GLY B CA  1 
ATOM   1452 C C   . GLY B 1 94 ? 11.369  -1.149  -11.563 1.00 19.42 ? 94  GLY B C   1 
ATOM   1453 O O   . GLY B 1 94 ? 11.736  -2.309  -11.746 1.00 18.24 ? 94  GLY B O   1 
ATOM   1454 N N   . CYS B 1 95 ? 10.585  -0.801  -10.553 1.00 18.31 ? 95  CYS B N   1 
ATOM   1455 C CA  . CYS B 1 95 ? 10.140  -1.783  -9.580  1.00 17.47 ? 95  CYS B CA  1 
ATOM   1456 C C   . CYS B 1 95 ? 8.930   -2.573  -10.078 1.00 18.85 ? 95  CYS B C   1 
ATOM   1457 O O   . CYS B 1 95 ? 7.977   -1.996  -10.614 1.00 17.84 ? 95  CYS B O   1 
ATOM   1458 C CB  . CYS B 1 95 ? 9.798   -1.078  -8.263  1.00 18.12 ? 95  CYS B CB  1 
ATOM   1459 S SG  . CYS B 1 95 ? 9.331   -2.191  -6.930  1.00 22.34 ? 95  CYS B SG  1 
ATOM   1460 N N   . THR B 1 96 ? 8.981   -3.895  -9.919  1.00 16.05 ? 96  THR B N   1 
ATOM   1461 C CA  . THR B 1 96 ? 7.874   -4.763  -10.315 1.00 16.06 ? 96  THR B CA  1 
ATOM   1462 C C   . THR B 1 96 ? 7.528   -5.716  -9.167  1.00 17.49 ? 96  THR B C   1 
ATOM   1463 O O   . THR B 1 96 ? 8.341   -5.946  -8.267  1.00 18.09 ? 96  THR B O   1 
ATOM   1464 C CB  . THR B 1 96 ? 8.221   -5.647  -11.548 1.00 16.95 ? 96  THR B CB  1 
ATOM   1465 O OG1 . THR B 1 96 ? 9.276   -6.556  -11.206 1.00 15.33 ? 96  THR B OG1 1 
ATOM   1466 C CG2 . THR B 1 96 ? 8.659   -4.787  -12.725 1.00 18.54 ? 96  THR B CG2 1 
ATOM   1467 N N   . LEU B 1 97 ? 6.314   -6.255  -9.208  1.00 16.57 ? 97  LEU B N   1 
ATOM   1468 C CA  . LEU B 1 97 ? 5.847   -7.229  -8.230  1.00 18.39 ? 97  LEU B CA  1 
ATOM   1469 C C   . LEU B 1 97 ? 5.971   -8.553  -8.971  1.00 20.07 ? 97  LEU B C   1 
ATOM   1470 O O   . LEU B 1 97 ? 5.552   -8.659  -10.126 1.00 20.00 ? 97  LEU B O   1 
ATOM   1471 C CB  . LEU B 1 97 ? 4.378   -6.992  -7.871  1.00 19.48 ? 97  LEU B CB  1 
ATOM   1472 C CG  . LEU B 1 97 ? 4.017   -6.145  -6.652  1.00 22.31 ? 97  LEU B CG  1 
ATOM   1473 C CD1 . LEU B 1 97 ? 2.501   -5.939  -6.609  1.00 23.04 ? 97  LEU B CD1 1 
ATOM   1474 C CD2 . LEU B 1 97 ? 4.496   -6.844  -5.388  1.00 22.12 ? 97  LEU B CD2 1 
ATOM   1475 N N   . ASN B 1 98 ? 6.535   -9.561  -8.318  1.00 19.40 ? 98  ASN B N   1 
ATOM   1476 C CA  . ASN B 1 98 ? 6.719   -10.851 -8.970  1.00 21.02 ? 98  ASN B CA  1 
ATOM   1477 C C   . ASN B 1 98 ? 6.356   -12.034 -8.076  1.00 21.34 ? 98  ASN B C   1 
ATOM   1478 O O   . ASN B 1 98 ? 6.510   -11.974 -6.856  1.00 20.30 ? 98  ASN B O   1 
ATOM   1479 C CB  . ASN B 1 98 ? 8.182   -10.992 -9.419  1.00 21.08 ? 98  ASN B CB  1 
ATOM   1480 C CG  . ASN B 1 98 ? 8.629   -9.860  -10.339 1.00 23.33 ? 98  ASN B CG  1 
ATOM   1481 O OD1 . ASN B 1 98 ? 8.656   -10.009 -11.560 1.00 25.43 ? 98  ASN B OD1 1 
ATOM   1482 N ND2 . ASN B 1 98 ? 8.969   -8.721  -9.753  1.00 21.29 ? 98  ASN B ND2 1 
ATOM   1483 N N   . PHE B 1 99 ? 5.864   -13.102 -8.697  1.00 22.39 ? 99  PHE B N   1 
ATOM   1484 C CA  . PHE B 1 99 ? 5.516   -14.335 -7.992  1.00 24.88 ? 99  PHE B CA  1 
ATOM   1485 C C   . PHE B 1 99 ? 5.215   -15.453 -8.985  1.00 25.93 ? 99  PHE B C   1 
ATOM   1486 O O   . PHE B 1 99 ? 5.326   -15.194 -10.204 1.00 24.04 ? 99  PHE B O   1 
ATOM   1487 C CB  . PHE B 1 99 ? 4.313   -14.140 -7.054  1.00 25.68 ? 99  PHE B CB  1 
ATOM   1488 C CG  . PHE B 1 99 ? 3.032   -13.784 -7.754  1.00 27.27 ? 99  PHE B CG  1 
ATOM   1489 C CD1 . PHE B 1 99 ? 2.747   -12.464 -8.084  1.00 28.43 ? 99  PHE B CD1 1 
ATOM   1490 C CD2 . PHE B 1 99 ? 2.094   -14.769 -8.054  1.00 27.73 ? 99  PHE B CD2 1 
ATOM   1491 C CE1 . PHE B 1 99 ? 1.541   -12.127 -8.701  1.00 29.06 ? 99  PHE B CE1 1 
ATOM   1492 C CE2 . PHE B 1 99 ? 0.890   -14.445 -8.668  1.00 28.81 ? 99  PHE B CE2 1 
ATOM   1493 C CZ  . PHE B 1 99 ? 0.612   -13.119 -8.993  1.00 29.83 ? 99  PHE B CZ  1 
ATOM   1494 O OXT . PHE B 1 99 ? 4.876   -16.568 -8.532  1.00 27.79 ? 99  PHE B OXT 1 
ATOM   1495 N N   1 ILE C 2 1  ? -10.559 8.828   -2.824  0.50 20.93 ? 1   ILE P N   1 
ATOM   1496 N N   2 ILE C 2 1  ? -10.837 8.569   -0.050  0.50 23.47 ? 1   ILE P N   1 
ATOM   1497 C CA  1 ILE C 2 1  ? -10.393 8.283   -1.452  0.50 22.27 ? 1   ILE P CA  1 
ATOM   1498 C CA  2 ILE C 2 1  ? -10.454 8.235   -1.443  0.50 22.39 ? 1   ILE P CA  1 
ATOM   1499 C C   1 ILE C 2 1  ? -9.562  6.993   -1.466  0.50 21.62 ? 1   ILE P C   1 
ATOM   1500 C C   2 ILE C 2 1  ? -9.653  6.928   -1.468  0.50 22.40 ? 1   ILE P C   1 
ATOM   1501 O O   1 ILE C 2 1  ? -9.153  6.496   -0.406  0.50 23.08 ? 1   ILE P O   1 
ATOM   1502 O O   2 ILE C 2 1  ? -9.377  6.345   -0.431  0.50 23.23 ? 1   ILE P O   1 
ATOM   1503 C CB  1 ILE C 2 1  ? -11.783 7.983   -0.808  0.50 20.15 ? 1   ILE P CB  1 
ATOM   1504 C CB  2 ILE C 2 1  ? -9.628  9.391   -2.093  0.50 20.82 ? 1   ILE P CB  1 
ATOM   1505 C CG1 1 ILE C 2 1  ? -11.629 7.574   0.655   0.50 18.48 ? 1   ILE P CG1 1 
ATOM   1506 C CG1 2 ILE C 2 1  ? -10.005 9.527   -3.570  0.50 21.51 ? 1   ILE P CG1 1 
ATOM   1507 C CG2 1 ILE C 2 1  ? -12.494 6.912   -1.597  0.50 19.69 ? 1   ILE P CG2 1 
ATOM   1508 C CG2 2 ILE C 2 1  ? -8.125  9.106   -2.041  0.50 17.77 ? 1   ILE P CG2 1 
ATOM   1509 C CD1 1 ILE C 2 1  ? -11.267 8.711   1.583   0.50 17.37 ? 1   ILE P CD1 1 
ATOM   1510 C CD1 2 ILE C 2 1  ? -9.144  10.513  -4.327  0.50 21.21 ? 1   ILE P CD1 1 
ATOM   1511 N N   . ARG C 2 2  ? -9.289  6.456   -2.651  1.00 22.75 ? 2   ARG P N   1 
ATOM   1512 C CA  . ARG C 2 2  ? -8.522  5.227   -2.720  1.00 24.76 ? 2   ARG P CA  1 
ATOM   1513 C C   . ARG C 2 2  ? -7.135  5.397   -3.297  1.00 23.35 ? 2   ARG P C   1 
ATOM   1514 O O   . ARG C 2 2  ? -6.584  4.462   -3.877  1.00 23.59 ? 2   ARG P O   1 
ATOM   1515 C CB  . ARG C 2 2  ? -9.303  4.171   -3.493  1.00 29.36 ? 2   ARG P CB  1 
ATOM   1516 C CG  . ARG C 2 2  ? -9.771  4.609   -4.837  1.00 32.29 ? 2   ARG P CG  1 
ATOM   1517 C CD  . ARG C 2 2  ? -11.146 4.051   -5.108  1.00 36.22 ? 2   ARG P CD  1 
ATOM   1518 N NE  . ARG C 2 2  ? -11.834 4.845   -6.117  1.00 41.59 ? 2   ARG P NE  1 
ATOM   1519 C CZ  . ARG C 2 2  ? -13.141 4.797   -6.343  1.00 44.45 ? 2   ARG P CZ  1 
ATOM   1520 N NH1 . ARG C 2 2  ? -13.912 3.984   -5.627  1.00 46.22 ? 2   ARG P NH1 1 
ATOM   1521 N NH2 . ARG C 2 2  ? -13.677 5.578   -7.274  1.00 46.96 ? 2   ARG P NH2 1 
ATOM   1522 N N   . LYS C 2 3  ? -6.542  6.570   -3.112  1.00 20.65 ? 3   LYS P N   1 
ATOM   1523 C CA  . LYS C 2 3  ? -5.218  6.799   -3.670  1.00 21.04 ? 3   LYS P CA  1 
ATOM   1524 C C   . LYS C 2 3  ? -4.053  6.296   -2.822  1.00 19.80 ? 3   LYS P C   1 
ATOM   1525 O O   . LYS C 2 3  ? -3.098  5.749   -3.370  1.00 19.37 ? 3   LYS P O   1 
ATOM   1526 C CB  . LYS C 2 3  ? -5.029  8.287   -3.981  1.00 22.91 ? 3   LYS P CB  1 
ATOM   1527 C CG  . LYS C 2 3  ? -6.152  8.853   -4.845  1.00 26.62 ? 3   LYS P CG  1 
ATOM   1528 C CD  . LYS C 2 3  ? -5.663  9.908   -5.822  1.00 31.54 ? 3   LYS P CD  1 
ATOM   1529 C CE  . LYS C 2 3  ? -5.105  11.122  -5.115  1.00 33.94 ? 3   LYS P CE  1 
ATOM   1530 N NZ  . LYS C 2 3  ? -4.737  12.190  -6.094  1.00 37.88 ? 3   LYS P NZ  1 
ATOM   1531 N N   . ILE C 2 4  ? -4.125  6.473   -1.504  1.00 18.13 ? 4   ILE P N   1 
ATOM   1532 C CA  . ILE C 2 4  ? -3.038  6.042   -0.627  1.00 18.84 ? 4   ILE P CA  1 
ATOM   1533 C C   . ILE C 2 4  ? -3.533  5.000   0.369   1.00 19.18 ? 4   ILE P C   1 
ATOM   1534 O O   . ILE C 2 4  ? -3.980  5.332   1.469   1.00 20.18 ? 4   ILE P O   1 
ATOM   1535 C CB  . ILE C 2 4  ? -2.433  7.236   0.138   1.00 18.48 ? 4   ILE P CB  1 
ATOM   1536 C CG1 . ILE C 2 4  ? -2.105  8.369   -0.839  1.00 18.97 ? 4   ILE P CG1 1 
ATOM   1537 C CG2 . ILE C 2 4  ? -1.172  6.805   0.866   1.00 19.61 ? 4   ILE P CG2 1 
ATOM   1538 C CD1 . ILE C 2 4  ? -1.086  8.016   -1.909  1.00 19.05 ? 4   ILE P CD1 1 
ATOM   1539 N N   . LEU C 2 5  ? -3.419  3.734   -0.013  1.00 16.30 ? 5   LEU P N   1 
ATOM   1540 C CA  . LEU C 2 5  ? -3.907  2.648   0.819   1.00 17.40 ? 5   LEU P CA  1 
ATOM   1541 C C   . LEU C 2 5  ? -2.934  1.994   1.795   1.00 16.76 ? 5   LEU P C   1 
ATOM   1542 O O   . LEU C 2 5  ? -2.822  0.769   1.831   1.00 15.53 ? 5   LEU P O   1 
ATOM   1543 C CB  . LEU C 2 5  ? -4.555  1.587   -0.073  1.00 16.15 ? 5   LEU P CB  1 
ATOM   1544 C CG  . LEU C 2 5  ? -6.035  1.749   -0.462  1.00 20.41 ? 5   LEU P CG  1 
ATOM   1545 C CD1 . LEU C 2 5  ? -6.550  3.171   -0.254  1.00 19.60 ? 5   LEU P CD1 1 
ATOM   1546 C CD2 . LEU C 2 5  ? -6.197  1.310   -1.908  1.00 18.34 ? 5   LEU P CD2 1 
ATOM   1547 N N   . PHE C 2 6  ? -2.232  2.811   2.578   1.00 16.53 ? 6   PHE P N   1 
ATOM   1548 C CA  . PHE C 2 6  ? -1.339  2.285   3.603   1.00 16.63 ? 6   PHE P CA  1 
ATOM   1549 C C   . PHE C 2 6  ? -2.325  1.685   4.597   1.00 15.89 ? 6   PHE P C   1 
ATOM   1550 O O   . PHE C 2 6  ? -3.436  2.202   4.750   1.00 15.78 ? 6   PHE P O   1 
ATOM   1551 C CB  . PHE C 2 6  ? -0.558  3.417   4.278   1.00 15.51 ? 6   PHE P CB  1 
ATOM   1552 C CG  . PHE C 2 6  ? 0.003   3.054   5.639   1.00 16.89 ? 6   PHE P CG  1 
ATOM   1553 C CD1 . PHE C 2 6  ? 1.031   2.124   5.762   1.00 16.71 ? 6   PHE P CD1 1 
ATOM   1554 C CD2 . PHE C 2 6  ? -0.518  3.634   6.798   1.00 16.00 ? 6   PHE P CD2 1 
ATOM   1555 C CE1 . PHE C 2 6  ? 1.533   1.775   7.016   1.00 17.82 ? 6   PHE P CE1 1 
ATOM   1556 C CE2 . PHE C 2 6  ? -0.026  3.295   8.056   1.00 16.05 ? 6   PHE P CE2 1 
ATOM   1557 C CZ  . PHE C 2 6  ? 1.003   2.361   8.168   1.00 18.33 ? 6   PHE P CZ  1 
ATOM   1558 N N   . LEU C 2 7  ? -1.941  0.593   5.252   1.00 16.17 ? 7   LEU P N   1 
ATOM   1559 C CA  . LEU C 2 7  ? -2.816  -0.051  6.236   1.00 16.12 ? 7   LEU P CA  1 
ATOM   1560 C C   . LEU C 2 7  ? -1.961  -0.665  7.346   1.00 17.59 ? 7   LEU P C   1 
ATOM   1561 O O   . LEU C 2 7  ? -1.140  -1.558  7.102   1.00 18.29 ? 7   LEU P O   1 
ATOM   1562 C CB  . LEU C 2 7  ? -3.678  -1.129  5.560   1.00 17.48 ? 7   LEU P CB  1 
ATOM   1563 C CG  . LEU C 2 7  ? -4.749  -1.865  6.376   1.00 19.04 ? 7   LEU P CG  1 
ATOM   1564 C CD1 . LEU C 2 7  ? -5.581  -2.735  5.440   1.00 18.62 ? 7   LEU P CD1 1 
ATOM   1565 C CD2 . LEU C 2 7  ? -4.107  -2.720  7.466   1.00 20.99 ? 7   LEU P CD2 1 
ATOM   1566 N N   . ASP C 2 8  ? -2.159  -0.158  8.560   1.00 16.46 ? 8   ASP P N   1 
ATOM   1567 C CA  . ASP C 2 8  ? -1.443  -0.598  9.757   1.00 19.22 ? 8   ASP P CA  1 
ATOM   1568 C C   . ASP C 2 8  ? -2.312  -1.614  10.507  1.00 19.69 ? 8   ASP P C   1 
ATOM   1569 O O   . ASP C 2 8  ? -3.407  -1.287  10.970  1.00 20.60 ? 8   ASP P O   1 
ATOM   1570 C CB  . ASP C 2 8  ? -1.176  0.620   10.650  1.00 19.82 ? 8   ASP P CB  1 
ATOM   1571 C CG  . ASP C 2 8  ? -0.327  0.293   11.862  1.00 21.48 ? 8   ASP P CG  1 
ATOM   1572 O OD1 . ASP C 2 8  ? -0.379  -0.858  12.352  1.00 18.71 ? 8   ASP P OD1 1 
ATOM   1573 O OD2 . ASP C 2 8  ? 0.385   1.200   12.346  1.00 25.23 ? 8   ASP P OD2 1 
ATOM   1574 N N   . GLY C 2 9  ? -1.822  -2.841  10.622  1.00 21.94 ? 9   GLY P N   1 
ATOM   1575 C CA  . GLY C 2 9  ? -2.576  -3.880  11.298  1.00 26.75 ? 9   GLY P CA  1 
ATOM   1576 C C   . GLY C 2 9  ? -2.566  -3.930  12.821  1.00 28.98 ? 9   GLY P C   1 
ATOM   1577 O O   . GLY C 2 9  ? -3.122  -4.857  13.401  1.00 30.06 ? 9   GLY P O   1 
ATOM   1578 N N   . ILE C 2 10 ? -1.941  -2.964  13.483  1.00 32.61 ? 10  ILE P N   1 
ATOM   1579 C CA  . ILE C 2 10 ? -1.931  -2.988  14.945  1.00 37.49 ? 10  ILE P CA  1 
ATOM   1580 C C   . ILE C 2 10 ? -3.187  -2.342  15.580  1.00 39.74 ? 10  ILE P C   1 
ATOM   1581 O O   . ILE C 2 10 ? -3.065  -1.322  16.303  1.00 45.06 ? 10  ILE P O   1 
ATOM   1582 C CB  . ILE C 2 10 ? -0.643  -2.325  15.477  1.00 38.12 ? 10  ILE P CB  1 
ATOM   1583 O OXT . ILE C 2 10 ? -4.295  -2.870  15.360  1.00 43.80 ? 10  ILE P OXT 1 
HETATM 1584 C C   . ACT D 3 .  ? 19.984  4.823   -11.622 1.00 51.36 ? 502 ACT B C   1 
HETATM 1585 O O   . ACT D 3 .  ? 19.096  4.810   -10.508 1.00 53.05 ? 502 ACT B O   1 
HETATM 1586 O OXT . ACT D 3 .  ? 20.358  3.641   -12.100 1.00 51.64 ? 502 ACT B OXT 1 
HETATM 1587 C CH3 . ACT D 3 .  ? 20.372  6.115   -12.308 1.00 51.60 ? 502 ACT B CH3 1 
HETATM 1588 C C   . ACT E 3 .  ? -10.099 7.254   -7.283  1.00 56.31 ? 501 ACT P C   1 
HETATM 1589 O O   . ACT E 3 .  ? -9.197  7.330   -8.370  1.00 56.84 ? 501 ACT P O   1 
HETATM 1590 O OXT . ACT E 3 .  ? -11.213 6.568   -7.476  1.00 57.35 ? 501 ACT P OXT 1 
HETATM 1591 C CH3 . ACT E 3 .  ? -9.776  7.883   -5.926  1.00 55.31 ? 501 ACT P CH3 1 
HETATM 1592 O O   . HOH F 4 .  ? 3.398   -3.244  4.775   1.00 17.92 ? 100 HOH A O   1 
HETATM 1593 O O   . HOH F 4 .  ? -5.409  -9.828  7.544   1.00 23.02 ? 101 HOH A O   1 
HETATM 1594 O O   . HOH F 4 .  ? 0.849   -1.844  -15.203 1.00 15.85 ? 102 HOH A O   1 
HETATM 1595 O O   . HOH F 4 .  ? -15.234 2.325   10.966  1.00 19.40 ? 103 HOH A O   1 
HETATM 1596 O O   . HOH F 4 .  ? 1.009   5.528   -15.203 1.00 51.79 ? 104 HOH A O   1 
HETATM 1597 O O   . HOH F 4 .  ? -14.739 -6.587  -6.417  1.00 38.40 ? 105 HOH A O   1 
HETATM 1598 O O   . HOH F 4 .  ? -19.064 -13.541 -7.288  1.00 35.29 ? 106 HOH A O   1 
HETATM 1599 O O   . HOH F 4 .  ? 0.641   -20.257 -2.089  1.00 42.44 ? 107 HOH A O   1 
HETATM 1600 O O   . HOH F 4 .  ? -0.753  -27.358 -9.918  1.00 48.40 ? 108 HOH A O   1 
HETATM 1601 O O   . HOH F 4 .  ? -5.188  -18.485 -18.642 1.00 37.37 ? 109 HOH A O   1 
HETATM 1602 O O   . HOH F 4 .  ? -5.502  -16.994 10.405  1.00 27.89 ? 110 HOH A O   1 
HETATM 1603 O O   . HOH F 4 .  ? -2.733  -14.544 8.254   1.00 29.25 ? 111 HOH A O   1 
HETATM 1604 O O   . HOH F 4 .  ? -13.599 -18.253 10.173  1.00 42.58 ? 112 HOH A O   1 
HETATM 1605 O O   . HOH F 4 .  ? 2.031   -1.416  6.239   1.00 16.54 ? 113 HOH A O   1 
HETATM 1606 O O   . HOH F 4 .  ? 7.668   -16.933 -5.848  1.00 24.01 ? 114 HOH A O   1 
HETATM 1607 O O   . HOH F 4 .  ? -4.842  2.709   -12.134 1.00 28.00 ? 115 HOH A O   1 
HETATM 1608 O O   . HOH F 4 .  ? -13.569 -22.491 -0.789  1.00 48.25 ? 116 HOH A O   1 
HETATM 1609 O O   . HOH F 4 .  ? 1.437   -9.101  8.107   1.00 27.07 ? 117 HOH A O   1 
HETATM 1610 O O   . HOH F 4 .  ? -1.407  -20.507 6.920   1.00 35.22 ? 118 HOH A O   1 
HETATM 1611 O O   . HOH F 4 .  ? -11.888 -3.440  -4.556  1.00 36.62 ? 119 HOH A O   1 
HETATM 1612 O O   . HOH F 4 .  ? -16.172 -5.529  -3.105  1.00 38.81 ? 120 HOH A O   1 
HETATM 1613 O O   . HOH F 4 .  ? -19.865 -2.417  -3.164  1.00 32.90 ? 121 HOH A O   1 
HETATM 1614 O O   . HOH F 4 .  ? -21.765 -1.082  -1.827  1.00 24.33 ? 122 HOH A O   1 
HETATM 1615 O O   . HOH F 4 .  ? -21.479 -9.716  -0.490  1.00 50.79 ? 123 HOH A O   1 
HETATM 1616 O O   . HOH F 4 .  ? -16.407 0.287   1.486   1.00 26.46 ? 124 HOH A O   1 
HETATM 1617 O O   . HOH F 4 .  ? -22.126 -8.633  6.178   1.00 38.24 ? 125 HOH A O   1 
HETATM 1618 O O   . HOH F 4 .  ? -24.853 -1.378  -0.936  1.00 39.61 ? 126 HOH A O   1 
HETATM 1619 O O   . HOH F 4 .  ? 8.940   -13.499 -6.077  1.00 24.14 ? 127 HOH A O   1 
HETATM 1620 O O   . HOH F 4 .  ? -18.346 -4.449  4.894   1.00 36.64 ? 128 HOH A O   1 
HETATM 1621 O O   . HOH F 4 .  ? -24.433 -14.184 2.944   1.00 39.36 ? 129 HOH A O   1 
HETATM 1622 O O   . HOH F 4 .  ? -19.655 -15.807 10.443  1.00 41.91 ? 130 HOH A O   1 
HETATM 1623 O O   . HOH F 4 .  ? -20.599 -19.561 10.155  1.00 32.45 ? 131 HOH A O   1 
HETATM 1624 O O   . HOH F 4 .  ? -17.148 -23.080 -0.606  1.00 29.15 ? 132 HOH A O   1 
HETATM 1625 O O   . HOH F 4 .  ? -12.516 -20.124 0.359   1.00 45.76 ? 133 HOH A O   1 
HETATM 1626 O O   . HOH F 4 .  ? -18.115 -20.917 0.563   1.00 43.07 ? 134 HOH A O   1 
HETATM 1627 O O   . HOH F 4 .  ? -7.675  -16.750 -8.418  1.00 44.59 ? 135 HOH A O   1 
HETATM 1628 O O   . HOH F 4 .  ? -13.577 -24.547 1.096   1.00 41.55 ? 136 HOH A O   1 
HETATM 1629 O O   . HOH F 4 .  ? -26.451 -17.242 -4.074  1.00 40.90 ? 137 HOH A O   1 
HETATM 1630 O O   . HOH F 4 .  ? -11.399 -4.200  -10.743 1.00 45.16 ? 138 HOH A O   1 
HETATM 1631 O O   . HOH F 4 .  ? -17.511 1.402   11.534  1.00 39.75 ? 139 HOH A O   1 
HETATM 1632 O O   . HOH F 4 .  ? -9.363  7.678   13.739  1.00 36.16 ? 140 HOH A O   1 
HETATM 1633 O O   . HOH F 4 .  ? -0.373  -3.007  -11.945 1.00 33.69 ? 141 HOH A O   1 
HETATM 1634 O O   . HOH F 4 .  ? -20.660 -12.065 0.634   1.00 43.76 ? 142 HOH A O   1 
HETATM 1635 O O   . HOH F 4 .  ? -14.577 -20.608 14.291  1.00 47.40 ? 143 HOH A O   1 
HETATM 1636 O O   . HOH F 4 .  ? -19.575 -21.396 14.739  1.00 46.49 ? 144 HOH A O   1 
HETATM 1637 O O   . HOH G 4 .  ? -3.773  2.977   -4.998  1.00 21.80 ? 503 HOH B O   1 
HETATM 1638 O O   . HOH G 4 .  ? 3.514   11.785  -5.603  1.00 15.35 ? 504 HOH B O   1 
HETATM 1639 O O   . HOH G 4 .  ? -1.769  1.642   -6.394  1.00 19.26 ? 505 HOH B O   1 
HETATM 1640 O O   . HOH G 4 .  ? -2.927  11.663  9.344   1.00 22.66 ? 506 HOH B O   1 
HETATM 1641 O O   . HOH G 4 .  ? 6.678   -1.044  -12.880 1.00 23.09 ? 507 HOH B O   1 
HETATM 1642 O O   . HOH G 4 .  ? 8.640   0.152   -14.567 1.00 46.68 ? 508 HOH B O   1 
HETATM 1643 O O   . HOH G 4 .  ? 7.642   -5.110  9.897   1.00 26.79 ? 509 HOH B O   1 
HETATM 1644 O O   . HOH G 4 .  ? 3.350   12.305  10.725  1.00 34.79 ? 510 HOH B O   1 
HETATM 1645 O O   . HOH G 4 .  ? 12.746  8.563   8.944   1.00 39.01 ? 511 HOH B O   1 
HETATM 1646 O O   . HOH G 4 .  ? 8.737   6.440   7.896   1.00 28.47 ? 512 HOH B O   1 
HETATM 1647 O O   . HOH G 4 .  ? 5.590   1.056   13.677  1.00 49.40 ? 513 HOH B O   1 
HETATM 1648 O O   . HOH G 4 .  ? -10.983 9.683   10.375  1.00 50.68 ? 514 HOH B O   1 
HETATM 1649 O O   . HOH G 4 .  ? 15.022  -1.862  -12.162 1.00 38.61 ? 515 HOH B O   1 
HETATM 1650 O O   . HOH G 4 .  ? 7.575   -12.228 0.375   1.00 16.55 ? 516 HOH B O   1 
HETATM 1651 O O   . HOH G 4 .  ? -0.651  19.212  -11.127 1.00 57.86 ? 517 HOH B O   1 
HETATM 1652 O O   . HOH G 4 .  ? 3.495   16.083  -16.058 1.00 53.38 ? 518 HOH B O   1 
HETATM 1653 O O   . HOH G 4 .  ? 6.605   9.613   -12.054 1.00 19.11 ? 519 HOH B O   1 
HETATM 1654 O O   . HOH G 4 .  ? 5.752   11.907  -10.290 1.00 14.76 ? 520 HOH B O   1 
HETATM 1655 O O   . HOH G 4 .  ? -7.010  18.563  -3.962  1.00 40.15 ? 521 HOH B O   1 
HETATM 1656 O O   . HOH G 4 .  ? -8.165  21.970  8.491   1.00 46.64 ? 522 HOH B O   1 
HETATM 1657 O O   . HOH G 4 .  ? 6.893   16.157  -10.791 1.00 23.69 ? 523 HOH B O   1 
HETATM 1658 O O   . HOH G 4 .  ? 10.884  14.037  -13.953 1.00 21.40 ? 524 HOH B O   1 
HETATM 1659 O O   . HOH G 4 .  ? 19.441  6.097   -1.517  1.00 37.47 ? 525 HOH B O   1 
HETATM 1660 O O   . HOH G 4 .  ? -5.168  17.100  7.166   1.00 31.86 ? 526 HOH B O   1 
HETATM 1661 O O   . HOH G 4 .  ? 17.810  0.192   2.897   1.00 45.81 ? 527 HOH B O   1 
HETATM 1662 O O   . HOH G 4 .  ? 22.530  15.720  -3.895  1.00 50.84 ? 528 HOH B O   1 
HETATM 1663 O O   . HOH G 4 .  ? 16.074  5.382   -11.950 1.00 40.13 ? 529 HOH B O   1 
HETATM 1664 O O   . HOH G 4 .  ? 4.359   14.816  9.587   1.00 24.86 ? 530 HOH B O   1 
HETATM 1665 O O   . HOH G 4 .  ? 7.614   15.425  10.575  1.00 36.39 ? 531 HOH B O   1 
HETATM 1666 O O   . HOH G 4 .  ? 7.175   0.940   9.692   1.00 28.99 ? 532 HOH B O   1 
HETATM 1667 O O   . HOH G 4 .  ? 0.774   7.121   -10.020 1.00 29.38 ? 533 HOH B O   1 
HETATM 1668 O O   . HOH G 4 .  ? -11.689 4.460   4.747   1.00 41.31 ? 534 HOH B O   1 
HETATM 1669 O O   . HOH G 4 .  ? -1.487  5.364   -12.351 1.00 40.91 ? 535 HOH B O   1 
HETATM 1670 O O   . HOH G 4 .  ? 9.904   11.347  8.367   1.00 35.06 ? 536 HOH B O   1 
HETATM 1671 O O   . HOH G 4 .  ? 18.316  13.292  -3.436  1.00 35.91 ? 537 HOH B O   1 
HETATM 1672 O O   . HOH G 4 .  ? 14.163  19.328  -11.035 1.00 40.52 ? 538 HOH B O   1 
HETATM 1673 O O   . HOH H 4 .  ? -4.686  4.346   3.942   1.00 15.19 ? 502 HOH P O   1 
HETATM 1674 O O   . HOH H 4 .  ? 2.720   2.199   11.953  1.00 36.27 ? 503 HOH P O   1 
HETATM 1675 O O   . HOH H 4 .  ? -6.857  2.119   -4.921  1.00 36.91 ? 504 HOH P O   1 
# 
loop_
_pdbx_poly_seq_scheme.asym_id 
_pdbx_poly_seq_scheme.entity_id 
_pdbx_poly_seq_scheme.seq_id 
_pdbx_poly_seq_scheme.mon_id 
_pdbx_poly_seq_scheme.ndb_seq_num 
_pdbx_poly_seq_scheme.pdb_seq_num 
_pdbx_poly_seq_scheme.auth_seq_num 
_pdbx_poly_seq_scheme.pdb_mon_id 
_pdbx_poly_seq_scheme.auth_mon_id 
_pdbx_poly_seq_scheme.pdb_strand_id 
_pdbx_poly_seq_scheme.pdb_ins_code 
_pdbx_poly_seq_scheme.hetero 
A 1 1  PRO 1  1  1  PRO PRO A . n 
A 1 2  GLN 2  2  2  GLN GLN A . n 
A 1 3  ILE 3  3  3  ILE ILE A . n 
A 1 4  THR 4  4  4  THR THR A . n 
A 1 5  LEU 5  5  5  LEU LEU A . n 
A 1 6  TRP 6  6  6  TRP TRP A . n 
A 1 7  LYS 7  7  7  LYS LYS A . n 
A 1 8  ARG 8  8  8  ARG ARG A . n 
A 1 9  PRO 9  9  9  PRO PRO A . n 
A 1 10 LEU 10 10 10 LEU LEU A . n 
A 1 11 VAL 11 11 11 VAL VAL A . n 
A 1 12 THR 12 12 12 THR THR A . n 
A 1 13 ILE 13 13 13 ILE ILE A . n 
A 1 14 ARG 14 14 14 ARG ARG A . n 
A 1 15 ILE 15 15 15 ILE ILE A . n 
A 1 16 GLY 16 16 16 GLY GLY A . n 
A 1 17 GLY 17 17 17 GLY GLY A . n 
A 1 18 GLN 18 18 18 GLN GLN A . n 
A 1 19 LEU 19 19 19 LEU LEU A . n 
A 1 20 LYS 20 20 20 LYS LYS A . n 
A 1 21 GLU 21 21 21 GLU GLU A . n 
A 1 22 ALA 22 22 22 ALA ALA A . n 
A 1 23 LEU 23 23 23 LEU LEU A . n 
A 1 24 LEU 24 24 24 LEU LEU A . n 
A 1 25 ASN 25 25 25 ASN ASN A . n 
A 1 26 THR 26 26 26 THR THR A . n 
A 1 27 GLY 27 27 27 GLY GLY A . n 
A 1 28 ALA 28 28 28 ALA ALA A . n 
A 1 29 ASP 29 29 29 ASP ASP A . n 
A 1 30 ASP 30 30 30 ASP ASP A . n 
A 1 31 THR 31 31 31 THR THR A . n 
A 1 32 VAL 32 32 32 VAL VAL A . n 
A 1 33 LEU 33 33 33 LEU LEU A . n 
A 1 34 GLU 34 34 34 GLU GLU A . n 
A 1 35 GLU 35 35 35 GLU GLU A . n 
A 1 36 MET 36 36 36 MET MET A . n 
A 1 37 ASN 37 37 37 ASN ASN A . n 
A 1 38 LEU 38 38 38 LEU LEU A . n 
A 1 39 PRO 39 39 39 PRO PRO A . n 
A 1 40 GLY 40 40 40 GLY GLY A . n 
A 1 41 LYS 41 41 41 LYS ALA A . n 
A 1 42 TRP 42 42 42 TRP TRP A . n 
A 1 43 LYS 43 43 43 LYS ALA A . n 
A 1 44 PRO 44 44 44 PRO PRO A . n 
A 1 45 LYS 45 45 45 LYS LYS A . n 
A 1 46 MET 46 46 46 MET MET A . n 
A 1 47 ILE 47 47 47 ILE ILE A . n 
A 1 48 GLY 48 48 48 GLY GLY A . n 
A 1 49 GLY 49 49 49 GLY GLY A . n 
A 1 50 ILE 50 50 50 ILE ILE A . n 
A 1 51 GLY 51 51 51 GLY GLY A . n 
A 1 52 GLY 52 52 52 GLY GLY A . n 
A 1 53 PHE 53 53 53 PHE PHE A . n 
A 1 54 ILE 54 54 54 ILE ILE A . n 
A 1 55 LYS 55 55 55 LYS ALA A . n 
A 1 56 VAL 56 56 56 VAL VAL A . n 
A 1 57 ARG 57 57 57 ARG ARG A . n 
A 1 58 GLN 58 58 58 GLN GLN A . n 
A 1 59 TYR 59 59 59 TYR TYR A . n 
A 1 60 ASP 60 60 60 ASP ASP A . n 
A 1 61 GLN 61 61 61 GLN GLN A . n 
A 1 62 ILE 62 62 62 ILE ILE A . n 
A 1 63 PRO 63 63 63 PRO PRO A . n 
A 1 64 VAL 64 64 64 VAL VAL A . n 
A 1 65 GLU 65 65 65 GLU GLU A . n 
A 1 66 ILE 66 66 66 ILE ILE A . n 
A 1 67 CYS 67 67 67 CYS CYS A . n 
A 1 68 GLY 68 68 68 GLY GLY A . n 
A 1 69 HIS 69 69 69 HIS HIS A . n 
A 1 70 LYS 70 70 70 LYS ALA A . n 
A 1 71 ALA 71 71 71 ALA ALA A . n 
A 1 72 ILE 72 72 72 ILE ILE A . n 
A 1 73 GLY 73 73 73 GLY GLY A . n 
A 1 74 THR 74 74 74 THR THR A . n 
A 1 75 VAL 75 75 75 VAL VAL A . n 
A 1 76 LEU 76 76 76 LEU LEU A . n 
A 1 77 VAL 77 77 77 VAL VAL A . n 
A 1 78 GLY 78 78 78 GLY GLY A . n 
A 1 79 PRO 79 79 79 PRO PRO A . n 
A 1 80 THR 80 80 80 THR THR A . n 
A 1 81 PRO 81 81 81 PRO PRO A . n 
A 1 82 VAL 82 82 82 VAL VAL A . n 
A 1 83 ASN 83 83 83 ASN ASN A . n 
A 1 84 ILE 84 84 84 ILE ILE A . n 
A 1 85 ILE 85 85 85 ILE ILE A . n 
A 1 86 GLY 86 86 86 GLY GLY A . n 
A 1 87 ARG 87 87 87 ARG ARG A . n 
A 1 88 ASN 88 88 88 ASN ASN A . n 
A 1 89 LEU 89 89 89 LEU LEU A . n 
A 1 90 LEU 90 90 90 LEU LEU A . n 
A 1 91 THR 91 91 91 THR THR A . n 
A 1 92 GLN 92 92 92 GLN GLN A . n 
A 1 93 ILE 93 93 93 ILE ILE A . n 
A 1 94 GLY 94 94 94 GLY GLY A . n 
A 1 95 CYS 95 95 95 CYS CYS A . n 
A 1 96 THR 96 96 96 THR THR A . n 
A 1 97 LEU 97 97 97 LEU LEU A . n 
A 1 98 ASN 98 98 98 ASN ASN A . n 
A 1 99 PHE 99 99 99 PHE PHE A . n 
B 1 1  PRO 1  1  1  PRO PRO B . n 
B 1 2  GLN 2  2  2  GLN GLN B . n 
B 1 3  ILE 3  3  3  ILE ILE B . n 
B 1 4  THR 4  4  4  THR THR B . n 
B 1 5  LEU 5  5  5  LEU LEU B . n 
B 1 6  TRP 6  6  6  TRP TRP B . n 
B 1 7  LYS 7  7  7  LYS ALA B . n 
B 1 8  ARG 8  8  8  ARG ARG B . n 
B 1 9  PRO 9  9  9  PRO PRO B . n 
B 1 10 LEU 10 10 10 LEU LEU B . n 
B 1 11 VAL 11 11 11 VAL VAL B . n 
B 1 12 THR 12 12 12 THR THR B . n 
B 1 13 ILE 13 13 13 ILE ILE B . n 
B 1 14 ARG 14 14 14 ARG ARG B . n 
B 1 15 ILE 15 15 15 ILE ILE B . n 
B 1 16 GLY 16 16 16 GLY GLY B . n 
B 1 17 GLY 17 17 17 GLY GLY B . n 
B 1 18 GLN 18 18 18 GLN GLN B . n 
B 1 19 LEU 19 19 19 LEU LEU B . n 
B 1 20 LYS 20 20 20 LYS LYS B . n 
B 1 21 GLU 21 21 21 GLU GLU B . n 
B 1 22 ALA 22 22 22 ALA ALA B . n 
B 1 23 LEU 23 23 23 LEU LEU B . n 
B 1 24 LEU 24 24 24 LEU LEU B . n 
B 1 25 ASN 25 25 25 ASN ASN B . n 
B 1 26 THR 26 26 26 THR THR B . n 
B 1 27 GLY 27 27 27 GLY GLY B . n 
B 1 28 ALA 28 28 28 ALA ALA B . n 
B 1 29 ASP 29 29 29 ASP ASP B . n 
B 1 30 ASP 30 30 30 ASP ASP B . n 
B 1 31 THR 31 31 31 THR THR B . n 
B 1 32 VAL 32 32 32 VAL VAL B . n 
B 1 33 LEU 33 33 33 LEU LEU B . n 
B 1 34 GLU 34 34 34 GLU GLU B . n 
B 1 35 GLU 35 35 35 GLU GLU B . n 
B 1 36 MET 36 36 36 MET MET B . n 
B 1 37 ASN 37 37 37 ASN ASN B . n 
B 1 38 LEU 38 38 38 LEU LEU B . n 
B 1 39 PRO 39 39 39 PRO PRO B . n 
B 1 40 GLY 40 40 40 GLY GLY B . n 
B 1 41 LYS 41 41 41 LYS ALA B . n 
B 1 42 TRP 42 42 42 TRP TRP B . n 
B 1 43 LYS 43 43 43 LYS ALA B . n 
B 1 44 PRO 44 44 44 PRO PRO B . n 
B 1 45 LYS 45 45 45 LYS ALA B . n 
B 1 46 MET 46 46 46 MET MET B . n 
B 1 47 ILE 47 47 47 ILE ILE B . n 
B 1 48 GLY 48 48 48 GLY GLY B . n 
B 1 49 GLY 49 49 49 GLY GLY B . n 
B 1 50 ILE 50 50 50 ILE ILE B . n 
B 1 51 GLY 51 51 51 GLY GLY B . n 
B 1 52 GLY 52 52 52 GLY GLY B . n 
B 1 53 PHE 53 53 53 PHE PHE B . n 
B 1 54 ILE 54 54 54 ILE ILE B . n 
B 1 55 LYS 55 55 55 LYS ALA B . n 
B 1 56 VAL 56 56 56 VAL VAL B . n 
B 1 57 ARG 57 57 57 ARG ARG B . n 
B 1 58 GLN 58 58 58 GLN GLN B . n 
B 1 59 TYR 59 59 59 TYR TYR B . n 
B 1 60 ASP 60 60 60 ASP ASP B . n 
B 1 61 GLN 61 61 61 GLN GLN B . n 
B 1 62 ILE 62 62 62 ILE ILE B . n 
B 1 63 PRO 63 63 63 PRO PRO B . n 
B 1 64 VAL 64 64 64 VAL VAL B . n 
B 1 65 GLU 65 65 65 GLU GLU B . n 
B 1 66 ILE 66 66 66 ILE ILE B . n 
B 1 67 CYS 67 67 67 CYS CYS B . n 
B 1 68 GLY 68 68 68 GLY GLY B . n 
B 1 69 HIS 69 69 69 HIS HIS B . n 
B 1 70 LYS 70 70 70 LYS ALA B . n 
B 1 71 ALA 71 71 71 ALA ALA B . n 
B 1 72 ILE 72 72 72 ILE ILE B . n 
B 1 73 GLY 73 73 73 GLY GLY B . n 
B 1 74 THR 74 74 74 THR THR B . n 
B 1 75 VAL 75 75 75 VAL VAL B . n 
B 1 76 LEU 76 76 76 LEU LEU B . n 
B 1 77 VAL 77 77 77 VAL VAL B . n 
B 1 78 GLY 78 78 78 GLY GLY B . n 
B 1 79 PRO 79 79 79 PRO PRO B . n 
B 1 80 THR 80 80 80 THR THR B . n 
B 1 81 PRO 81 81 81 PRO PRO B . n 
B 1 82 VAL 82 82 82 VAL VAL B . n 
B 1 83 ASN 83 83 83 ASN ASN B . n 
B 1 84 ILE 84 84 84 ILE ILE B . n 
B 1 85 ILE 85 85 85 ILE ILE B . n 
B 1 86 GLY 86 86 86 GLY GLY B . n 
B 1 87 ARG 87 87 87 ARG ARG B . n 
B 1 88 ASN 88 88 88 ASN ASN B . n 
B 1 89 LEU 89 89 89 LEU LEU B . n 
B 1 90 LEU 90 90 90 LEU LEU B . n 
B 1 91 THR 91 91 91 THR THR B . n 
B 1 92 GLN 92 92 92 GLN GLN B . n 
B 1 93 ILE 93 93 93 ILE ILE B . n 
B 1 94 GLY 94 94 94 GLY GLY B . n 
B 1 95 CYS 95 95 95 CYS CYS B . n 
B 1 96 THR 96 96 96 THR THR B . n 
B 1 97 LEU 97 97 97 LEU LEU B . n 
B 1 98 ASN 98 98 98 ASN ASN B . n 
B 1 99 PHE 99 99 99 PHE PHE B . n 
C 2 1  ILE 1  1  1  ILE ILE P . n 
C 2 2  ARG 2  2  2  ARG ARG P . n 
C 2 3  LYS 3  3  3  LYS LYS P . n 
C 2 4  ILE 4  4  4  ILE ILE P . n 
C 2 5  LEU 5  5  5  LEU LEU P . n 
C 2 6  PHE 6  6  6  PHE PHE P . n 
C 2 7  LEU 7  7  7  LEU LEU P . n 
C 2 8  ASP 8  8  8  ASP ASP P . n 
C 2 9  GLY 9  9  9  GLY GLY P . n 
C 2 10 ILE 10 10 10 ILE ALA P . n 
# 
loop_
_pdbx_nonpoly_scheme.asym_id 
_pdbx_nonpoly_scheme.entity_id 
_pdbx_nonpoly_scheme.mon_id 
_pdbx_nonpoly_scheme.ndb_seq_num 
_pdbx_nonpoly_scheme.pdb_seq_num 
_pdbx_nonpoly_scheme.auth_seq_num 
_pdbx_nonpoly_scheme.pdb_mon_id 
_pdbx_nonpoly_scheme.auth_mon_id 
_pdbx_nonpoly_scheme.pdb_strand_id 
_pdbx_nonpoly_scheme.pdb_ins_code 
D 3 ACT 1  502 502 ACT ACE B . 
E 3 ACT 1  501 501 ACT ACE P . 
F 4 HOH 1  100 4   HOH WAT A . 
F 4 HOH 2  101 9   HOH WAT A . 
F 4 HOH 3  102 12  HOH WAT A . 
F 4 HOH 4  103 13  HOH WAT A . 
F 4 HOH 5  104 16  HOH WAT A . 
F 4 HOH 6  105 18  HOH WAT A . 
F 4 HOH 7  106 19  HOH WAT A . 
F 4 HOH 8  107 21  HOH WAT A . 
F 4 HOH 9  108 22  HOH WAT A . 
F 4 HOH 10 109 23  HOH WAT A . 
F 4 HOH 11 110 31  HOH WAT A . 
F 4 HOH 12 111 32  HOH WAT A . 
F 4 HOH 13 112 33  HOH WAT A . 
F 4 HOH 14 113 34  HOH WAT A . 
F 4 HOH 15 114 39  HOH WAT A . 
F 4 HOH 16 115 40  HOH WAT A . 
F 4 HOH 17 116 41  HOH WAT A . 
F 4 HOH 18 117 44  HOH WAT A . 
F 4 HOH 19 118 47  HOH WAT A . 
F 4 HOH 20 119 48  HOH WAT A . 
F 4 HOH 21 120 49  HOH WAT A . 
F 4 HOH 22 121 50  HOH WAT A . 
F 4 HOH 23 122 51  HOH WAT A . 
F 4 HOH 24 123 52  HOH WAT A . 
F 4 HOH 25 124 53  HOH WAT A . 
F 4 HOH 26 125 54  HOH WAT A . 
F 4 HOH 27 126 55  HOH WAT A . 
F 4 HOH 28 127 59  HOH WAT A . 
F 4 HOH 29 128 64  HOH WAT A . 
F 4 HOH 30 129 65  HOH WAT A . 
F 4 HOH 31 130 66  HOH WAT A . 
F 4 HOH 32 131 67  HOH WAT A . 
F 4 HOH 33 132 68  HOH WAT A . 
F 4 HOH 34 133 69  HOH WAT A . 
F 4 HOH 35 134 70  HOH WAT A . 
F 4 HOH 36 135 71  HOH WAT A . 
F 4 HOH 37 136 72  HOH WAT A . 
F 4 HOH 38 137 74  HOH WAT A . 
F 4 HOH 39 138 75  HOH WAT A . 
F 4 HOH 40 139 76  HOH WAT A . 
F 4 HOH 41 140 77  HOH WAT A . 
F 4 HOH 42 141 79  HOH WAT A . 
F 4 HOH 43 142 82  HOH WAT A . 
F 4 HOH 44 143 83  HOH WAT A . 
F 4 HOH 45 144 84  HOH WAT A . 
G 4 HOH 1  503 1   HOH WAT B . 
G 4 HOH 2  504 2   HOH WAT B . 
G 4 HOH 3  505 5   HOH WAT B . 
G 4 HOH 4  506 6   HOH WAT B . 
G 4 HOH 5  507 7   HOH WAT B . 
G 4 HOH 6  508 8   HOH WAT B . 
G 4 HOH 7  509 10  HOH WAT B . 
G 4 HOH 8  510 11  HOH WAT B . 
G 4 HOH 9  511 14  HOH WAT B . 
G 4 HOH 10 512 15  HOH WAT B . 
G 4 HOH 11 513 17  HOH WAT B . 
G 4 HOH 12 514 20  HOH WAT B . 
G 4 HOH 13 515 24  HOH WAT B . 
G 4 HOH 14 516 25  HOH WAT B . 
G 4 HOH 15 517 27  HOH WAT B . 
G 4 HOH 16 518 28  HOH WAT B . 
G 4 HOH 17 519 29  HOH WAT B . 
G 4 HOH 18 520 30  HOH WAT B . 
G 4 HOH 19 521 36  HOH WAT B . 
G 4 HOH 20 522 37  HOH WAT B . 
G 4 HOH 21 523 42  HOH WAT B . 
G 4 HOH 22 524 43  HOH WAT B . 
G 4 HOH 23 525 45  HOH WAT B . 
G 4 HOH 24 526 46  HOH WAT B . 
G 4 HOH 25 527 56  HOH WAT B . 
G 4 HOH 26 528 57  HOH WAT B . 
G 4 HOH 27 529 58  HOH WAT B . 
G 4 HOH 28 530 60  HOH WAT B . 
G 4 HOH 29 531 61  HOH WAT B . 
G 4 HOH 30 532 62  HOH WAT B . 
G 4 HOH 31 533 63  HOH WAT B . 
G 4 HOH 32 534 78  HOH WAT B . 
G 4 HOH 33 535 80  HOH WAT B . 
G 4 HOH 34 536 81  HOH WAT B . 
G 4 HOH 35 537 85  HOH WAT B . 
G 4 HOH 36 538 86  HOH WAT B . 
H 4 HOH 1  502 3   HOH WAT P . 
H 4 HOH 2  503 35  HOH WAT P . 
H 4 HOH 3  504 87  HOH WAT P . 
# 
_pdbx_struct_assembly.id                   1 
_pdbx_struct_assembly.details              author_and_software_defined_assembly 
_pdbx_struct_assembly.method_details       PISA 
_pdbx_struct_assembly.oligomeric_details   trimeric 
_pdbx_struct_assembly.oligomeric_count     3 
# 
_pdbx_struct_assembly_gen.assembly_id       1 
_pdbx_struct_assembly_gen.oper_expression   1 
_pdbx_struct_assembly_gen.asym_id_list      A,B,C,D,E,F,G,H 
# 
loop_
_pdbx_struct_assembly_prop.biol_id 
_pdbx_struct_assembly_prop.type 
_pdbx_struct_assembly_prop.value 
_pdbx_struct_assembly_prop.details 
1 'ABSA (A^2)' 5980 ? 
1 MORE         -33  ? 
1 'SSA (A^2)'  9060 ? 
# 
_pdbx_struct_oper_list.id                   1 
_pdbx_struct_oper_list.type                 'identity operation' 
_pdbx_struct_oper_list.name                 1_555 
_pdbx_struct_oper_list.symmetry_operation   x,y,z 
_pdbx_struct_oper_list.matrix[1][1]         1.0000000000 
_pdbx_struct_oper_list.matrix[1][2]         0.0000000000 
_pdbx_struct_oper_list.matrix[1][3]         0.0000000000 
_pdbx_struct_oper_list.vector[1]            0.0000000000 
_pdbx_struct_oper_list.matrix[2][1]         0.0000000000 
_pdbx_struct_oper_list.matrix[2][2]         1.0000000000 
_pdbx_struct_oper_list.matrix[2][3]         0.0000000000 
_pdbx_struct_oper_list.vector[2]            0.0000000000 
_pdbx_struct_oper_list.matrix[3][1]         0.0000000000 
_pdbx_struct_oper_list.matrix[3][2]         0.0000000000 
_pdbx_struct_oper_list.matrix[3][3]         1.0000000000 
_pdbx_struct_oper_list.vector[3]            0.0000000000 
# 
loop_
_pdbx_audit_revision_history.ordinal 
_pdbx_audit_revision_history.data_content_type 
_pdbx_audit_revision_history.major_revision 
_pdbx_audit_revision_history.minor_revision 
_pdbx_audit_revision_history.revision_date 
1 'Structure model' 1 0 2002-03-06 
2 'Structure model' 1 1 2008-04-27 
3 'Structure model' 1 2 2011-07-13 
4 'Structure model' 1 3 2021-10-27 
5 'Structure model' 1 4 2023-08-16 
# 
_pdbx_audit_revision_details.ordinal             1 
_pdbx_audit_revision_details.revision_ordinal    1 
_pdbx_audit_revision_details.data_content_type   'Structure model' 
_pdbx_audit_revision_details.provider            repository 
_pdbx_audit_revision_details.type                'Initial release' 
_pdbx_audit_revision_details.description         ? 
_pdbx_audit_revision_details.details             ? 
# 
loop_
_pdbx_audit_revision_group.ordinal 
_pdbx_audit_revision_group.revision_ordinal 
_pdbx_audit_revision_group.data_content_type 
_pdbx_audit_revision_group.group 
1 2 'Structure model' 'Version format compliance' 
2 3 'Structure model' 'Version format compliance' 
3 4 'Structure model' 'Database references'       
4 4 'Structure model' 'Derived calculations'      
5 5 'Structure model' 'Data collection'           
6 5 'Structure model' 'Refinement description'    
# 
loop_
_pdbx_audit_revision_category.ordinal 
_pdbx_audit_revision_category.revision_ordinal 
_pdbx_audit_revision_category.data_content_type 
_pdbx_audit_revision_category.category 
1 4 'Structure model' database_2                    
2 4 'Structure model' struct_ref_seq_dif            
3 4 'Structure model' struct_site                   
4 5 'Structure model' chem_comp_atom                
5 5 'Structure model' chem_comp_bond                
6 5 'Structure model' pdbx_initial_refinement_model 
# 
loop_
_pdbx_audit_revision_item.ordinal 
_pdbx_audit_revision_item.revision_ordinal 
_pdbx_audit_revision_item.data_content_type 
_pdbx_audit_revision_item.item 
1 4 'Structure model' '_database_2.pdbx_DOI'                
2 4 'Structure model' '_database_2.pdbx_database_accession' 
3 4 'Structure model' '_struct_ref_seq_dif.details'         
4 4 'Structure model' '_struct_site.pdbx_auth_asym_id'      
5 4 'Structure model' '_struct_site.pdbx_auth_comp_id'      
6 4 'Structure model' '_struct_site.pdbx_auth_seq_id'       
# 
loop_
_software.name 
_software.classification 
_software.version 
_software.citation_id 
_software.pdbx_ordinal 
CNS       refinement       . ? 1 
DENZO     'data reduction' . ? 2 
SCALEPACK 'data scaling'   . ? 3 
CNS       phasing          . ? 4 
# 
loop_
_pdbx_validate_torsion.id 
_pdbx_validate_torsion.PDB_model_num 
_pdbx_validate_torsion.auth_comp_id 
_pdbx_validate_torsion.auth_asym_id 
_pdbx_validate_torsion.auth_seq_id 
_pdbx_validate_torsion.PDB_ins_code 
_pdbx_validate_torsion.label_alt_id 
_pdbx_validate_torsion.phi 
_pdbx_validate_torsion.psi 
1 1 GLU A 35 ? ? 8.55    113.91 
2 1 GLU A 35 ? ? 7.49    113.91 
3 1 MET A 36 ? ? -176.27 124.18 
4 1 LEU P 5  ? ? -92.53  49.44  
# 
loop_
_pdbx_unobs_or_zero_occ_atoms.id 
_pdbx_unobs_or_zero_occ_atoms.PDB_model_num 
_pdbx_unobs_or_zero_occ_atoms.polymer_flag 
_pdbx_unobs_or_zero_occ_atoms.occupancy_flag 
_pdbx_unobs_or_zero_occ_atoms.auth_asym_id 
_pdbx_unobs_or_zero_occ_atoms.auth_comp_id 
_pdbx_unobs_or_zero_occ_atoms.auth_seq_id 
_pdbx_unobs_or_zero_occ_atoms.PDB_ins_code 
_pdbx_unobs_or_zero_occ_atoms.auth_atom_id 
_pdbx_unobs_or_zero_occ_atoms.label_alt_id 
_pdbx_unobs_or_zero_occ_atoms.label_asym_id 
_pdbx_unobs_or_zero_occ_atoms.label_comp_id 
_pdbx_unobs_or_zero_occ_atoms.label_seq_id 
_pdbx_unobs_or_zero_occ_atoms.label_atom_id 
1  1 Y 1 A LYS 41 ? CG  ? A LYS 41 CG  
2  1 Y 1 A LYS 41 ? CD  ? A LYS 41 CD  
3  1 Y 1 A LYS 41 ? CE  ? A LYS 41 CE  
4  1 Y 1 A LYS 41 ? NZ  ? A LYS 41 NZ  
5  1 Y 1 A LYS 43 ? CG  ? A LYS 43 CG  
6  1 Y 1 A LYS 43 ? CD  ? A LYS 43 CD  
7  1 Y 1 A LYS 43 ? CE  ? A LYS 43 CE  
8  1 Y 1 A LYS 43 ? NZ  ? A LYS 43 NZ  
9  1 Y 1 A LYS 55 ? CG  ? A LYS 55 CG  
10 1 Y 1 A LYS 55 ? CD  ? A LYS 55 CD  
11 1 Y 1 A LYS 55 ? CE  ? A LYS 55 CE  
12 1 Y 1 A LYS 55 ? NZ  ? A LYS 55 NZ  
13 1 Y 1 A LYS 70 ? CG  ? A LYS 70 CG  
14 1 Y 1 A LYS 70 ? CD  ? A LYS 70 CD  
15 1 Y 1 A LYS 70 ? CE  ? A LYS 70 CE  
16 1 Y 1 A LYS 70 ? NZ  ? A LYS 70 NZ  
17 1 Y 1 B LYS 7  ? CG  ? B LYS 7  CG  
18 1 Y 1 B LYS 7  ? CD  ? B LYS 7  CD  
19 1 Y 1 B LYS 7  ? CE  ? B LYS 7  CE  
20 1 Y 1 B LYS 7  ? NZ  ? B LYS 7  NZ  
21 1 Y 1 B LYS 41 ? CG  ? B LYS 41 CG  
22 1 Y 1 B LYS 41 ? CD  ? B LYS 41 CD  
23 1 Y 1 B LYS 41 ? CE  ? B LYS 41 CE  
24 1 Y 1 B LYS 41 ? NZ  ? B LYS 41 NZ  
25 1 Y 1 B LYS 43 ? CG  ? B LYS 43 CG  
26 1 Y 1 B LYS 43 ? CD  ? B LYS 43 CD  
27 1 Y 1 B LYS 43 ? CE  ? B LYS 43 CE  
28 1 Y 1 B LYS 43 ? NZ  ? B LYS 43 NZ  
29 1 Y 1 B LYS 45 ? CG  ? B LYS 45 CG  
30 1 Y 1 B LYS 45 ? CD  ? B LYS 45 CD  
31 1 Y 1 B LYS 45 ? CE  ? B LYS 45 CE  
32 1 Y 1 B LYS 45 ? NZ  ? B LYS 45 NZ  
33 1 Y 1 B LYS 55 ? CG  ? B LYS 55 CG  
34 1 Y 1 B LYS 55 ? CD  ? B LYS 55 CD  
35 1 Y 1 B LYS 55 ? CE  ? B LYS 55 CE  
36 1 Y 1 B LYS 55 ? NZ  ? B LYS 55 NZ  
37 1 Y 1 B LYS 70 ? CG  ? B LYS 70 CG  
38 1 Y 1 B LYS 70 ? CD  ? B LYS 70 CD  
39 1 Y 1 B LYS 70 ? CE  ? B LYS 70 CE  
40 1 Y 1 B LYS 70 ? NZ  ? B LYS 70 NZ  
41 1 Y 1 P ILE 10 ? CG1 ? C ILE 10 CG1 
42 1 Y 1 P ILE 10 ? CG2 ? C ILE 10 CG2 
43 1 Y 1 P ILE 10 ? CD1 ? C ILE 10 CD1 
# 
loop_
_chem_comp_atom.comp_id 
_chem_comp_atom.atom_id 
_chem_comp_atom.type_symbol 
_chem_comp_atom.pdbx_aromatic_flag 
_chem_comp_atom.pdbx_stereo_config 
_chem_comp_atom.pdbx_ordinal 
ACT C    C N N 1   
ACT O    O N N 2   
ACT OXT  O N N 3   
ACT CH3  C N N 4   
ACT H1   H N N 5   
ACT H2   H N N 6   
ACT H3   H N N 7   
ALA N    N N N 8   
ALA CA   C N S 9   
ALA C    C N N 10  
ALA O    O N N 11  
ALA CB   C N N 12  
ALA OXT  O N N 13  
ALA H    H N N 14  
ALA H2   H N N 15  
ALA HA   H N N 16  
ALA HB1  H N N 17  
ALA HB2  H N N 18  
ALA HB3  H N N 19  
ALA HXT  H N N 20  
ARG N    N N N 21  
ARG CA   C N S 22  
ARG C    C N N 23  
ARG O    O N N 24  
ARG CB   C N N 25  
ARG CG   C N N 26  
ARG CD   C N N 27  
ARG NE   N N N 28  
ARG CZ   C N N 29  
ARG NH1  N N N 30  
ARG NH2  N N N 31  
ARG OXT  O N N 32  
ARG H    H N N 33  
ARG H2   H N N 34  
ARG HA   H N N 35  
ARG HB2  H N N 36  
ARG HB3  H N N 37  
ARG HG2  H N N 38  
ARG HG3  H N N 39  
ARG HD2  H N N 40  
ARG HD3  H N N 41  
ARG HE   H N N 42  
ARG HH11 H N N 43  
ARG HH12 H N N 44  
ARG HH21 H N N 45  
ARG HH22 H N N 46  
ARG HXT  H N N 47  
ASN N    N N N 48  
ASN CA   C N S 49  
ASN C    C N N 50  
ASN O    O N N 51  
ASN CB   C N N 52  
ASN CG   C N N 53  
ASN OD1  O N N 54  
ASN ND2  N N N 55  
ASN OXT  O N N 56  
ASN H    H N N 57  
ASN H2   H N N 58  
ASN HA   H N N 59  
ASN HB2  H N N 60  
ASN HB3  H N N 61  
ASN HD21 H N N 62  
ASN HD22 H N N 63  
ASN HXT  H N N 64  
ASP N    N N N 65  
ASP CA   C N S 66  
ASP C    C N N 67  
ASP O    O N N 68  
ASP CB   C N N 69  
ASP CG   C N N 70  
ASP OD1  O N N 71  
ASP OD2  O N N 72  
ASP OXT  O N N 73  
ASP H    H N N 74  
ASP H2   H N N 75  
ASP HA   H N N 76  
ASP HB2  H N N 77  
ASP HB3  H N N 78  
ASP HD2  H N N 79  
ASP HXT  H N N 80  
CYS N    N N N 81  
CYS CA   C N R 82  
CYS C    C N N 83  
CYS O    O N N 84  
CYS CB   C N N 85  
CYS SG   S N N 86  
CYS OXT  O N N 87  
CYS H    H N N 88  
CYS H2   H N N 89  
CYS HA   H N N 90  
CYS HB2  H N N 91  
CYS HB3  H N N 92  
CYS HG   H N N 93  
CYS HXT  H N N 94  
GLN N    N N N 95  
GLN CA   C N S 96  
GLN C    C N N 97  
GLN O    O N N 98  
GLN CB   C N N 99  
GLN CG   C N N 100 
GLN CD   C N N 101 
GLN OE1  O N N 102 
GLN NE2  N N N 103 
GLN OXT  O N N 104 
GLN H    H N N 105 
GLN H2   H N N 106 
GLN HA   H N N 107 
GLN HB2  H N N 108 
GLN HB3  H N N 109 
GLN HG2  H N N 110 
GLN HG3  H N N 111 
GLN HE21 H N N 112 
GLN HE22 H N N 113 
GLN HXT  H N N 114 
GLU N    N N N 115 
GLU CA   C N S 116 
GLU C    C N N 117 
GLU O    O N N 118 
GLU CB   C N N 119 
GLU CG   C N N 120 
GLU CD   C N N 121 
GLU OE1  O N N 122 
GLU OE2  O N N 123 
GLU OXT  O N N 124 
GLU H    H N N 125 
GLU H2   H N N 126 
GLU HA   H N N 127 
GLU HB2  H N N 128 
GLU HB3  H N N 129 
GLU HG2  H N N 130 
GLU HG3  H N N 131 
GLU HE2  H N N 132 
GLU HXT  H N N 133 
GLY N    N N N 134 
GLY CA   C N N 135 
GLY C    C N N 136 
GLY O    O N N 137 
GLY OXT  O N N 138 
GLY H    H N N 139 
GLY H2   H N N 140 
GLY HA2  H N N 141 
GLY HA3  H N N 142 
GLY HXT  H N N 143 
HIS N    N N N 144 
HIS CA   C N S 145 
HIS C    C N N 146 
HIS O    O N N 147 
HIS CB   C N N 148 
HIS CG   C Y N 149 
HIS ND1  N Y N 150 
HIS CD2  C Y N 151 
HIS CE1  C Y N 152 
HIS NE2  N Y N 153 
HIS OXT  O N N 154 
HIS H    H N N 155 
HIS H2   H N N 156 
HIS HA   H N N 157 
HIS HB2  H N N 158 
HIS HB3  H N N 159 
HIS HD1  H N N 160 
HIS HD2  H N N 161 
HIS HE1  H N N 162 
HIS HE2  H N N 163 
HIS HXT  H N N 164 
HOH O    O N N 165 
HOH H1   H N N 166 
HOH H2   H N N 167 
ILE N    N N N 168 
ILE CA   C N S 169 
ILE C    C N N 170 
ILE O    O N N 171 
ILE CB   C N S 172 
ILE CG1  C N N 173 
ILE CG2  C N N 174 
ILE CD1  C N N 175 
ILE OXT  O N N 176 
ILE H    H N N 177 
ILE H2   H N N 178 
ILE HA   H N N 179 
ILE HB   H N N 180 
ILE HG12 H N N 181 
ILE HG13 H N N 182 
ILE HG21 H N N 183 
ILE HG22 H N N 184 
ILE HG23 H N N 185 
ILE HD11 H N N 186 
ILE HD12 H N N 187 
ILE HD13 H N N 188 
ILE HXT  H N N 189 
LEU N    N N N 190 
LEU CA   C N S 191 
LEU C    C N N 192 
LEU O    O N N 193 
LEU CB   C N N 194 
LEU CG   C N N 195 
LEU CD1  C N N 196 
LEU CD2  C N N 197 
LEU OXT  O N N 198 
LEU H    H N N 199 
LEU H2   H N N 200 
LEU HA   H N N 201 
LEU HB2  H N N 202 
LEU HB3  H N N 203 
LEU HG   H N N 204 
LEU HD11 H N N 205 
LEU HD12 H N N 206 
LEU HD13 H N N 207 
LEU HD21 H N N 208 
LEU HD22 H N N 209 
LEU HD23 H N N 210 
LEU HXT  H N N 211 
LYS N    N N N 212 
LYS CA   C N S 213 
LYS C    C N N 214 
LYS O    O N N 215 
LYS CB   C N N 216 
LYS CG   C N N 217 
LYS CD   C N N 218 
LYS CE   C N N 219 
LYS NZ   N N N 220 
LYS OXT  O N N 221 
LYS H    H N N 222 
LYS H2   H N N 223 
LYS HA   H N N 224 
LYS HB2  H N N 225 
LYS HB3  H N N 226 
LYS HG2  H N N 227 
LYS HG3  H N N 228 
LYS HD2  H N N 229 
LYS HD3  H N N 230 
LYS HE2  H N N 231 
LYS HE3  H N N 232 
LYS HZ1  H N N 233 
LYS HZ2  H N N 234 
LYS HZ3  H N N 235 
LYS HXT  H N N 236 
MET N    N N N 237 
MET CA   C N S 238 
MET C    C N N 239 
MET O    O N N 240 
MET CB   C N N 241 
MET CG   C N N 242 
MET SD   S N N 243 
MET CE   C N N 244 
MET OXT  O N N 245 
MET H    H N N 246 
MET H2   H N N 247 
MET HA   H N N 248 
MET HB2  H N N 249 
MET HB3  H N N 250 
MET HG2  H N N 251 
MET HG3  H N N 252 
MET HE1  H N N 253 
MET HE2  H N N 254 
MET HE3  H N N 255 
MET HXT  H N N 256 
PHE N    N N N 257 
PHE CA   C N S 258 
PHE C    C N N 259 
PHE O    O N N 260 
PHE CB   C N N 261 
PHE CG   C Y N 262 
PHE CD1  C Y N 263 
PHE CD2  C Y N 264 
PHE CE1  C Y N 265 
PHE CE2  C Y N 266 
PHE CZ   C Y N 267 
PHE OXT  O N N 268 
PHE H    H N N 269 
PHE H2   H N N 270 
PHE HA   H N N 271 
PHE HB2  H N N 272 
PHE HB3  H N N 273 
PHE HD1  H N N 274 
PHE HD2  H N N 275 
PHE HE1  H N N 276 
PHE HE2  H N N 277 
PHE HZ   H N N 278 
PHE HXT  H N N 279 
PRO N    N N N 280 
PRO CA   C N S 281 
PRO C    C N N 282 
PRO O    O N N 283 
PRO CB   C N N 284 
PRO CG   C N N 285 
PRO CD   C N N 286 
PRO OXT  O N N 287 
PRO H    H N N 288 
PRO HA   H N N 289 
PRO HB2  H N N 290 
PRO HB3  H N N 291 
PRO HG2  H N N 292 
PRO HG3  H N N 293 
PRO HD2  H N N 294 
PRO HD3  H N N 295 
PRO HXT  H N N 296 
THR N    N N N 297 
THR CA   C N S 298 
THR C    C N N 299 
THR O    O N N 300 
THR CB   C N R 301 
THR OG1  O N N 302 
THR CG2  C N N 303 
THR OXT  O N N 304 
THR H    H N N 305 
THR H2   H N N 306 
THR HA   H N N 307 
THR HB   H N N 308 
THR HG1  H N N 309 
THR HG21 H N N 310 
THR HG22 H N N 311 
THR HG23 H N N 312 
THR HXT  H N N 313 
TRP N    N N N 314 
TRP CA   C N S 315 
TRP C    C N N 316 
TRP O    O N N 317 
TRP CB   C N N 318 
TRP CG   C Y N 319 
TRP CD1  C Y N 320 
TRP CD2  C Y N 321 
TRP NE1  N Y N 322 
TRP CE2  C Y N 323 
TRP CE3  C Y N 324 
TRP CZ2  C Y N 325 
TRP CZ3  C Y N 326 
TRP CH2  C Y N 327 
TRP OXT  O N N 328 
TRP H    H N N 329 
TRP H2   H N N 330 
TRP HA   H N N 331 
TRP HB2  H N N 332 
TRP HB3  H N N 333 
TRP HD1  H N N 334 
TRP HE1  H N N 335 
TRP HE3  H N N 336 
TRP HZ2  H N N 337 
TRP HZ3  H N N 338 
TRP HH2  H N N 339 
TRP HXT  H N N 340 
TYR N    N N N 341 
TYR CA   C N S 342 
TYR C    C N N 343 
TYR O    O N N 344 
TYR CB   C N N 345 
TYR CG   C Y N 346 
TYR CD1  C Y N 347 
TYR CD2  C Y N 348 
TYR CE1  C Y N 349 
TYR CE2  C Y N 350 
TYR CZ   C Y N 351 
TYR OH   O N N 352 
TYR OXT  O N N 353 
TYR H    H N N 354 
TYR H2   H N N 355 
TYR HA   H N N 356 
TYR HB2  H N N 357 
TYR HB3  H N N 358 
TYR HD1  H N N 359 
TYR HD2  H N N 360 
TYR HE1  H N N 361 
TYR HE2  H N N 362 
TYR HH   H N N 363 
TYR HXT  H N N 364 
VAL N    N N N 365 
VAL CA   C N S 366 
VAL C    C N N 367 
VAL O    O N N 368 
VAL CB   C N N 369 
VAL CG1  C N N 370 
VAL CG2  C N N 371 
VAL OXT  O N N 372 
VAL H    H N N 373 
VAL H2   H N N 374 
VAL HA   H N N 375 
VAL HB   H N N 376 
VAL HG11 H N N 377 
VAL HG12 H N N 378 
VAL HG13 H N N 379 
VAL HG21 H N N 380 
VAL HG22 H N N 381 
VAL HG23 H N N 382 
VAL HXT  H N N 383 
# 
loop_
_chem_comp_bond.comp_id 
_chem_comp_bond.atom_id_1 
_chem_comp_bond.atom_id_2 
_chem_comp_bond.value_order 
_chem_comp_bond.pdbx_aromatic_flag 
_chem_comp_bond.pdbx_stereo_config 
_chem_comp_bond.pdbx_ordinal 
ACT C   O    doub N N 1   
ACT C   OXT  sing N N 2   
ACT C   CH3  sing N N 3   
ACT CH3 H1   sing N N 4   
ACT CH3 H2   sing N N 5   
ACT CH3 H3   sing N N 6   
ALA N   CA   sing N N 7   
ALA N   H    sing N N 8   
ALA N   H2   sing N N 9   
ALA CA  C    sing N N 10  
ALA CA  CB   sing N N 11  
ALA CA  HA   sing N N 12  
ALA C   O    doub N N 13  
ALA C   OXT  sing N N 14  
ALA CB  HB1  sing N N 15  
ALA CB  HB2  sing N N 16  
ALA CB  HB3  sing N N 17  
ALA OXT HXT  sing N N 18  
ARG N   CA   sing N N 19  
ARG N   H    sing N N 20  
ARG N   H2   sing N N 21  
ARG CA  C    sing N N 22  
ARG CA  CB   sing N N 23  
ARG CA  HA   sing N N 24  
ARG C   O    doub N N 25  
ARG C   OXT  sing N N 26  
ARG CB  CG   sing N N 27  
ARG CB  HB2  sing N N 28  
ARG CB  HB3  sing N N 29  
ARG CG  CD   sing N N 30  
ARG CG  HG2  sing N N 31  
ARG CG  HG3  sing N N 32  
ARG CD  NE   sing N N 33  
ARG CD  HD2  sing N N 34  
ARG CD  HD3  sing N N 35  
ARG NE  CZ   sing N N 36  
ARG NE  HE   sing N N 37  
ARG CZ  NH1  sing N N 38  
ARG CZ  NH2  doub N N 39  
ARG NH1 HH11 sing N N 40  
ARG NH1 HH12 sing N N 41  
ARG NH2 HH21 sing N N 42  
ARG NH2 HH22 sing N N 43  
ARG OXT HXT  sing N N 44  
ASN N   CA   sing N N 45  
ASN N   H    sing N N 46  
ASN N   H2   sing N N 47  
ASN CA  C    sing N N 48  
ASN CA  CB   sing N N 49  
ASN CA  HA   sing N N 50  
ASN C   O    doub N N 51  
ASN C   OXT  sing N N 52  
ASN CB  CG   sing N N 53  
ASN CB  HB2  sing N N 54  
ASN CB  HB3  sing N N 55  
ASN CG  OD1  doub N N 56  
ASN CG  ND2  sing N N 57  
ASN ND2 HD21 sing N N 58  
ASN ND2 HD22 sing N N 59  
ASN OXT HXT  sing N N 60  
ASP N   CA   sing N N 61  
ASP N   H    sing N N 62  
ASP N   H2   sing N N 63  
ASP CA  C    sing N N 64  
ASP CA  CB   sing N N 65  
ASP CA  HA   sing N N 66  
ASP C   O    doub N N 67  
ASP C   OXT  sing N N 68  
ASP CB  CG   sing N N 69  
ASP CB  HB2  sing N N 70  
ASP CB  HB3  sing N N 71  
ASP CG  OD1  doub N N 72  
ASP CG  OD2  sing N N 73  
ASP OD2 HD2  sing N N 74  
ASP OXT HXT  sing N N 75  
CYS N   CA   sing N N 76  
CYS N   H    sing N N 77  
CYS N   H2   sing N N 78  
CYS CA  C    sing N N 79  
CYS CA  CB   sing N N 80  
CYS CA  HA   sing N N 81  
CYS C   O    doub N N 82  
CYS C   OXT  sing N N 83  
CYS CB  SG   sing N N 84  
CYS CB  HB2  sing N N 85  
CYS CB  HB3  sing N N 86  
CYS SG  HG   sing N N 87  
CYS OXT HXT  sing N N 88  
GLN N   CA   sing N N 89  
GLN N   H    sing N N 90  
GLN N   H2   sing N N 91  
GLN CA  C    sing N N 92  
GLN CA  CB   sing N N 93  
GLN CA  HA   sing N N 94  
GLN C   O    doub N N 95  
GLN C   OXT  sing N N 96  
GLN CB  CG   sing N N 97  
GLN CB  HB2  sing N N 98  
GLN CB  HB3  sing N N 99  
GLN CG  CD   sing N N 100 
GLN CG  HG2  sing N N 101 
GLN CG  HG3  sing N N 102 
GLN CD  OE1  doub N N 103 
GLN CD  NE2  sing N N 104 
GLN NE2 HE21 sing N N 105 
GLN NE2 HE22 sing N N 106 
GLN OXT HXT  sing N N 107 
GLU N   CA   sing N N 108 
GLU N   H    sing N N 109 
GLU N   H2   sing N N 110 
GLU CA  C    sing N N 111 
GLU CA  CB   sing N N 112 
GLU CA  HA   sing N N 113 
GLU C   O    doub N N 114 
GLU C   OXT  sing N N 115 
GLU CB  CG   sing N N 116 
GLU CB  HB2  sing N N 117 
GLU CB  HB3  sing N N 118 
GLU CG  CD   sing N N 119 
GLU CG  HG2  sing N N 120 
GLU CG  HG3  sing N N 121 
GLU CD  OE1  doub N N 122 
GLU CD  OE2  sing N N 123 
GLU OE2 HE2  sing N N 124 
GLU OXT HXT  sing N N 125 
GLY N   CA   sing N N 126 
GLY N   H    sing N N 127 
GLY N   H2   sing N N 128 
GLY CA  C    sing N N 129 
GLY CA  HA2  sing N N 130 
GLY CA  HA3  sing N N 131 
GLY C   O    doub N N 132 
GLY C   OXT  sing N N 133 
GLY OXT HXT  sing N N 134 
HIS N   CA   sing N N 135 
HIS N   H    sing N N 136 
HIS N   H2   sing N N 137 
HIS CA  C    sing N N 138 
HIS CA  CB   sing N N 139 
HIS CA  HA   sing N N 140 
HIS C   O    doub N N 141 
HIS C   OXT  sing N N 142 
HIS CB  CG   sing N N 143 
HIS CB  HB2  sing N N 144 
HIS CB  HB3  sing N N 145 
HIS CG  ND1  sing Y N 146 
HIS CG  CD2  doub Y N 147 
HIS ND1 CE1  doub Y N 148 
HIS ND1 HD1  sing N N 149 
HIS CD2 NE2  sing Y N 150 
HIS CD2 HD2  sing N N 151 
HIS CE1 NE2  sing Y N 152 
HIS CE1 HE1  sing N N 153 
HIS NE2 HE2  sing N N 154 
HIS OXT HXT  sing N N 155 
HOH O   H1   sing N N 156 
HOH O   H2   sing N N 157 
ILE N   CA   sing N N 158 
ILE N   H    sing N N 159 
ILE N   H2   sing N N 160 
ILE CA  C    sing N N 161 
ILE CA  CB   sing N N 162 
ILE CA  HA   sing N N 163 
ILE C   O    doub N N 164 
ILE C   OXT  sing N N 165 
ILE CB  CG1  sing N N 166 
ILE CB  CG2  sing N N 167 
ILE CB  HB   sing N N 168 
ILE CG1 CD1  sing N N 169 
ILE CG1 HG12 sing N N 170 
ILE CG1 HG13 sing N N 171 
ILE CG2 HG21 sing N N 172 
ILE CG2 HG22 sing N N 173 
ILE CG2 HG23 sing N N 174 
ILE CD1 HD11 sing N N 175 
ILE CD1 HD12 sing N N 176 
ILE CD1 HD13 sing N N 177 
ILE OXT HXT  sing N N 178 
LEU N   CA   sing N N 179 
LEU N   H    sing N N 180 
LEU N   H2   sing N N 181 
LEU CA  C    sing N N 182 
LEU CA  CB   sing N N 183 
LEU CA  HA   sing N N 184 
LEU C   O    doub N N 185 
LEU C   OXT  sing N N 186 
LEU CB  CG   sing N N 187 
LEU CB  HB2  sing N N 188 
LEU CB  HB3  sing N N 189 
LEU CG  CD1  sing N N 190 
LEU CG  CD2  sing N N 191 
LEU CG  HG   sing N N 192 
LEU CD1 HD11 sing N N 193 
LEU CD1 HD12 sing N N 194 
LEU CD1 HD13 sing N N 195 
LEU CD2 HD21 sing N N 196 
LEU CD2 HD22 sing N N 197 
LEU CD2 HD23 sing N N 198 
LEU OXT HXT  sing N N 199 
LYS N   CA   sing N N 200 
LYS N   H    sing N N 201 
LYS N   H2   sing N N 202 
LYS CA  C    sing N N 203 
LYS CA  CB   sing N N 204 
LYS CA  HA   sing N N 205 
LYS C   O    doub N N 206 
LYS C   OXT  sing N N 207 
LYS CB  CG   sing N N 208 
LYS CB  HB2  sing N N 209 
LYS CB  HB3  sing N N 210 
LYS CG  CD   sing N N 211 
LYS CG  HG2  sing N N 212 
LYS CG  HG3  sing N N 213 
LYS CD  CE   sing N N 214 
LYS CD  HD2  sing N N 215 
LYS CD  HD3  sing N N 216 
LYS CE  NZ   sing N N 217 
LYS CE  HE2  sing N N 218 
LYS CE  HE3  sing N N 219 
LYS NZ  HZ1  sing N N 220 
LYS NZ  HZ2  sing N N 221 
LYS NZ  HZ3  sing N N 222 
LYS OXT HXT  sing N N 223 
MET N   CA   sing N N 224 
MET N   H    sing N N 225 
MET N   H2   sing N N 226 
MET CA  C    sing N N 227 
MET CA  CB   sing N N 228 
MET CA  HA   sing N N 229 
MET C   O    doub N N 230 
MET C   OXT  sing N N 231 
MET CB  CG   sing N N 232 
MET CB  HB2  sing N N 233 
MET CB  HB3  sing N N 234 
MET CG  SD   sing N N 235 
MET CG  HG2  sing N N 236 
MET CG  HG3  sing N N 237 
MET SD  CE   sing N N 238 
MET CE  HE1  sing N N 239 
MET CE  HE2  sing N N 240 
MET CE  HE3  sing N N 241 
MET OXT HXT  sing N N 242 
PHE N   CA   sing N N 243 
PHE N   H    sing N N 244 
PHE N   H2   sing N N 245 
PHE CA  C    sing N N 246 
PHE CA  CB   sing N N 247 
PHE CA  HA   sing N N 248 
PHE C   O    doub N N 249 
PHE C   OXT  sing N N 250 
PHE CB  CG   sing N N 251 
PHE CB  HB2  sing N N 252 
PHE CB  HB3  sing N N 253 
PHE CG  CD1  doub Y N 254 
PHE CG  CD2  sing Y N 255 
PHE CD1 CE1  sing Y N 256 
PHE CD1 HD1  sing N N 257 
PHE CD2 CE2  doub Y N 258 
PHE CD2 HD2  sing N N 259 
PHE CE1 CZ   doub Y N 260 
PHE CE1 HE1  sing N N 261 
PHE CE2 CZ   sing Y N 262 
PHE CE2 HE2  sing N N 263 
PHE CZ  HZ   sing N N 264 
PHE OXT HXT  sing N N 265 
PRO N   CA   sing N N 266 
PRO N   CD   sing N N 267 
PRO N   H    sing N N 268 
PRO CA  C    sing N N 269 
PRO CA  CB   sing N N 270 
PRO CA  HA   sing N N 271 
PRO C   O    doub N N 272 
PRO C   OXT  sing N N 273 
PRO CB  CG   sing N N 274 
PRO CB  HB2  sing N N 275 
PRO CB  HB3  sing N N 276 
PRO CG  CD   sing N N 277 
PRO CG  HG2  sing N N 278 
PRO CG  HG3  sing N N 279 
PRO CD  HD2  sing N N 280 
PRO CD  HD3  sing N N 281 
PRO OXT HXT  sing N N 282 
THR N   CA   sing N N 283 
THR N   H    sing N N 284 
THR N   H2   sing N N 285 
THR CA  C    sing N N 286 
THR CA  CB   sing N N 287 
THR CA  HA   sing N N 288 
THR C   O    doub N N 289 
THR C   OXT  sing N N 290 
THR CB  OG1  sing N N 291 
THR CB  CG2  sing N N 292 
THR CB  HB   sing N N 293 
THR OG1 HG1  sing N N 294 
THR CG2 HG21 sing N N 295 
THR CG2 HG22 sing N N 296 
THR CG2 HG23 sing N N 297 
THR OXT HXT  sing N N 298 
TRP N   CA   sing N N 299 
TRP N   H    sing N N 300 
TRP N   H2   sing N N 301 
TRP CA  C    sing N N 302 
TRP CA  CB   sing N N 303 
TRP CA  HA   sing N N 304 
TRP C   O    doub N N 305 
TRP C   OXT  sing N N 306 
TRP CB  CG   sing N N 307 
TRP CB  HB2  sing N N 308 
TRP CB  HB3  sing N N 309 
TRP CG  CD1  doub Y N 310 
TRP CG  CD2  sing Y N 311 
TRP CD1 NE1  sing Y N 312 
TRP CD1 HD1  sing N N 313 
TRP CD2 CE2  doub Y N 314 
TRP CD2 CE3  sing Y N 315 
TRP NE1 CE2  sing Y N 316 
TRP NE1 HE1  sing N N 317 
TRP CE2 CZ2  sing Y N 318 
TRP CE3 CZ3  doub Y N 319 
TRP CE3 HE3  sing N N 320 
TRP CZ2 CH2  doub Y N 321 
TRP CZ2 HZ2  sing N N 322 
TRP CZ3 CH2  sing Y N 323 
TRP CZ3 HZ3  sing N N 324 
TRP CH2 HH2  sing N N 325 
TRP OXT HXT  sing N N 326 
TYR N   CA   sing N N 327 
TYR N   H    sing N N 328 
TYR N   H2   sing N N 329 
TYR CA  C    sing N N 330 
TYR CA  CB   sing N N 331 
TYR CA  HA   sing N N 332 
TYR C   O    doub N N 333 
TYR C   OXT  sing N N 334 
TYR CB  CG   sing N N 335 
TYR CB  HB2  sing N N 336 
TYR CB  HB3  sing N N 337 
TYR CG  CD1  doub Y N 338 
TYR CG  CD2  sing Y N 339 
TYR CD1 CE1  sing Y N 340 
TYR CD1 HD1  sing N N 341 
TYR CD2 CE2  doub Y N 342 
TYR CD2 HD2  sing N N 343 
TYR CE1 CZ   doub Y N 344 
TYR CE1 HE1  sing N N 345 
TYR CE2 CZ   sing Y N 346 
TYR CE2 HE2  sing N N 347 
TYR CZ  OH   sing N N 348 
TYR OH  HH   sing N N 349 
TYR OXT HXT  sing N N 350 
VAL N   CA   sing N N 351 
VAL N   H    sing N N 352 
VAL N   H2   sing N N 353 
VAL CA  C    sing N N 354 
VAL CA  CB   sing N N 355 
VAL CA  HA   sing N N 356 
VAL C   O    doub N N 357 
VAL C   OXT  sing N N 358 
VAL CB  CG1  sing N N 359 
VAL CB  CG2  sing N N 360 
VAL CB  HB   sing N N 361 
VAL CG1 HG11 sing N N 362 
VAL CG1 HG12 sing N N 363 
VAL CG1 HG13 sing N N 364 
VAL CG2 HG21 sing N N 365 
VAL CG2 HG22 sing N N 366 
VAL CG2 HG23 sing N N 367 
VAL OXT HXT  sing N N 368 
# 
loop_
_pdbx_entity_nonpoly.entity_id 
_pdbx_entity_nonpoly.name 
_pdbx_entity_nonpoly.comp_id 
3 'ACETATE ION' ACT 
4 water         HOH 
# 
_pdbx_initial_refinement_model.id               1 
_pdbx_initial_refinement_model.entity_id_list   ? 
_pdbx_initial_refinement_model.type             'experimental model' 
_pdbx_initial_refinement_model.source_name      PDB 
_pdbx_initial_refinement_model.accession_code   1F7A 
_pdbx_initial_refinement_model.details          'PDB ENTRY 1F7A' 
# 
